data_6HE4
#
_entry.id   6HE4
#
_cell.length_a   1
_cell.length_b   1
_cell.length_c   1
_cell.angle_alpha   90
_cell.angle_beta   90
_cell.angle_gamma   90
#
_symmetry.space_group_name_H-M   'P 1'
#
loop_
_entity.id
_entity.type
_entity.pdbx_description
1 polymer 'Proteasome-activating nucleotidase'
2 non-polymer "ADENOSINE-5'-TRIPHOSPHATE"
3 non-polymer 'MAGNESIUM ION'
4 non-polymer "ADENOSINE-5'-DIPHOSPHATE"
#
_entity_poly.entity_id   1
_entity_poly.type   'polypeptide(L)'
_entity_poly.pdbx_seq_one_letter_code
;KDPMVYGFEVEEKPEVSYEDIGGLDVQIEEIREAVELPLLKPELFAEVGIEPPKGVLLYGPPGTGKTLLAKAVANQTRAT
FIRVVGSEFVQKYIGEGARLVREVFQLAKEKAPSIIFIDELDAIAARRTNSDTSGDREVQRTMMQLLAELDGFDPRGDVK
VIGATNRIDILDPAILRPGRFDRIIEVPLPTFEGRIQIFKIHTRKMKLAEDVDFKELARITEGASGADIKAICTEAGMFA
IREERAKVTMLDFTKAIEKVLKKTTPI
;
_entity_poly.pdbx_strand_id   H,I,K,L,M,J
#
# COMPACT_ATOMS: atom_id res chain seq x y z
N LYS A 1 -19.03 14.38 35.67
CA LYS A 1 -18.48 15.76 35.59
C LYS A 1 -16.98 15.58 35.23
N ASP A 2 -16.61 14.51 34.52
CA ASP A 2 -15.34 14.35 33.86
C ASP A 2 -15.20 15.37 32.74
N PRO A 3 -14.10 16.15 32.65
CA PRO A 3 -14.15 17.37 31.87
C PRO A 3 -14.40 17.17 30.41
N MET A 4 -14.06 16.00 29.89
CA MET A 4 -14.10 15.69 28.48
C MET A 4 -15.47 15.45 27.91
N VAL A 5 -16.41 14.85 28.73
CA VAL A 5 -17.73 14.45 28.31
C VAL A 5 -18.69 15.50 28.71
N TYR A 6 -18.36 16.31 29.75
CA TYR A 6 -19.10 17.43 30.10
C TYR A 6 -18.90 18.47 28.98
N GLY A 7 -17.66 18.67 28.43
CA GLY A 7 -17.28 19.65 27.39
C GLY A 7 -17.83 19.36 26.04
N PHE A 8 -18.60 18.28 25.91
CA PHE A 8 -19.14 17.92 24.66
C PHE A 8 -20.59 18.30 24.62
N GLU A 9 -21.06 18.94 25.73
CA GLU A 9 -22.35 19.53 25.59
C GLU A 9 -22.31 20.70 26.58
N VAL A 10 -23.16 21.74 26.47
CA VAL A 10 -24.24 21.95 25.49
C VAL A 10 -24.12 23.44 25.13
N GLU A 11 -24.84 23.84 24.04
CA GLU A 11 -24.83 25.17 23.58
C GLU A 11 -26.06 25.98 24.01
N GLU A 12 -26.99 25.25 24.68
CA GLU A 12 -28.29 25.77 25.08
C GLU A 12 -29.13 26.24 23.94
N LYS A 13 -29.15 25.32 22.94
CA LYS A 13 -29.85 25.50 21.64
C LYS A 13 -28.85 26.19 20.80
N PRO A 14 -28.30 25.52 19.78
CA PRO A 14 -27.52 26.12 18.75
C PRO A 14 -28.22 27.12 17.93
N GLU A 15 -27.60 27.62 16.79
CA GLU A 15 -28.07 28.71 15.94
C GLU A 15 -29.22 28.23 15.16
N VAL A 16 -29.13 27.03 14.58
CA VAL A 16 -29.83 26.85 13.34
C VAL A 16 -31.06 26.05 13.66
N SER A 17 -32.21 26.46 13.05
CA SER A 17 -33.48 25.62 13.10
C SER A 17 -33.78 25.25 11.68
N TYR A 18 -34.79 24.41 11.60
CA TYR A 18 -35.36 24.02 10.30
C TYR A 18 -35.82 25.14 9.39
N GLU A 19 -36.20 26.28 9.93
CA GLU A 19 -36.54 27.49 9.27
C GLU A 19 -35.39 28.04 8.47
N ASP A 20 -34.22 28.06 9.11
CA ASP A 20 -32.94 28.71 8.64
C ASP A 20 -32.19 27.78 7.73
N ILE A 21 -32.60 26.53 7.59
CA ILE A 21 -32.06 25.57 6.63
C ILE A 21 -33.00 25.66 5.50
N GLY A 22 -32.41 25.83 4.24
CA GLY A 22 -33.34 25.93 3.09
C GLY A 22 -33.87 24.57 2.73
N GLY A 23 -34.76 24.53 1.70
CA GLY A 23 -35.46 23.33 1.22
C GLY A 23 -34.55 22.18 0.83
N LEU A 24 -35.06 21.00 1.14
CA LEU A 24 -34.60 19.82 0.62
C LEU A 24 -35.72 19.16 -0.01
N ASP A 25 -37.00 19.07 0.49
CA ASP A 25 -37.73 19.65 1.68
C ASP A 25 -38.25 18.47 2.44
N VAL A 26 -38.25 17.27 1.69
CA VAL A 26 -39.07 16.10 1.94
C VAL A 26 -38.18 15.30 2.74
N GLN A 27 -36.83 15.33 2.61
CA GLN A 27 -35.93 14.52 3.39
C GLN A 27 -35.74 15.09 4.80
N ILE A 28 -36.11 16.38 5.08
CA ILE A 28 -36.27 16.94 6.42
C ILE A 28 -37.30 16.23 7.21
N GLU A 29 -38.44 15.93 6.59
CA GLU A 29 -39.53 15.14 7.15
C GLU A 29 -39.14 13.75 7.55
N GLU A 30 -38.24 13.07 6.83
CA GLU A 30 -37.79 11.69 7.12
C GLU A 30 -37.02 11.70 8.44
N ILE A 31 -36.16 12.70 8.66
CA ILE A 31 -35.31 12.89 9.76
C ILE A 31 -36.21 13.21 10.98
N ARG A 32 -37.27 14.02 10.80
CA ARG A 32 -38.18 14.42 11.81
C ARG A 32 -38.97 13.28 12.36
N GLU A 33 -39.51 12.37 11.53
CA GLU A 33 -40.08 11.07 11.79
C GLU A 33 -39.06 9.97 12.33
N ALA A 34 -37.82 10.00 11.86
CA ALA A 34 -36.79 9.02 12.31
C ALA A 34 -36.20 9.20 13.66
N VAL A 35 -36.03 10.46 14.07
CA VAL A 35 -35.34 10.83 15.28
C VAL A 35 -36.34 11.38 16.17
N GLU A 36 -36.87 12.54 15.87
CA GLU A 36 -37.70 13.28 16.88
C GLU A 36 -38.97 12.66 17.40
N LEU A 37 -39.78 12.06 16.44
CA LEU A 37 -41.04 11.44 16.81
C LEU A 37 -40.85 10.27 17.70
N PRO A 38 -39.98 9.27 17.52
CA PRO A 38 -39.72 8.13 18.44
C PRO A 38 -39.08 8.46 19.66
N LEU A 39 -38.35 9.64 19.72
CA LEU A 39 -37.78 10.07 21.02
C LEU A 39 -38.86 10.40 22.08
N LEU A 40 -39.98 11.02 21.62
CA LEU A 40 -40.96 11.61 22.51
C LEU A 40 -42.05 10.68 22.98
N LYS A 41 -41.88 9.42 22.74
CA LYS A 41 -42.95 8.45 22.65
C LYS A 41 -42.48 7.26 21.84
N PRO A 42 -41.69 6.41 22.46
CA PRO A 42 -41.44 5.14 21.89
C PRO A 42 -42.58 4.24 22.14
N GLU A 43 -43.49 4.56 23.14
CA GLU A 43 -44.62 3.91 23.72
C GLU A 43 -45.60 3.88 22.55
N LEU A 44 -45.78 5.01 21.86
CA LEU A 44 -46.65 5.08 20.65
C LEU A 44 -46.08 4.29 19.52
N PHE A 45 -44.74 4.28 19.37
CA PHE A 45 -44.11 3.47 18.27
C PHE A 45 -44.42 1.98 18.56
N ALA A 46 -44.29 1.49 19.84
CA ALA A 46 -44.54 0.08 20.22
C ALA A 46 -45.98 -0.35 19.98
N GLU A 47 -46.91 0.58 20.35
CA GLU A 47 -48.31 0.40 20.25
C GLU A 47 -48.78 0.14 18.82
N VAL A 48 -48.16 0.85 17.84
CA VAL A 48 -48.29 0.67 16.40
C VAL A 48 -47.69 -0.76 16.04
N GLY A 49 -46.45 -1.06 16.45
CA GLY A 49 -45.94 -2.40 16.38
C GLY A 49 -44.49 -2.34 15.80
N ILE A 50 -44.08 -1.17 15.32
CA ILE A 50 -42.90 -0.91 14.47
C ILE A 50 -41.77 -0.84 15.41
N GLU A 51 -40.55 -0.96 14.90
CA GLU A 51 -39.33 -0.79 15.72
C GLU A 51 -38.65 0.50 15.34
N PRO A 52 -38.36 1.49 16.23
CA PRO A 52 -37.71 2.76 15.81
C PRO A 52 -36.29 2.53 15.44
N PRO A 53 -35.67 3.51 14.63
CA PRO A 53 -34.26 3.40 14.24
C PRO A 53 -33.33 3.17 15.38
N LYS A 54 -32.31 2.25 15.06
CA LYS A 54 -31.25 1.90 16.00
C LYS A 54 -30.41 3.10 16.21
N GLY A 55 -30.22 3.77 15.07
CA GLY A 55 -29.60 5.08 14.93
C GLY A 55 -29.89 5.47 13.61
N VAL A 56 -29.67 6.79 13.26
CA VAL A 56 -29.87 7.37 11.96
C VAL A 56 -28.58 7.97 11.63
N LEU A 57 -28.15 7.57 10.34
CA LEU A 57 -26.91 7.97 9.78
C LEU A 57 -27.41 8.92 8.70
N LEU A 58 -26.64 9.97 8.52
CA LEU A 58 -26.78 10.96 7.52
C LEU A 58 -25.62 10.68 6.55
N TYR A 59 -25.87 10.61 5.22
CA TYR A 59 -24.89 10.24 4.21
C TYR A 59 -25.18 11.14 3.18
N GLY A 60 -24.08 11.70 2.58
CA GLY A 60 -24.17 12.39 1.36
C GLY A 60 -22.84 13.01 1.14
N PRO A 61 -22.54 13.52 -0.04
CA PRO A 61 -21.29 14.31 -0.34
C PRO A 61 -21.12 15.50 0.52
N PRO A 62 -20.00 16.06 0.77
CA PRO A 62 -19.81 17.26 1.62
C PRO A 62 -20.58 18.48 1.13
N GLY A 63 -21.11 19.28 2.08
CA GLY A 63 -21.53 20.61 1.80
C GLY A 63 -23.04 20.56 1.73
N THR A 64 -23.72 19.40 1.81
CA THR A 64 -25.19 19.37 1.72
C THR A 64 -25.79 19.98 2.94
N GLY A 65 -24.91 20.04 4.00
CA GLY A 65 -25.18 20.54 5.31
C GLY A 65 -25.81 19.51 6.19
N LYS A 66 -24.98 18.81 6.98
CA LYS A 66 -25.40 17.54 7.51
C LYS A 66 -25.32 17.82 8.92
N THR A 67 -24.19 18.45 9.32
CA THR A 67 -23.96 18.90 10.65
C THR A 67 -24.80 20.17 10.80
N LEU A 68 -25.25 20.79 9.65
CA LEU A 68 -26.06 21.98 9.65
C LEU A 68 -27.43 21.54 10.13
N LEU A 69 -27.90 20.41 9.63
CA LEU A 69 -29.15 19.71 9.92
C LEU A 69 -29.15 19.21 11.35
N ALA A 70 -27.91 18.81 11.87
CA ALA A 70 -27.75 18.30 13.25
C ALA A 70 -28.03 19.46 14.24
N LYS A 71 -27.68 20.70 13.90
CA LYS A 71 -27.90 21.87 14.75
C LYS A 71 -29.39 22.15 14.86
N ALA A 72 -30.09 21.89 13.77
CA ALA A 72 -31.51 21.96 13.72
C ALA A 72 -32.29 21.02 14.57
N VAL A 73 -31.90 19.71 14.58
CA VAL A 73 -32.30 18.64 15.40
C VAL A 73 -32.09 19.08 16.84
N ALA A 74 -30.91 19.75 17.08
CA ALA A 74 -30.48 20.06 18.42
C ALA A 74 -31.43 20.98 19.12
N ASN A 75 -31.93 22.00 18.39
CA ASN A 75 -32.82 23.05 18.91
C ASN A 75 -34.22 22.48 19.15
N GLN A 76 -34.61 21.37 18.47
CA GLN A 76 -36.01 21.04 18.42
C GLN A 76 -36.23 19.75 19.13
N THR A 77 -35.27 18.85 19.33
CA THR A 77 -35.46 17.84 20.30
C THR A 77 -35.61 18.34 21.68
N ARG A 78 -34.81 19.39 22.16
CA ARG A 78 -34.92 19.98 23.47
C ARG A 78 -34.53 18.99 24.52
N ALA A 79 -33.40 18.27 24.31
CA ALA A 79 -33.14 17.03 25.01
C ALA A 79 -31.67 16.86 25.22
N THR A 80 -30.87 18.01 25.03
CA THR A 80 -29.45 18.04 25.36
C THR A 80 -28.70 17.37 24.25
N PHE A 81 -27.79 18.21 23.54
CA PHE A 81 -27.30 17.79 22.25
C PHE A 81 -25.77 17.63 22.50
N ILE A 82 -25.19 16.43 22.34
CA ILE A 82 -23.85 15.98 22.40
C ILE A 82 -23.09 16.21 21.12
N ARG A 83 -22.04 17.10 21.12
CA ARG A 83 -21.24 17.38 19.97
C ARG A 83 -20.00 16.79 20.44
N VAL A 84 -19.58 15.75 19.69
CA VAL A 84 -18.39 15.10 19.94
C VAL A 84 -17.74 14.84 18.74
N VAL A 85 -16.42 14.70 18.76
CA VAL A 85 -15.64 14.55 17.60
C VAL A 85 -15.12 13.17 17.78
N GLY A 86 -15.14 12.35 16.69
CA GLY A 86 -14.79 10.95 16.82
C GLY A 86 -13.34 10.72 16.78
N SER A 87 -12.58 11.77 16.59
CA SER A 87 -11.11 11.92 16.45
C SER A 87 -10.47 11.90 17.85
N GLU A 88 -11.36 12.22 18.80
CA GLU A 88 -11.00 12.28 20.18
C GLU A 88 -11.34 11.03 20.82
N PHE A 89 -11.91 10.06 20.17
CA PHE A 89 -12.21 8.77 20.68
C PHE A 89 -10.92 8.03 20.59
N VAL A 90 -10.17 8.08 19.49
CA VAL A 90 -8.91 7.52 19.45
C VAL A 90 -7.93 8.56 20.04
N GLN A 91 -6.93 8.06 20.83
CA GLN A 91 -6.11 8.93 21.66
C GLN A 91 -4.74 8.21 21.85
N LYS A 92 -3.87 8.96 22.51
CA LYS A 92 -2.46 8.71 22.54
C LYS A 92 -2.15 7.59 23.52
N TYR A 93 -3.00 7.37 24.51
CA TYR A 93 -2.96 6.25 25.38
C TYR A 93 -4.27 6.16 26.09
N ILE A 94 -4.50 5.03 26.81
CA ILE A 94 -5.47 3.99 26.55
C ILE A 94 -6.30 3.99 27.77
N GLY A 95 -7.56 3.99 27.61
CA GLY A 95 -8.56 3.96 28.62
C GLY A 95 -8.48 5.23 29.46
N GLU A 96 -7.93 6.31 28.87
CA GLU A 96 -8.46 7.63 28.98
C GLU A 96 -9.92 7.72 28.54
N GLY A 97 -10.23 6.99 27.42
CA GLY A 97 -9.47 6.95 26.21
C GLY A 97 -10.42 6.02 25.42
N ALA A 98 -10.36 4.68 25.75
CA ALA A 98 -11.32 3.67 25.34
C ALA A 98 -12.55 3.89 26.19
N ARG A 99 -12.24 4.16 27.51
CA ARG A 99 -13.17 4.56 28.59
C ARG A 99 -13.99 5.78 28.19
N LEU A 100 -13.35 6.82 27.54
CA LEU A 100 -14.00 7.99 26.99
C LEU A 100 -15.14 7.64 26.16
N VAL A 101 -14.97 6.64 25.27
CA VAL A 101 -16.09 6.00 24.51
C VAL A 101 -17.22 5.41 25.28
N ARG A 102 -16.91 4.69 26.35
CA ARG A 102 -18.05 4.24 27.17
C ARG A 102 -18.70 5.41 28.02
N GLU A 103 -17.89 6.41 28.46
CA GLU A 103 -18.23 7.58 29.23
C GLU A 103 -19.26 8.51 28.61
N VAL A 104 -19.10 8.73 27.29
CA VAL A 104 -20.01 9.54 26.45
C VAL A 104 -21.37 8.86 26.44
N PHE A 105 -21.40 7.54 26.40
CA PHE A 105 -22.66 6.77 26.27
C PHE A 105 -23.37 6.66 27.63
N GLN A 106 -22.57 6.73 28.71
CA GLN A 106 -23.08 6.67 30.03
C GLN A 106 -23.81 7.98 30.26
N LEU A 107 -23.20 9.10 29.78
CA LEU A 107 -23.62 10.47 29.91
C LEU A 107 -24.98 10.61 29.28
N ALA A 108 -25.12 9.95 28.14
CA ALA A 108 -26.37 9.90 27.39
C ALA A 108 -27.51 9.26 28.16
N LYS A 109 -27.27 8.09 28.82
CA LYS A 109 -28.25 7.29 29.63
C LYS A 109 -28.92 8.01 30.85
N GLU A 110 -28.09 8.84 31.55
CA GLU A 110 -28.56 9.63 32.70
C GLU A 110 -29.17 10.93 32.15
N LYS A 111 -28.67 11.51 31.01
CA LYS A 111 -29.19 12.75 30.45
C LYS A 111 -30.47 12.44 29.61
N ALA A 112 -30.87 11.14 29.54
CA ALA A 112 -31.89 10.67 28.58
C ALA A 112 -33.25 11.24 28.91
N PRO A 113 -34.17 11.51 27.93
CA PRO A 113 -33.94 11.29 26.50
C PRO A 113 -32.89 12.27 25.96
N SER A 114 -31.99 11.69 25.18
CA SER A 114 -30.92 12.46 24.54
C SER A 114 -30.49 11.40 23.47
N ILE A 115 -29.67 11.52 22.44
CA ILE A 115 -29.51 12.52 21.45
C ILE A 115 -28.04 12.77 21.52
N ILE A 116 -27.33 11.75 20.93
CA ILE A 116 -25.86 11.74 20.78
C ILE A 116 -25.53 11.64 19.35
N PHE A 117 -24.73 12.63 18.85
CA PHE A 117 -24.33 12.85 17.51
C PHE A 117 -22.87 12.73 17.39
N ILE A 118 -22.48 11.73 16.52
CA ILE A 118 -21.12 11.45 16.27
C ILE A 118 -21.11 11.15 14.81
N ASP A 119 -20.20 11.72 14.05
CA ASP A 119 -20.32 12.99 13.43
C ASP A 119 -19.62 12.71 12.07
N GLU A 120 -18.58 11.83 12.09
CA GLU A 120 -17.90 11.31 10.98
C GLU A 120 -17.43 9.99 11.62
N LEU A 121 -17.53 8.82 10.86
CA LEU A 121 -17.19 7.52 11.41
C LEU A 121 -16.15 6.97 10.47
N ASP A 122 -15.50 7.94 9.76
CA ASP A 122 -14.51 7.78 8.71
C ASP A 122 -13.35 6.82 9.16
N ALA A 123 -12.75 7.12 10.33
CA ALA A 123 -11.54 6.54 10.81
C ALA A 123 -11.70 6.05 12.29
N ILE A 124 -12.73 5.21 12.50
CA ILE A 124 -13.15 4.63 13.77
C ILE A 124 -14.07 3.49 13.38
N ALA A 125 -14.19 3.11 12.07
CA ALA A 125 -14.92 1.95 11.57
C ALA A 125 -14.31 1.50 10.27
N ALA A 126 -13.30 2.12 9.70
CA ALA A 126 -12.33 1.53 8.72
C ALA A 126 -11.68 0.29 9.23
N ARG A 127 -11.01 -0.35 8.26
CA ARG A 127 -10.30 -1.58 8.35
C ARG A 127 -8.96 -1.44 9.03
N ARG A 128 -8.60 -2.49 9.77
CA ARG A 128 -7.43 -2.66 10.56
C ARG A 128 -6.56 -3.60 9.76
N THR A 129 -5.28 -3.92 10.20
CA THR A 129 -4.44 -4.92 9.51
C THR A 129 -4.43 -6.17 10.35
N ASN A 130 -4.96 -6.12 11.58
CA ASN A 130 -4.71 -7.15 12.65
C ASN A 130 -3.22 -7.46 12.75
N SER A 131 -2.39 -6.44 13.07
CA SER A 131 -2.59 -5.09 13.39
C SER A 131 -1.25 -4.38 13.14
N ASP A 132 -1.31 -3.06 13.24
CA ASP A 132 -0.11 -2.27 13.11
C ASP A 132 0.01 -1.38 14.39
N THR A 133 -0.70 -1.77 15.52
CA THR A 133 -0.13 -1.94 16.81
C THR A 133 -0.66 -0.79 17.67
N SER A 134 -0.19 0.45 17.29
CA SER A 134 -0.46 1.68 17.93
C SER A 134 -1.63 2.29 17.19
N GLY A 135 -1.69 2.33 15.85
CA GLY A 135 -2.77 2.89 15.15
C GLY A 135 -4.03 2.06 15.22
N ASP A 136 -3.91 0.85 14.81
CA ASP A 136 -4.94 -0.13 14.55
C ASP A 136 -5.71 -0.54 15.78
N ARG A 137 -4.97 -0.83 16.92
CA ARG A 137 -5.60 -1.40 18.09
C ARG A 137 -6.64 -0.41 18.66
N GLU A 138 -6.29 0.91 18.68
CA GLU A 138 -7.11 2.00 19.07
C GLU A 138 -8.29 2.02 18.20
N VAL A 139 -8.11 1.88 16.86
CA VAL A 139 -9.26 2.09 15.97
C VAL A 139 -10.14 0.89 16.04
N GLN A 140 -9.65 -0.37 16.30
CA GLN A 140 -10.34 -1.61 16.24
C GLN A 140 -11.23 -1.74 17.49
N ARG A 141 -10.63 -1.33 18.65
CA ARG A 141 -11.20 -1.27 19.95
C ARG A 141 -12.36 -0.37 20.01
N THR A 142 -12.17 0.90 19.54
CA THR A 142 -13.16 1.94 19.50
C THR A 142 -14.29 1.60 18.54
N MET A 143 -13.97 0.74 17.46
CA MET A 143 -14.98 0.30 16.45
C MET A 143 -16.03 -0.57 17.17
N MET A 144 -15.52 -1.59 17.90
CA MET A 144 -16.35 -2.50 18.71
C MET A 144 -17.17 -1.88 19.76
N GLN A 145 -16.57 -0.90 20.44
CA GLN A 145 -17.19 -0.14 21.55
C GLN A 145 -18.37 0.68 21.09
N LEU A 146 -18.31 1.24 19.90
CA LEU A 146 -19.40 1.96 19.30
C LEU A 146 -20.62 1.09 19.08
N LEU A 147 -20.46 -0.10 18.42
CA LEU A 147 -21.52 -0.87 17.87
C LEU A 147 -22.34 -1.60 18.90
N ALA A 148 -21.57 -2.15 19.93
CA ALA A 148 -22.17 -2.84 21.08
C ALA A 148 -23.03 -1.97 21.92
N GLU A 149 -22.46 -0.74 22.29
CA GLU A 149 -23.18 0.20 23.11
C GLU A 149 -24.47 0.64 22.54
N LEU A 150 -24.60 1.07 21.18
CA LEU A 150 -25.88 1.51 20.53
C LEU A 150 -27.00 0.44 20.41
N ASP A 151 -26.60 -0.86 20.11
CA ASP A 151 -27.35 -2.05 20.13
C ASP A 151 -27.98 -2.32 21.39
N GLY A 152 -27.32 -2.07 22.58
CA GLY A 152 -27.73 -2.68 23.80
C GLY A 152 -28.66 -1.70 24.47
N PHE A 153 -28.81 -0.44 24.05
CA PHE A 153 -29.87 0.40 24.59
C PHE A 153 -31.00 0.68 23.51
N ASP A 154 -30.93 0.07 22.27
CA ASP A 154 -32.04 0.24 21.36
C ASP A 154 -32.41 -1.14 20.81
N PRO A 155 -33.42 -1.66 21.42
CA PRO A 155 -34.46 -2.32 20.78
C PRO A 155 -35.57 -1.38 20.41
N ARG A 156 -35.77 -0.38 21.23
CA ARG A 156 -36.81 0.60 21.19
C ARG A 156 -36.15 1.80 21.79
N GLY A 157 -36.63 2.99 21.36
CA GLY A 157 -36.22 4.32 21.81
C GLY A 157 -35.85 4.34 23.29
N ASP A 158 -34.68 5.00 23.68
CA ASP A 158 -34.27 5.17 25.08
C ASP A 158 -33.31 6.33 24.97
N VAL A 159 -32.21 6.07 24.27
CA VAL A 159 -31.21 7.01 23.81
C VAL A 159 -31.26 6.88 22.32
N LYS A 160 -31.55 7.97 21.58
CA LYS A 160 -31.42 7.95 20.19
C LYS A 160 -30.05 8.28 19.77
N VAL A 161 -29.39 7.55 18.79
CA VAL A 161 -28.05 7.71 18.26
C VAL A 161 -28.31 8.24 16.89
N ILE A 162 -27.58 9.33 16.55
CA ILE A 162 -27.61 10.06 15.37
C ILE A 162 -26.22 10.14 15.01
N GLY A 163 -25.88 10.47 13.77
CA GLY A 163 -24.52 10.69 13.40
C GLY A 163 -24.55 11.18 12.04
N ALA A 164 -23.40 11.16 11.38
CA ALA A 164 -23.37 11.52 10.02
C ALA A 164 -22.04 10.97 9.61
N THR A 165 -21.79 10.85 8.29
CA THR A 165 -20.53 10.45 7.75
C THR A 165 -20.38 11.01 6.41
N ASN A 166 -19.11 11.25 5.96
CA ASN A 166 -18.79 12.01 4.69
C ASN A 166 -19.20 11.10 3.48
N ARG A 167 -18.97 9.77 3.60
CA ARG A 167 -19.22 8.83 2.52
C ARG A 167 -19.34 7.55 3.28
N ILE A 168 -19.95 6.52 2.61
CA ILE A 168 -20.20 5.20 3.24
C ILE A 168 -19.36 4.11 2.58
N ASP A 169 -18.52 4.58 1.58
CA ASP A 169 -17.51 3.87 0.76
C ASP A 169 -16.15 4.05 1.20
N ILE A 170 -15.91 4.97 2.19
CA ILE A 170 -14.53 5.28 2.68
C ILE A 170 -14.31 4.49 3.95
N LEU A 171 -15.28 3.63 4.35
CA LEU A 171 -15.22 2.91 5.60
C LEU A 171 -15.87 1.65 5.23
N ASP A 172 -15.44 0.62 6.01
CA ASP A 172 -15.90 -0.71 5.66
C ASP A 172 -17.12 -1.02 6.37
N PRO A 173 -18.02 -1.93 5.89
CA PRO A 173 -19.28 -2.27 6.52
C PRO A 173 -19.12 -2.74 7.97
N ALA A 174 -19.95 -2.12 8.83
CA ALA A 174 -19.73 -2.42 10.26
C ALA A 174 -20.90 -1.74 10.89
N ILE A 175 -21.09 -0.50 10.44
CA ILE A 175 -22.18 0.37 10.82
C ILE A 175 -23.22 0.34 9.74
N LEU A 176 -23.00 -0.50 8.66
CA LEU A 176 -23.95 -0.49 7.56
C LEU A 176 -24.96 -1.60 7.65
N ARG A 177 -24.60 -2.63 8.44
CA ARG A 177 -25.44 -3.82 8.76
C ARG A 177 -26.68 -3.39 9.51
N PRO A 178 -27.86 -3.92 9.30
CA PRO A 178 -29.01 -3.42 9.94
C PRO A 178 -29.18 -4.01 11.34
N GLY A 179 -28.20 -4.73 11.89
CA GLY A 179 -28.10 -5.01 13.28
C GLY A 179 -27.76 -3.76 14.05
N ARG A 180 -27.03 -2.83 13.32
CA ARG A 180 -26.55 -1.61 13.82
C ARG A 180 -27.47 -0.56 13.16
N PHE A 181 -26.93 0.36 12.29
CA PHE A 181 -27.83 1.32 11.68
C PHE A 181 -28.59 0.65 10.56
N ASP A 182 -29.92 0.82 10.50
CA ASP A 182 -30.79 0.32 9.48
C ASP A 182 -31.37 1.46 8.72
N ARG A 183 -31.33 2.75 9.22
CA ARG A 183 -31.95 3.85 8.59
C ARG A 183 -30.92 4.89 8.41
N ILE A 184 -30.63 4.99 7.10
CA ILE A 184 -29.67 5.85 6.51
C ILE A 184 -30.46 6.77 5.55
N ILE A 185 -30.35 8.08 5.87
CA ILE A 185 -31.10 9.08 5.16
C ILE A 185 -30.03 9.69 4.24
N GLU A 186 -30.29 9.64 2.88
CA GLU A 186 -29.58 10.34 1.82
C GLU A 186 -29.93 11.78 1.99
N VAL A 187 -28.95 12.68 2.19
CA VAL A 187 -29.19 14.11 2.40
C VAL A 187 -28.69 14.63 1.12
N PRO A 188 -29.48 14.89 0.05
CA PRO A 188 -28.90 15.11 -1.29
C PRO A 188 -28.46 16.54 -1.37
N LEU A 189 -27.79 16.82 -2.54
CA LEU A 189 -27.42 18.11 -2.98
C LEU A 189 -28.52 18.71 -3.80
N PRO A 190 -28.86 20.02 -3.67
CA PRO A 190 -30.23 20.14 -3.24
C PRO A 190 -30.98 20.16 -4.47
N THR A 191 -32.34 19.80 -4.40
CA THR A 191 -33.27 19.79 -5.52
C THR A 191 -33.27 21.17 -6.10
N PHE A 192 -33.82 21.30 -7.35
CA PHE A 192 -33.91 22.62 -8.09
C PHE A 192 -34.61 23.66 -7.19
N GLU A 193 -35.72 23.15 -6.54
CA GLU A 193 -36.57 23.89 -5.63
C GLU A 193 -35.89 24.26 -4.31
N GLY A 194 -34.94 23.38 -3.98
CA GLY A 194 -34.13 23.55 -2.74
C GLY A 194 -33.19 24.69 -2.79
N ARG A 195 -32.50 24.95 -3.93
CA ARG A 195 -31.54 25.97 -4.11
C ARG A 195 -32.10 27.29 -3.96
N ILE A 196 -33.27 27.54 -4.56
CA ILE A 196 -34.02 28.77 -4.68
C ILE A 196 -34.32 29.25 -3.22
N GLN A 197 -34.72 28.25 -2.36
CA GLN A 197 -35.04 28.45 -0.99
C GLN A 197 -33.93 28.85 -0.07
N ILE A 198 -32.74 28.25 -0.31
CA ILE A 198 -31.54 28.54 0.36
C ILE A 198 -31.10 29.91 -0.01
N PHE A 199 -31.18 30.34 -1.31
CA PHE A 199 -30.81 31.56 -1.80
C PHE A 199 -31.67 32.62 -1.10
N LYS A 200 -32.96 32.32 -1.03
CA LYS A 200 -33.94 33.16 -0.39
C LYS A 200 -33.60 33.50 0.96
N ILE A 201 -33.23 32.49 1.86
CA ILE A 201 -33.01 32.70 3.28
C ILE A 201 -31.81 33.52 3.52
N HIS A 202 -30.73 33.34 2.69
CA HIS A 202 -29.50 34.06 2.85
C HIS A 202 -29.64 35.54 2.52
N THR A 203 -30.36 35.94 1.37
CA THR A 203 -30.76 37.24 1.00
C THR A 203 -31.79 37.81 1.93
N ARG A 204 -32.47 36.97 2.73
CA ARG A 204 -33.42 37.35 3.74
C ARG A 204 -32.79 38.19 4.80
N LYS A 205 -31.59 37.75 5.25
CA LYS A 205 -30.85 38.58 6.14
C LYS A 205 -30.24 39.69 5.50
N MET A 206 -29.70 39.44 4.25
CA MET A 206 -29.12 40.48 3.45
C MET A 206 -29.97 41.62 3.07
N LYS A 207 -29.41 42.82 3.02
CA LYS A 207 -30.17 44.06 2.60
C LYS A 207 -30.04 44.12 1.08
N LEU A 208 -31.13 44.35 0.37
CA LEU A 208 -31.08 44.25 -1.12
C LEU A 208 -32.21 45.16 -1.57
N ALA A 209 -32.34 45.26 -2.85
CA ALA A 209 -33.31 45.95 -3.56
C ALA A 209 -33.70 44.96 -4.62
N GLU A 210 -35.03 44.82 -4.83
CA GLU A 210 -35.60 43.63 -5.47
C GLU A 210 -35.55 43.75 -6.91
N ASP A 211 -34.83 42.80 -7.56
CA ASP A 211 -34.81 42.65 -8.92
C ASP A 211 -34.15 41.32 -9.13
N VAL A 212 -33.74 40.65 -8.03
CA VAL A 212 -33.20 39.32 -7.96
C VAL A 212 -34.27 38.32 -8.28
N ASP A 213 -33.95 37.32 -9.04
CA ASP A 213 -34.86 36.15 -9.19
C ASP A 213 -34.00 35.09 -8.71
N PHE A 214 -34.35 34.39 -7.63
CA PHE A 214 -33.66 33.33 -6.96
C PHE A 214 -33.68 32.12 -7.82
N LYS A 215 -34.75 31.95 -8.71
CA LYS A 215 -34.98 30.86 -9.59
C LYS A 215 -33.99 30.87 -10.71
N GLU A 216 -33.63 32.04 -11.31
CA GLU A 216 -32.76 32.07 -12.49
C GLU A 216 -31.43 31.61 -12.08
N LEU A 217 -30.88 32.09 -10.92
CA LEU A 217 -29.69 31.69 -10.33
C LEU A 217 -29.63 30.17 -10.04
N ALA A 218 -30.75 29.49 -9.65
CA ALA A 218 -30.84 28.08 -9.39
C ALA A 218 -30.54 27.16 -10.52
N ARG A 219 -30.96 27.56 -11.77
CA ARG A 219 -30.75 26.84 -12.94
C ARG A 219 -29.26 26.77 -13.14
N ILE A 220 -28.55 27.88 -12.87
CA ILE A 220 -27.13 28.15 -13.02
C ILE A 220 -26.40 27.32 -12.00
N THR A 221 -26.91 27.24 -10.74
CA THR A 221 -26.19 26.63 -9.67
C THR A 221 -26.64 25.19 -9.53
N GLU A 222 -27.32 24.56 -10.53
CA GLU A 222 -27.59 23.15 -10.51
C GLU A 222 -26.30 22.43 -10.62
N GLY A 223 -26.12 21.49 -9.69
CA GLY A 223 -25.04 20.59 -9.64
C GLY A 223 -23.94 21.07 -8.76
N ALA A 224 -24.28 21.74 -7.66
CA ALA A 224 -23.41 22.33 -6.69
C ALA A 224 -23.68 21.75 -5.30
N SER A 225 -23.72 22.65 -4.30
CA SER A 225 -24.19 22.19 -2.97
C SER A 225 -24.72 23.36 -2.29
N GLY A 226 -25.36 23.21 -1.10
CA GLY A 226 -25.92 24.26 -0.33
C GLY A 226 -24.82 25.19 0.25
N ALA A 227 -23.58 24.56 0.56
CA ALA A 227 -22.50 25.39 0.98
C ALA A 227 -21.90 26.27 -0.03
N ASP A 228 -21.97 25.88 -1.31
CA ASP A 228 -21.50 26.74 -2.37
C ASP A 228 -22.40 27.93 -2.48
N ILE A 229 -23.77 27.77 -2.37
CA ILE A 229 -24.76 28.80 -2.44
C ILE A 229 -24.45 29.81 -1.44
N LYS A 230 -24.10 29.35 -0.23
CA LYS A 230 -23.77 30.23 0.89
C LYS A 230 -22.58 31.11 0.53
N ALA A 231 -21.62 30.48 -0.12
CA ALA A 231 -20.39 31.12 -0.61
C ALA A 231 -20.68 32.21 -1.69
N ILE A 232 -21.69 31.86 -2.53
CA ILE A 232 -22.08 32.71 -3.71
C ILE A 232 -22.64 34.01 -3.29
N CYS A 233 -23.53 33.91 -2.24
CA CYS A 233 -23.98 34.95 -1.43
C CYS A 233 -23.04 35.76 -0.75
N THR A 234 -21.96 35.16 -0.04
CA THR A 234 -21.04 35.97 0.72
C THR A 234 -20.19 36.75 -0.25
N GLU A 235 -19.90 36.17 -1.43
CA GLU A 235 -19.05 36.76 -2.48
C GLU A 235 -19.80 37.79 -3.19
N ALA A 236 -21.16 37.65 -3.33
CA ALA A 236 -22.13 38.60 -3.93
C ALA A 236 -22.25 39.85 -3.10
N GLY A 237 -22.23 39.74 -1.74
CA GLY A 237 -22.08 40.92 -0.86
C GLY A 237 -20.72 41.50 -0.90
N MET A 238 -19.69 40.71 -1.06
CA MET A 238 -18.32 41.31 -1.06
C MET A 238 -18.09 42.19 -2.31
N PHE A 239 -18.77 41.70 -3.40
CA PHE A 239 -18.84 42.48 -4.62
C PHE A 239 -19.53 43.78 -4.47
N ALA A 240 -20.57 43.71 -3.63
CA ALA A 240 -21.35 44.90 -3.31
C ALA A 240 -20.57 46.03 -2.67
N ILE A 241 -19.62 45.68 -1.74
CA ILE A 241 -18.65 46.59 -1.12
C ILE A 241 -17.67 47.18 -2.08
N ARG A 242 -17.24 46.32 -3.04
CA ARG A 242 -16.25 46.81 -3.98
C ARG A 242 -16.77 47.81 -4.94
N GLU A 243 -18.08 47.77 -5.32
CA GLU A 243 -18.78 48.87 -6.01
C GLU A 243 -19.12 50.06 -5.11
N GLU A 244 -19.11 49.84 -3.75
CA GLU A 244 -19.31 50.83 -2.68
C GLU A 244 -20.83 51.01 -2.62
N ARG A 245 -21.67 49.91 -2.76
CA ARG A 245 -23.12 49.99 -2.72
C ARG A 245 -23.33 49.24 -1.44
N ALA A 246 -24.31 49.71 -0.62
CA ALA A 246 -24.60 49.11 0.65
C ALA A 246 -25.85 48.16 0.35
N LYS A 247 -26.08 47.86 -0.97
CA LYS A 247 -27.09 47.01 -1.49
C LYS A 247 -26.56 46.06 -2.56
N VAL A 248 -27.25 44.88 -2.48
CA VAL A 248 -26.99 43.77 -3.44
C VAL A 248 -28.17 43.71 -4.37
N THR A 249 -27.89 43.32 -5.65
CA THR A 249 -28.82 43.28 -6.78
C THR A 249 -28.48 42.08 -7.59
N MET A 250 -29.26 41.85 -8.68
CA MET A 250 -29.07 40.71 -9.52
C MET A 250 -27.79 40.63 -10.30
N LEU A 251 -27.32 41.75 -10.79
CA LEU A 251 -26.12 41.80 -11.56
C LEU A 251 -24.89 41.12 -10.83
N ASP A 252 -24.93 41.43 -9.54
CA ASP A 252 -23.86 40.98 -8.57
C ASP A 252 -23.85 39.50 -8.27
N PHE A 253 -25.01 38.85 -8.17
CA PHE A 253 -25.04 37.43 -7.92
C PHE A 253 -24.60 36.69 -9.14
N THR A 254 -25.00 37.14 -10.34
CA THR A 254 -24.80 36.54 -11.61
C THR A 254 -23.34 36.47 -11.95
N LYS A 255 -22.69 37.57 -11.63
CA LYS A 255 -21.24 37.74 -11.55
C LYS A 255 -20.58 36.88 -10.45
N ALA A 256 -21.26 36.77 -9.28
CA ALA A 256 -20.71 36.14 -8.12
C ALA A 256 -20.62 34.66 -8.32
N ILE A 257 -21.67 34.09 -8.97
CA ILE A 257 -21.78 32.69 -9.27
C ILE A 257 -20.75 32.49 -10.25
N GLU A 258 -20.45 33.30 -11.29
CA GLU A 258 -19.47 33.16 -12.33
C GLU A 258 -18.07 32.99 -11.85
N LYS A 259 -17.66 33.81 -10.90
CA LYS A 259 -16.39 33.68 -10.19
C LYS A 259 -16.24 32.36 -9.52
N VAL A 260 -17.15 32.00 -8.55
CA VAL A 260 -17.22 30.79 -7.66
C VAL A 260 -17.29 29.54 -8.46
N LEU A 261 -18.19 29.46 -9.41
CA LEU A 261 -18.50 28.35 -10.25
C LEU A 261 -17.33 27.98 -11.03
N LYS A 262 -16.62 28.97 -11.53
CA LYS A 262 -15.36 28.80 -12.23
C LYS A 262 -14.21 28.13 -11.47
N LYS A 263 -14.08 28.45 -10.16
CA LYS A 263 -13.09 27.81 -9.32
C LYS A 263 -13.47 26.39 -8.85
N THR A 264 -14.41 25.73 -9.60
CA THR A 264 -15.27 24.67 -9.19
C THR A 264 -15.59 24.05 -10.54
N THR A 265 -16.33 22.93 -10.50
CA THR A 265 -16.92 22.12 -11.55
C THR A 265 -17.71 23.00 -12.51
N PRO A 266 -17.81 22.77 -13.82
CA PRO A 266 -17.40 23.86 -14.73
C PRO A 266 -18.52 24.32 -15.70
N ILE A 267 -18.25 25.39 -16.47
CA ILE A 267 -19.09 25.92 -17.53
C ILE A 267 -18.47 25.35 -18.82
N LYS B 1 0.11 27.24 29.06
CA LYS B 1 0.37 26.86 27.70
C LYS B 1 1.46 25.80 27.69
N ASP B 2 1.24 24.76 26.99
CA ASP B 2 2.21 23.69 26.76
C ASP B 2 3.06 24.19 25.60
N PRO B 3 4.30 23.76 25.59
CA PRO B 3 5.33 24.13 24.57
C PRO B 3 4.94 24.06 23.15
N MET B 4 4.24 23.00 22.81
CA MET B 4 3.49 22.73 21.61
C MET B 4 3.05 23.98 20.73
N VAL B 5 2.02 24.68 21.25
CA VAL B 5 1.29 25.73 20.71
C VAL B 5 1.77 27.08 21.25
N TYR B 6 2.69 27.07 22.28
CA TYR B 6 3.36 28.23 22.81
C TYR B 6 4.13 28.89 21.65
N GLY B 7 4.87 27.87 21.09
CA GLY B 7 5.96 28.02 20.19
C GLY B 7 5.42 28.08 18.75
N PHE B 8 4.04 28.00 18.58
CA PHE B 8 3.44 28.18 17.27
C PHE B 8 3.29 29.58 16.97
N GLU B 9 3.03 30.36 18.01
CA GLU B 9 2.98 31.77 18.02
C GLU B 9 4.28 32.28 18.56
N VAL B 10 4.72 33.50 18.27
CA VAL B 10 4.08 34.50 17.41
C VAL B 10 5.28 35.10 16.69
N GLU B 11 5.22 35.26 15.40
CA GLU B 11 6.31 35.85 14.55
C GLU B 11 6.25 37.33 14.51
N GLU B 12 7.32 37.83 15.27
CA GLU B 12 7.51 39.24 15.53
C GLU B 12 8.30 39.87 14.45
N LYS B 13 7.78 40.95 13.89
CA LYS B 13 8.14 41.69 12.68
C LYS B 13 8.43 40.83 11.47
N PRO B 14 7.55 40.02 10.85
CA PRO B 14 7.78 39.25 9.62
C PRO B 14 8.47 40.08 8.58
N GLU B 15 9.46 39.47 7.82
CA GLU B 15 10.34 40.18 6.82
C GLU B 15 9.58 40.93 5.83
N VAL B 16 8.44 40.36 5.53
CA VAL B 16 7.87 40.36 4.21
C VAL B 16 6.60 41.16 4.43
N SER B 17 6.35 42.16 3.59
CA SER B 17 5.20 43.02 3.70
C SER B 17 4.86 43.03 2.26
N TYR B 18 4.06 44.00 1.88
CA TYR B 18 3.51 44.24 0.60
C TYR B 18 4.45 45.11 -0.16
N GLU B 19 5.65 45.40 0.32
CA GLU B 19 6.71 46.09 -0.41
C GLU B 19 7.87 45.08 -0.45
N ASP B 20 7.53 43.71 -0.33
CA ASP B 20 8.53 42.66 -0.36
C ASP B 20 7.79 41.47 -1.11
N ILE B 21 6.55 41.75 -1.54
CA ILE B 21 5.79 41.01 -2.51
C ILE B 21 5.09 42.08 -3.34
N GLY B 22 4.84 41.75 -4.65
CA GLY B 22 4.11 42.66 -5.46
C GLY B 22 4.53 42.12 -6.81
N GLY B 23 3.51 42.10 -7.71
CA GLY B 23 3.63 41.57 -9.04
C GLY B 23 2.81 40.31 -9.12
N LEU B 24 1.56 40.44 -9.60
CA LEU B 24 0.63 39.32 -9.85
C LEU B 24 -0.58 39.76 -10.61
N ASP B 25 -1.35 40.79 -10.21
CA ASP B 25 -1.32 41.61 -9.01
C ASP B 25 -2.69 41.52 -8.40
N VAL B 26 -3.78 41.30 -9.19
CA VAL B 26 -5.16 41.38 -8.76
C VAL B 26 -5.48 40.42 -7.63
N GLN B 27 -4.96 39.17 -7.69
CA GLN B 27 -5.32 38.19 -6.66
C GLN B 27 -4.73 38.55 -5.31
N ILE B 28 -3.72 39.42 -5.28
CA ILE B 28 -3.11 39.94 -4.06
C ILE B 28 -4.17 40.82 -3.30
N GLU B 29 -4.79 41.69 -4.09
CA GLU B 29 -5.74 42.66 -3.64
C GLU B 29 -6.98 41.96 -3.14
N GLU B 30 -7.29 40.79 -3.78
CA GLU B 30 -8.47 39.98 -3.45
C GLU B 30 -8.35 39.37 -2.14
N ILE B 31 -7.13 38.78 -1.79
CA ILE B 31 -6.86 38.18 -0.49
C ILE B 31 -6.87 39.22 0.62
N ARG B 32 -6.26 40.37 0.34
CA ARG B 32 -6.08 41.45 1.25
C ARG B 32 -7.44 42.00 1.62
N GLU B 33 -8.36 42.14 0.66
CA GLU B 33 -9.79 42.46 0.97
C GLU B 33 -10.46 41.35 1.72
N ALA B 34 -10.06 40.05 1.47
CA ALA B 34 -10.68 38.91 2.06
C ALA B 34 -10.37 38.76 3.57
N VAL B 35 -9.23 39.11 4.08
CA VAL B 35 -8.82 38.88 5.44
C VAL B 35 -8.65 40.22 6.15
N GLU B 36 -7.83 41.13 5.64
CA GLU B 36 -7.57 42.43 6.24
C GLU B 36 -8.80 43.38 6.31
N LEU B 37 -9.64 43.45 5.26
CA LEU B 37 -10.89 44.28 5.20
C LEU B 37 -11.87 43.97 6.31
N PRO B 38 -12.41 42.70 6.68
CA PRO B 38 -13.29 42.53 7.86
C PRO B 38 -12.55 42.53 9.14
N LEU B 39 -11.28 42.23 9.23
CA LEU B 39 -10.56 42.31 10.50
C LEU B 39 -10.45 43.82 10.99
N LEU B 40 -10.09 44.73 10.03
CA LEU B 40 -9.86 46.14 10.40
C LEU B 40 -11.18 46.79 10.43
N LYS B 41 -12.18 46.28 9.59
CA LYS B 41 -13.50 46.86 9.66
C LYS B 41 -14.51 45.90 9.57
N PRO B 42 -15.10 45.53 10.68
CA PRO B 42 -16.18 44.54 10.67
C PRO B 42 -17.45 45.06 10.07
N GLU B 43 -17.62 46.42 10.08
CA GLU B 43 -18.84 47.18 9.76
C GLU B 43 -19.29 46.88 8.30
N LEU B 44 -18.34 46.73 7.32
CA LEU B 44 -18.76 46.72 5.94
C LEU B 44 -19.48 45.42 5.58
N PHE B 45 -19.03 44.34 6.17
CA PHE B 45 -19.64 42.99 6.00
C PHE B 45 -20.91 42.96 6.70
N ALA B 46 -20.99 43.68 7.90
CA ALA B 46 -22.21 43.78 8.67
C ALA B 46 -23.28 44.54 7.93
N GLU B 47 -23.04 45.68 7.27
CA GLU B 47 -24.04 46.42 6.60
C GLU B 47 -24.75 45.66 5.48
N VAL B 48 -23.96 44.93 4.63
CA VAL B 48 -24.67 44.13 3.65
C VAL B 48 -25.41 42.94 4.35
N GLY B 49 -24.80 42.22 5.37
CA GLY B 49 -25.39 41.24 6.14
C GLY B 49 -24.83 39.89 5.90
N ILE B 50 -23.65 39.87 5.18
CA ILE B 50 -22.91 38.74 4.80
C ILE B 50 -22.05 38.32 5.92
N GLU B 51 -21.35 37.17 5.70
CA GLU B 51 -20.49 36.60 6.65
C GLU B 51 -19.15 36.84 5.94
N PRO B 52 -18.11 37.33 6.52
CA PRO B 52 -16.75 37.26 5.91
C PRO B 52 -16.36 35.82 5.69
N PRO B 53 -15.37 35.57 4.86
CA PRO B 53 -14.86 34.21 4.62
C PRO B 53 -14.48 33.44 5.78
N LYS B 54 -14.73 32.12 5.88
CA LYS B 54 -14.37 31.26 6.93
C LYS B 54 -12.86 30.90 6.97
N GLY B 55 -12.08 31.49 6.09
CA GLY B 55 -10.80 31.00 5.53
C GLY B 55 -10.70 31.38 4.07
N VAL B 56 -9.57 31.18 3.48
CA VAL B 56 -9.21 31.54 2.14
C VAL B 56 -8.24 30.40 1.75
N LEU B 57 -8.41 29.81 0.53
CA LEU B 57 -7.57 28.73 0.05
C LEU B 57 -6.63 29.35 -1.04
N LEU B 58 -5.33 29.06 -1.02
CA LEU B 58 -4.32 29.39 -2.02
C LEU B 58 -3.87 28.06 -2.57
N TYR B 59 -3.81 27.92 -3.91
CA TYR B 59 -3.35 26.76 -4.53
C TYR B 59 -2.68 27.15 -5.80
N GLY B 60 -1.83 26.20 -6.31
CA GLY B 60 -1.76 25.92 -7.72
C GLY B 60 -0.36 25.81 -7.89
N PRO B 61 0.22 26.31 -8.98
CA PRO B 61 1.61 26.24 -9.39
C PRO B 61 2.72 26.62 -8.37
N PRO B 62 3.74 25.83 -8.08
CA PRO B 62 4.68 26.08 -6.96
C PRO B 62 5.50 27.30 -7.20
N GLY B 63 5.86 28.12 -6.20
CA GLY B 63 6.83 29.13 -6.54
C GLY B 63 6.21 30.52 -6.65
N THR B 64 4.88 30.61 -6.57
CA THR B 64 4.14 31.83 -6.77
C THR B 64 4.05 32.66 -5.52
N GLY B 65 4.73 32.17 -4.43
CA GLY B 65 4.98 32.91 -3.23
C GLY B 65 3.64 32.81 -2.49
N LYS B 66 3.26 31.64 -2.06
CA LYS B 66 2.02 31.44 -1.42
C LYS B 66 2.13 31.64 0.07
N THR B 67 3.28 31.14 0.56
CA THR B 67 3.60 31.15 1.96
C THR B 67 4.24 32.45 2.24
N LEU B 68 4.86 33.09 1.18
CA LEU B 68 5.44 34.37 1.18
C LEU B 68 4.49 35.50 1.34
N LEU B 69 3.31 35.44 0.59
CA LEU B 69 2.15 36.27 0.70
C LEU B 69 1.61 36.19 2.08
N ALA B 70 1.58 34.93 2.72
CA ALA B 70 1.10 34.81 4.09
C ALA B 70 1.94 35.68 5.08
N LYS B 71 3.24 35.69 4.70
CA LYS B 71 4.23 36.40 5.55
C LYS B 71 4.11 37.90 5.36
N ALA B 72 3.74 38.33 4.11
CA ALA B 72 3.30 39.69 3.87
C ALA B 72 2.11 40.11 4.75
N VAL B 73 0.99 39.39 4.72
CA VAL B 73 -0.34 39.78 5.42
C VAL B 73 -0.18 39.83 6.93
N ALA B 74 0.64 38.96 7.47
CA ALA B 74 0.96 38.83 8.86
C ALA B 74 1.50 40.10 9.48
N ASN B 75 2.28 40.84 8.68
CA ASN B 75 2.95 42.09 9.07
C ASN B 75 1.92 43.17 9.20
N GLN B 76 0.75 43.13 8.59
CA GLN B 76 -0.11 44.27 8.57
C GLN B 76 -1.43 44.01 9.31
N THR B 77 -1.81 42.73 9.46
CA THR B 77 -2.83 42.30 10.36
C THR B 77 -2.49 42.55 11.87
N ARG B 78 -1.26 42.16 12.29
CA ARG B 78 -0.78 42.03 13.67
C ARG B 78 -1.86 41.53 14.56
N ALA B 79 -2.55 40.46 14.19
CA ALA B 79 -3.68 39.91 14.83
C ALA B 79 -3.41 38.53 15.45
N THR B 80 -2.09 38.11 15.52
CA THR B 80 -1.63 36.90 16.06
C THR B 80 -1.63 35.90 14.97
N PHE B 81 -0.46 35.60 14.48
CA PHE B 81 -0.19 34.68 13.38
C PHE B 81 0.32 33.29 14.06
N ILE B 82 -0.54 32.25 14.04
CA ILE B 82 -0.27 30.93 14.53
C ILE B 82 0.40 30.22 13.45
N ARG B 83 1.62 29.72 13.61
CA ARG B 83 2.34 29.13 12.51
C ARG B 83 2.31 27.72 13.00
N VAL B 84 1.61 26.88 12.17
CA VAL B 84 1.73 25.47 12.34
C VAL B 84 1.98 25.11 10.88
N VAL B 85 2.36 23.85 10.71
CA VAL B 85 3.02 23.36 9.49
C VAL B 85 2.17 22.03 9.39
N GLY B 86 1.62 21.64 8.17
CA GLY B 86 0.74 20.43 7.98
C GLY B 86 1.52 19.18 8.42
N SER B 87 2.88 19.11 8.14
CA SER B 87 3.75 18.06 8.53
C SER B 87 4.02 18.06 10.03
N GLU B 88 3.93 19.25 10.76
CA GLU B 88 4.20 19.33 12.23
C GLU B 88 3.23 18.51 12.96
N PHE B 89 2.00 18.50 12.40
CA PHE B 89 0.91 17.69 12.99
C PHE B 89 1.27 16.26 12.79
N VAL B 90 0.76 15.37 13.66
CA VAL B 90 0.86 13.96 13.71
C VAL B 90 2.24 13.55 14.14
N GLN B 91 2.24 12.60 15.05
CA GLN B 91 3.46 12.06 15.61
C GLN B 91 3.35 10.54 15.68
N LYS B 92 3.88 9.94 16.76
CA LYS B 92 4.10 8.58 16.98
C LYS B 92 2.96 7.85 17.72
N TYR B 93 1.89 8.66 18.10
CA TYR B 93 0.66 8.04 18.47
C TYR B 93 -0.34 8.90 17.75
N ILE B 94 -1.51 8.22 17.60
CA ILE B 94 -2.64 8.80 17.03
C ILE B 94 -3.45 9.48 18.13
N GLY B 95 -3.97 10.66 17.77
CA GLY B 95 -4.85 11.44 18.64
C GLY B 95 -4.02 12.50 19.30
N GLU B 96 -2.65 12.32 19.38
CA GLU B 96 -1.70 13.23 19.82
C GLU B 96 -1.63 14.31 18.77
N GLY B 97 -1.74 14.01 17.46
CA GLY B 97 -2.09 14.93 16.40
C GLY B 97 -3.35 15.72 16.64
N ALA B 98 -4.46 15.01 17.10
CA ALA B 98 -5.82 15.54 17.21
C ALA B 98 -5.80 16.68 18.23
N ARG B 99 -5.42 16.36 19.53
CA ARG B 99 -4.92 17.24 20.52
C ARG B 99 -4.35 18.57 20.09
N LEU B 100 -3.43 18.63 19.14
CA LEU B 100 -2.79 19.77 18.56
C LEU B 100 -3.79 20.62 17.72
N VAL B 101 -4.71 19.98 16.97
CA VAL B 101 -5.65 20.77 16.15
C VAL B 101 -6.70 21.37 16.99
N ARG B 102 -7.12 20.64 18.03
CA ARG B 102 -8.03 21.11 19.07
C ARG B 102 -7.44 22.32 19.89
N GLU B 103 -6.11 22.20 20.25
CA GLU B 103 -5.39 23.22 21.02
C GLU B 103 -5.23 24.53 20.29
N VAL B 104 -4.99 24.51 18.97
CA VAL B 104 -4.69 25.73 18.18
C VAL B 104 -5.99 26.50 18.00
N PHE B 105 -7.16 25.78 17.82
CA PHE B 105 -8.43 26.44 17.60
C PHE B 105 -8.99 27.07 18.80
N GLN B 106 -8.81 26.49 20.04
CA GLN B 106 -9.22 27.01 21.32
C GLN B 106 -8.44 28.25 21.63
N LEU B 107 -7.09 28.18 21.30
CA LEU B 107 -6.16 29.24 21.55
C LEU B 107 -6.59 30.40 20.69
N ALA B 108 -6.89 30.19 19.37
CA ALA B 108 -7.29 31.19 18.41
C ALA B 108 -8.57 31.92 18.78
N LYS B 109 -9.57 31.24 19.47
CA LYS B 109 -10.90 31.73 19.76
C LYS B 109 -10.69 32.89 20.70
N GLU B 110 -9.64 32.84 21.54
CA GLU B 110 -9.34 33.87 22.50
C GLU B 110 -8.66 35.05 21.88
N LYS B 111 -7.88 34.87 20.85
CA LYS B 111 -7.08 35.92 20.16
C LYS B 111 -7.92 36.56 19.08
N ALA B 112 -9.14 36.08 18.94
CA ALA B 112 -9.99 36.31 17.77
C ALA B 112 -10.25 37.88 17.57
N PRO B 113 -9.85 38.50 16.44
CA PRO B 113 -9.51 37.80 15.22
C PRO B 113 -8.19 37.28 15.21
N SER B 114 -7.95 36.12 14.55
CA SER B 114 -6.60 35.64 14.55
C SER B 114 -6.47 34.73 13.36
N ILE B 115 -5.20 34.43 13.02
CA ILE B 115 -4.83 33.71 11.83
C ILE B 115 -4.19 32.43 12.28
N ILE B 116 -4.86 31.41 11.78
CA ILE B 116 -4.39 30.02 11.84
C ILE B 116 -3.91 29.79 10.43
N PHE B 117 -2.63 29.58 10.30
CA PHE B 117 -2.08 29.29 8.97
C PHE B 117 -1.54 27.86 9.06
N ILE B 118 -2.17 27.07 8.19
CA ILE B 118 -1.80 25.70 8.08
C ILE B 118 -1.14 25.57 6.74
N ASP B 119 0.17 25.13 6.77
CA ASP B 119 1.05 25.24 5.64
C ASP B 119 0.54 24.41 4.51
N GLU B 120 0.13 23.13 4.86
CA GLU B 120 -0.31 22.25 3.81
C GLU B 120 -1.59 21.64 4.36
N LEU B 121 -2.79 21.96 3.73
CA LEU B 121 -4.05 21.47 4.13
C LEU B 121 -4.06 19.96 3.93
N ASP B 122 -3.31 19.54 2.83
CA ASP B 122 -3.12 18.22 2.28
C ASP B 122 -2.35 17.22 3.20
N ALA B 123 -1.53 17.63 4.19
CA ALA B 123 -0.86 16.77 5.13
C ALA B 123 -1.75 15.95 6.06
N ILE B 124 -2.75 16.69 6.58
CA ILE B 124 -3.74 16.35 7.59
C ILE B 124 -5.06 16.09 6.90
N ALA B 125 -5.22 16.14 5.52
CA ALA B 125 -6.54 16.05 4.92
C ALA B 125 -6.28 15.75 3.45
N ALA B 126 -5.88 14.49 3.17
CA ALA B 126 -5.50 14.04 1.82
C ALA B 126 -6.52 13.11 1.27
N ARG B 127 -6.63 13.13 -0.08
CA ARG B 127 -7.62 12.38 -0.78
C ARG B 127 -7.49 10.92 -0.48
N ARG B 128 -8.43 10.36 0.26
CA ARG B 128 -8.28 8.96 0.70
C ARG B 128 -8.37 8.00 -0.53
N THR B 129 -8.04 6.69 -0.31
CA THR B 129 -8.30 5.59 -1.21
C THR B 129 -8.58 4.49 -0.25
N ASN B 130 -7.64 3.93 0.56
CA ASN B 130 -7.96 2.98 1.62
C ASN B 130 -6.74 2.94 2.55
N SER B 131 -6.89 2.10 3.61
CA SER B 131 -6.01 2.08 4.75
C SER B 131 -4.77 1.24 4.45
N ASP B 132 -3.56 1.78 4.44
CA ASP B 132 -2.37 1.11 3.95
C ASP B 132 -1.31 1.48 4.92
N THR B 133 -1.47 2.13 6.17
CA THR B 133 -2.41 1.86 7.25
C THR B 133 -1.74 2.56 8.37
N SER B 134 -0.39 2.54 8.49
CA SER B 134 0.40 3.12 9.53
C SER B 134 0.17 4.55 9.88
N GLY B 135 0.32 5.51 8.95
CA GLY B 135 0.01 6.84 9.25
C GLY B 135 -1.16 7.27 8.34
N ASP B 136 -1.53 6.45 7.29
CA ASP B 136 -2.41 6.90 6.13
C ASP B 136 -3.76 7.12 6.74
N ARG B 137 -4.19 6.20 7.69
CA ARG B 137 -5.43 6.28 8.42
C ARG B 137 -5.48 7.43 9.30
N GLU B 138 -4.32 7.78 9.96
CA GLU B 138 -4.30 8.93 10.79
C GLU B 138 -4.66 10.23 10.16
N VAL B 139 -4.72 10.28 8.74
CA VAL B 139 -4.63 11.51 8.05
C VAL B 139 -6.08 11.95 8.05
N GLN B 140 -6.98 11.02 7.66
CA GLN B 140 -8.39 11.18 7.55
C GLN B 140 -8.95 11.26 9.01
N ARG B 141 -8.25 10.69 10.06
CA ARG B 141 -8.56 10.86 11.47
C ARG B 141 -8.51 12.33 11.87
N THR B 142 -7.42 13.04 11.46
CA THR B 142 -7.06 14.40 11.74
C THR B 142 -7.93 15.38 11.00
N MET B 143 -8.27 15.04 9.72
CA MET B 143 -9.15 15.82 8.83
C MET B 143 -10.49 16.07 9.53
N MET B 144 -10.87 15.01 10.30
CA MET B 144 -12.11 15.00 11.03
C MET B 144 -12.19 16.08 12.06
N GLN B 145 -11.04 16.26 12.81
CA GLN B 145 -10.76 17.30 13.87
C GLN B 145 -10.78 18.76 13.34
N LEU B 146 -10.17 18.95 12.12
CA LEU B 146 -10.02 20.27 11.54
C LEU B 146 -11.29 20.88 11.10
N LEU B 147 -12.18 20.11 10.46
CA LEU B 147 -13.60 20.37 10.11
C LEU B 147 -14.47 20.80 11.16
N ALA B 148 -15.04 19.84 11.94
CA ALA B 148 -15.31 19.95 13.37
C ALA B 148 -15.07 21.32 14.06
N GLU B 149 -13.84 21.90 14.04
CA GLU B 149 -13.57 23.15 14.73
C GLU B 149 -13.93 24.37 13.86
N LEU B 150 -13.60 24.32 12.56
CA LEU B 150 -13.62 25.37 11.59
C LEU B 150 -14.88 26.23 11.64
N ASP B 151 -16.09 25.64 11.30
CA ASP B 151 -17.31 26.17 11.85
C ASP B 151 -18.30 25.05 11.61
N GLY B 152 -17.85 23.80 11.86
CA GLY B 152 -18.55 22.56 11.77
C GLY B 152 -19.63 22.48 12.79
N PHE B 153 -19.43 22.97 14.05
CA PHE B 153 -20.48 22.93 15.08
C PHE B 153 -20.12 23.97 16.13
N ASP B 154 -18.78 24.37 16.13
CA ASP B 154 -18.31 25.13 17.21
C ASP B 154 -17.97 26.50 16.69
N PRO B 155 -18.64 27.59 17.26
CA PRO B 155 -18.38 28.99 17.00
C PRO B 155 -17.02 29.41 16.55
N ARG B 156 -16.89 30.08 15.38
CA ARG B 156 -15.60 30.29 14.81
C ARG B 156 -15.03 31.58 15.24
N GLY B 157 -15.88 32.52 15.76
CA GLY B 157 -15.42 33.83 16.07
C GLY B 157 -15.07 34.46 14.78
N ASP B 158 -13.83 34.96 14.63
CA ASP B 158 -13.42 35.56 13.36
C ASP B 158 -12.15 34.84 13.01
N VAL B 159 -12.17 33.53 12.91
CA VAL B 159 -11.09 32.76 12.21
C VAL B 159 -11.72 32.12 11.01
N LYS B 160 -11.24 32.23 9.73
CA LYS B 160 -10.01 32.78 9.12
C LYS B 160 -8.94 31.74 9.25
N VAL B 161 -9.19 30.42 8.83
CA VAL B 161 -8.09 29.44 8.67
C VAL B 161 -7.61 29.61 7.23
N ILE B 162 -6.34 29.95 7.09
CA ILE B 162 -5.84 30.24 5.72
C ILE B 162 -4.90 29.18 5.37
N GLY B 163 -5.22 28.46 4.26
CA GLY B 163 -4.45 27.46 3.69
C GLY B 163 -3.63 27.71 2.46
N ALA B 164 -2.88 26.67 2.11
CA ALA B 164 -2.08 26.63 0.92
C ALA B 164 -1.79 25.16 0.65
N THR B 165 -1.53 24.79 -0.64
CA THR B 165 -1.23 23.43 -1.14
C THR B 165 -0.32 23.46 -2.26
N ASN B 166 0.44 22.33 -2.27
CA ASN B 166 1.40 22.17 -3.36
C ASN B 166 0.78 21.60 -4.63
N ARG B 167 -0.30 20.81 -4.51
CA ARG B 167 -0.83 20.21 -5.70
C ARG B 167 -2.24 20.61 -5.79
N ILE B 168 -2.80 20.52 -7.08
CA ILE B 168 -4.12 20.93 -7.52
C ILE B 168 -5.09 20.02 -6.80
N ASP B 169 -4.85 18.65 -6.94
CA ASP B 169 -5.84 17.74 -6.39
C ASP B 169 -4.92 16.77 -5.81
N ILE B 170 -5.04 16.55 -4.46
CA ILE B 170 -4.22 15.80 -3.56
C ILE B 170 -5.01 15.91 -2.27
N LEU B 171 -6.13 16.61 -2.33
CA LEU B 171 -6.99 16.84 -1.18
C LEU B 171 -8.33 16.27 -1.32
N ASP B 172 -8.84 15.84 -0.10
CA ASP B 172 -10.29 15.44 0.05
C ASP B 172 -11.27 16.45 -0.52
N PRO B 173 -12.34 16.02 -1.16
CA PRO B 173 -13.28 16.95 -1.76
C PRO B 173 -13.91 17.93 -0.78
N ALA B 174 -14.01 17.66 0.52
CA ALA B 174 -14.61 18.47 1.50
C ALA B 174 -13.94 19.83 1.64
N ILE B 175 -12.61 19.76 1.70
CA ILE B 175 -11.74 20.88 1.86
C ILE B 175 -11.72 21.65 0.56
N LEU B 176 -11.73 20.95 -0.59
CA LEU B 176 -11.77 21.53 -1.89
C LEU B 176 -12.92 22.41 -2.15
N ARG B 177 -14.12 21.94 -1.71
CA ARG B 177 -15.38 22.60 -1.91
C ARG B 177 -15.42 23.82 -1.02
N PRO B 178 -15.70 25.00 -1.44
CA PRO B 178 -15.82 26.26 -0.64
C PRO B 178 -16.95 26.30 0.28
N GLY B 179 -16.87 26.91 1.39
CA GLY B 179 -17.88 26.91 2.33
C GLY B 179 -17.25 26.51 3.58
N ARG B 180 -15.92 26.24 3.46
CA ARG B 180 -15.05 25.97 4.58
C ARG B 180 -13.91 26.86 4.40
N PHE B 181 -13.44 27.24 3.16
CA PHE B 181 -12.22 27.94 2.91
C PHE B 181 -12.50 28.95 1.86
N ASP B 182 -13.44 29.91 2.01
CA ASP B 182 -14.64 30.00 1.17
C ASP B 182 -14.33 30.58 -0.14
N ARG B 183 -13.17 31.26 -0.34
CA ARG B 183 -12.69 31.89 -1.55
C ARG B 183 -11.66 30.92 -2.03
N ILE B 184 -11.80 30.34 -3.26
CA ILE B 184 -10.69 29.55 -3.81
C ILE B 184 -9.93 30.45 -4.77
N ILE B 185 -8.86 31.10 -4.23
CA ILE B 185 -8.03 32.08 -4.96
C ILE B 185 -6.89 31.21 -5.52
N GLU B 186 -6.86 30.98 -6.88
CA GLU B 186 -5.79 30.39 -7.62
C GLU B 186 -4.83 31.48 -7.65
N VAL B 187 -3.68 31.31 -6.96
CA VAL B 187 -2.54 32.10 -7.28
C VAL B 187 -1.94 31.52 -8.51
N PRO B 188 -1.97 32.17 -9.67
CA PRO B 188 -1.44 31.58 -10.87
C PRO B 188 -0.10 32.15 -11.00
N LEU B 189 0.54 31.79 -12.10
CA LEU B 189 1.88 32.26 -12.47
C LEU B 189 1.69 33.74 -12.81
N PRO B 190 2.65 34.71 -12.64
CA PRO B 190 2.39 36.21 -12.87
C PRO B 190 2.01 36.62 -14.25
N THR B 191 1.41 37.83 -14.41
CA THR B 191 1.02 38.38 -15.66
C THR B 191 2.13 39.11 -16.28
N PHE B 192 1.87 39.74 -17.50
CA PHE B 192 2.87 40.44 -18.23
C PHE B 192 3.32 41.65 -17.39
N GLU B 193 2.35 42.39 -16.75
CA GLU B 193 2.49 43.46 -15.80
C GLU B 193 3.06 42.91 -14.57
N GLY B 194 2.69 41.71 -14.13
CA GLY B 194 3.12 41.09 -12.87
C GLY B 194 4.50 40.68 -12.83
N ARG B 195 5.09 40.20 -13.92
CA ARG B 195 6.52 39.82 -13.98
C ARG B 195 7.44 40.95 -13.90
N ILE B 196 7.16 42.12 -14.54
CA ILE B 196 7.92 43.36 -14.36
C ILE B 196 8.02 43.85 -12.87
N GLN B 197 6.86 43.71 -12.17
CA GLN B 197 6.75 44.22 -10.80
C GLN B 197 7.57 43.42 -9.78
N ILE B 198 7.64 42.12 -10.10
CA ILE B 198 8.40 41.14 -9.33
C ILE B 198 9.86 41.44 -9.41
N PHE B 199 10.36 41.79 -10.60
CA PHE B 199 11.77 42.10 -10.87
C PHE B 199 12.05 43.34 -10.05
N LYS B 200 11.09 44.28 -9.94
CA LYS B 200 11.13 45.52 -9.25
C LYS B 200 11.35 45.33 -7.78
N ILE B 201 10.78 44.24 -7.13
CA ILE B 201 10.87 44.02 -5.67
C ILE B 201 12.28 43.71 -5.43
N HIS B 202 12.84 42.94 -6.34
CA HIS B 202 14.20 42.45 -6.28
C HIS B 202 15.21 43.57 -6.45
N THR B 203 14.97 44.46 -7.41
CA THR B 203 15.72 45.64 -7.80
C THR B 203 15.81 46.64 -6.59
N ARG B 204 14.68 46.68 -5.85
CA ARG B 204 14.65 47.41 -4.59
C ARG B 204 15.77 47.06 -3.62
N LYS B 205 15.93 45.77 -3.43
CA LYS B 205 16.91 45.21 -2.55
C LYS B 205 18.21 44.94 -3.23
N MET B 206 18.29 44.80 -4.58
CA MET B 206 19.53 44.68 -5.29
C MET B 206 19.83 45.97 -6.08
N LYS B 207 20.83 46.71 -5.53
CA LYS B 207 21.24 48.01 -5.76
C LYS B 207 21.65 48.17 -7.14
N LEU B 208 21.12 49.27 -7.85
CA LEU B 208 21.54 49.64 -9.20
C LEU B 208 21.13 48.63 -10.29
N ALA B 209 20.72 49.28 -11.46
CA ALA B 209 20.26 48.63 -12.59
C ALA B 209 19.54 49.66 -13.46
N GLU B 210 20.06 49.94 -14.70
CA GLU B 210 19.46 50.91 -15.58
C GLU B 210 19.77 50.61 -17.12
N ASP B 211 20.64 49.65 -17.46
CA ASP B 211 21.00 49.20 -18.81
C ASP B 211 20.07 48.07 -19.11
N VAL B 212 19.21 47.71 -18.05
CA VAL B 212 18.18 46.74 -18.04
C VAL B 212 17.01 47.44 -18.49
N ASP B 213 16.11 46.66 -19.22
CA ASP B 213 14.85 47.20 -19.74
C ASP B 213 13.88 46.22 -19.12
N PHE B 214 13.03 46.63 -18.15
CA PHE B 214 12.19 45.76 -17.29
C PHE B 214 11.21 45.05 -18.15
N LYS B 215 10.62 45.73 -19.19
CA LYS B 215 9.54 45.25 -20.02
C LYS B 215 9.96 44.05 -20.96
N GLU B 216 11.14 44.22 -21.58
CA GLU B 216 11.71 43.28 -22.48
C GLU B 216 12.19 42.15 -21.63
N LEU B 217 12.70 42.44 -20.36
CA LEU B 217 13.20 41.45 -19.37
C LEU B 217 12.11 40.40 -18.96
N ALA B 218 10.93 41.02 -18.74
CA ALA B 218 9.74 40.32 -18.46
C ALA B 218 9.25 39.56 -19.58
N ARG B 219 9.38 40.11 -20.78
CA ARG B 219 8.83 39.51 -21.99
C ARG B 219 9.48 38.17 -22.24
N ILE B 220 10.85 38.16 -22.10
CA ILE B 220 11.66 36.91 -22.21
C ILE B 220 11.24 35.90 -21.17
N THR B 221 10.95 36.29 -19.89
CA THR B 221 10.77 35.36 -18.77
C THR B 221 9.40 34.83 -18.60
N GLU B 222 8.62 34.91 -19.74
CA GLU B 222 7.35 34.22 -19.92
C GLU B 222 7.33 32.79 -19.61
N GLY B 223 6.34 32.34 -18.80
CA GLY B 223 6.03 31.03 -18.34
C GLY B 223 6.80 30.61 -17.13
N ALA B 224 7.43 31.56 -16.49
CA ALA B 224 8.27 31.38 -15.26
C ALA B 224 7.40 31.74 -14.12
N SER B 225 7.87 31.51 -12.87
CA SER B 225 7.19 31.64 -11.66
C SER B 225 7.96 32.61 -10.85
N GLY B 226 7.39 33.17 -9.70
CA GLY B 226 7.99 34.21 -8.90
C GLY B 226 9.30 33.82 -8.21
N ALA B 227 9.37 32.53 -7.86
CA ALA B 227 10.57 31.90 -7.41
C ALA B 227 11.58 31.87 -8.45
N ASP B 228 11.21 31.69 -9.71
CA ASP B 228 12.22 31.69 -10.87
C ASP B 228 12.77 33.06 -11.12
N ILE B 229 11.94 34.16 -10.94
CA ILE B 229 12.36 35.53 -11.11
C ILE B 229 13.34 35.84 -10.08
N LYS B 230 13.16 35.34 -8.83
CA LYS B 230 14.08 35.54 -7.69
C LYS B 230 15.38 34.81 -7.95
N ALA B 231 15.23 33.59 -8.45
CA ALA B 231 16.40 32.81 -8.75
C ALA B 231 17.34 33.37 -9.83
N ILE B 232 16.78 33.92 -10.90
CA ILE B 232 17.50 34.68 -11.95
C ILE B 232 18.24 35.85 -11.39
N CYS B 233 17.61 36.62 -10.47
CA CYS B 233 18.10 37.77 -9.80
C CYS B 233 19.35 37.48 -9.05
N THR B 234 19.31 36.33 -8.27
CA THR B 234 20.45 35.78 -7.41
C THR B 234 21.60 35.29 -8.32
N GLU B 235 21.30 34.66 -9.46
CA GLU B 235 22.20 34.24 -10.48
C GLU B 235 22.89 35.36 -11.20
N ALA B 236 22.15 36.47 -11.52
CA ALA B 236 22.49 37.66 -12.22
C ALA B 236 23.51 38.38 -11.42
N GLY B 237 23.23 38.46 -10.14
CA GLY B 237 24.05 39.13 -9.13
C GLY B 237 25.35 38.40 -8.98
N MET B 238 25.36 37.06 -9.14
CA MET B 238 26.56 36.32 -9.14
C MET B 238 27.25 36.64 -10.46
N PHE B 239 26.52 36.91 -11.59
CA PHE B 239 27.14 37.18 -12.82
C PHE B 239 27.92 38.40 -12.80
N ALA B 240 27.33 39.42 -12.12
CA ALA B 240 27.96 40.72 -11.90
C ALA B 240 29.19 40.62 -11.07
N ILE B 241 29.13 39.78 -10.01
CA ILE B 241 30.22 39.53 -9.09
C ILE B 241 31.37 39.00 -9.82
N ARG B 242 31.11 38.05 -10.84
CA ARG B 242 32.19 37.51 -11.68
C ARG B 242 32.84 38.57 -12.54
N GLU B 243 32.17 39.57 -13.01
CA GLU B 243 32.78 40.65 -13.80
C GLU B 243 33.17 41.84 -12.95
N GLU B 244 33.01 41.68 -11.58
CA GLU B 244 33.35 42.56 -10.56
C GLU B 244 32.78 43.94 -10.78
N ARG B 245 31.45 44.19 -10.62
CA ARG B 245 30.82 45.50 -10.72
C ARG B 245 29.57 45.46 -9.75
N ALA B 246 29.13 46.60 -9.22
CA ALA B 246 28.09 46.57 -8.17
C ALA B 246 26.83 47.01 -8.86
N LYS B 247 26.90 47.25 -10.28
CA LYS B 247 25.75 47.58 -11.10
C LYS B 247 25.45 46.32 -11.80
N VAL B 248 24.11 46.09 -11.92
CA VAL B 248 23.63 44.96 -12.67
C VAL B 248 23.14 45.48 -14.02
N THR B 249 23.50 44.74 -15.08
CA THR B 249 23.22 45.22 -16.43
C THR B 249 22.66 44.08 -17.14
N MET B 250 22.47 44.22 -18.43
CA MET B 250 21.44 43.42 -19.08
C MET B 250 21.99 42.02 -19.37
N LEU B 251 23.37 42.07 -19.59
CA LEU B 251 24.26 41.03 -20.02
C LEU B 251 24.44 40.07 -18.89
N ASP B 252 24.43 40.64 -17.64
CA ASP B 252 24.31 39.80 -16.49
C ASP B 252 23.00 39.03 -16.42
N PHE B 253 21.85 39.64 -16.79
CA PHE B 253 20.59 38.94 -16.88
C PHE B 253 20.53 37.91 -17.89
N THR B 254 21.06 38.14 -19.16
CA THR B 254 20.91 37.24 -20.26
C THR B 254 21.58 35.92 -19.90
N LYS B 255 22.78 35.91 -19.26
CA LYS B 255 23.42 34.74 -18.87
C LYS B 255 22.67 33.92 -17.85
N ALA B 256 22.10 34.61 -16.84
CA ALA B 256 21.28 34.11 -15.78
C ALA B 256 19.93 33.48 -16.16
N ILE B 257 19.24 34.18 -17.18
CA ILE B 257 17.94 33.74 -17.74
C ILE B 257 18.12 32.37 -18.36
N GLU B 258 19.25 32.24 -19.07
CA GLU B 258 19.61 31.03 -19.86
C GLU B 258 19.70 29.78 -18.99
N LYS B 259 20.15 29.94 -17.78
CA LYS B 259 20.43 28.88 -16.79
C LYS B 259 19.14 28.11 -16.42
N VAL B 260 18.08 28.93 -16.22
CA VAL B 260 16.80 28.49 -15.96
C VAL B 260 16.11 27.94 -17.16
N LEU B 261 16.23 28.66 -18.27
CA LEU B 261 15.57 28.27 -19.50
C LEU B 261 16.04 26.90 -20.09
N LYS B 262 17.34 26.56 -19.88
CA LYS B 262 18.02 25.35 -20.39
C LYS B 262 17.25 24.10 -19.86
N LYS B 263 16.79 24.15 -18.60
CA LYS B 263 16.13 23.18 -17.78
C LYS B 263 14.85 22.82 -18.44
N THR B 264 14.13 23.83 -18.96
CA THR B 264 12.68 23.65 -19.02
C THR B 264 12.27 23.55 -20.47
N THR B 265 13.06 24.15 -21.42
CA THR B 265 12.93 24.08 -22.84
C THR B 265 14.23 23.48 -23.32
N PRO B 266 14.34 22.64 -24.30
CA PRO B 266 13.60 22.54 -25.59
C PRO B 266 12.33 21.78 -25.26
N ILE B 267 11.21 22.19 -25.94
CA ILE B 267 9.97 21.46 -25.99
C ILE B 267 9.94 20.29 -26.94
N LYS C 1 22.05 -2.94 17.98
CA LYS C 1 20.69 -2.67 18.11
C LYS C 1 19.92 -3.72 17.31
N ASP C 2 20.54 -4.91 17.11
CA ASP C 2 20.10 -5.87 16.18
C ASP C 2 19.96 -7.06 17.06
N PRO C 3 18.73 -7.64 17.00
CA PRO C 3 18.59 -9.07 17.36
C PRO C 3 18.63 -9.82 16.06
N MET C 4 18.87 -9.02 14.92
CA MET C 4 18.85 -9.46 13.54
C MET C 4 20.25 -9.92 13.28
N VAL C 5 21.18 -9.90 14.24
CA VAL C 5 22.58 -10.44 14.14
C VAL C 5 22.55 -11.98 14.16
N TYR C 6 21.40 -12.56 14.64
CA TYR C 6 21.15 -14.03 14.50
C TYR C 6 20.68 -14.29 13.06
N GLY C 7 20.06 -13.26 12.37
CA GLY C 7 19.57 -13.47 11.06
C GLY C 7 20.64 -13.07 10.15
N PHE C 8 21.87 -12.72 10.59
CA PHE C 8 22.96 -12.42 9.72
C PHE C 8 24.01 -13.55 9.79
N GLU C 9 23.80 -14.60 10.69
CA GLU C 9 24.54 -15.83 10.83
C GLU C 9 25.97 -15.51 10.82
N VAL C 10 26.40 -14.69 11.76
CA VAL C 10 27.75 -14.22 11.89
C VAL C 10 28.70 -15.36 12.21
N GLU C 11 28.16 -16.56 12.88
CA GLU C 11 29.04 -17.71 13.25
C GLU C 11 28.32 -18.86 12.80
N GLU C 12 29.16 -19.83 12.32
CA GLU C 12 28.93 -20.98 11.55
C GLU C 12 29.49 -20.81 10.24
N LYS C 13 30.74 -21.15 10.04
CA LYS C 13 31.30 -21.00 8.69
C LYS C 13 30.74 -22.11 7.79
N PRO C 14 30.59 -22.01 6.46
CA PRO C 14 29.94 -23.01 5.64
C PRO C 14 30.98 -24.10 5.39
N GLU C 15 30.59 -25.12 4.58
CA GLU C 15 31.45 -26.19 4.32
C GLU C 15 32.08 -26.07 2.89
N VAL C 16 31.41 -25.20 2.11
CA VAL C 16 31.73 -24.98 0.69
C VAL C 16 32.95 -24.06 0.62
N SER C 17 33.95 -24.51 -0.12
CA SER C 17 35.26 -23.85 -0.37
C SER C 17 35.41 -23.75 -1.86
N TYR C 18 36.61 -23.31 -2.31
CA TYR C 18 37.01 -23.22 -3.68
C TYR C 18 37.16 -24.55 -4.27
N GLU C 19 37.27 -25.64 -3.50
CA GLU C 19 37.47 -26.99 -3.94
C GLU C 19 36.17 -27.73 -3.91
N ASP C 20 35.10 -27.01 -3.59
CA ASP C 20 33.80 -27.56 -3.64
C ASP C 20 33.08 -26.81 -4.76
N ILE C 21 33.83 -26.10 -5.67
CA ILE C 21 33.22 -25.41 -6.71
C ILE C 21 34.31 -25.61 -7.78
N GLY C 22 34.00 -25.37 -9.09
CA GLY C 22 35.07 -25.45 -10.02
C GLY C 22 34.50 -25.46 -11.40
N GLY C 23 35.34 -25.37 -12.44
CA GLY C 23 34.86 -25.29 -13.82
C GLY C 23 34.25 -23.91 -14.19
N LEU C 24 34.52 -22.95 -13.34
CA LEU C 24 34.30 -21.53 -13.33
C LEU C 24 35.53 -20.91 -12.71
N ASP C 25 36.78 -21.45 -13.04
CA ASP C 25 38.08 -21.18 -12.50
C ASP C 25 38.51 -19.69 -12.65
N VAL C 26 38.21 -19.07 -13.82
CA VAL C 26 38.56 -17.64 -14.14
C VAL C 26 37.82 -16.79 -13.17
N GLN C 27 36.53 -17.11 -12.89
CA GLN C 27 35.67 -16.37 -11.97
C GLN C 27 36.12 -16.46 -10.53
N ILE C 28 36.56 -17.71 -10.02
CA ILE C 28 36.94 -17.93 -8.63
C ILE C 28 38.00 -16.95 -8.25
N GLU C 29 39.02 -16.83 -9.15
CA GLU C 29 40.23 -16.05 -8.93
C GLU C 29 39.98 -14.54 -8.80
N GLU C 30 39.10 -13.88 -9.59
CA GLU C 30 38.91 -12.49 -9.44
C GLU C 30 38.23 -12.18 -8.16
N ILE C 31 37.16 -12.94 -7.79
CA ILE C 31 36.33 -12.64 -6.62
C ILE C 31 37.04 -12.93 -5.37
N ARG C 32 37.80 -14.09 -5.33
CA ARG C 32 38.73 -14.50 -4.29
C ARG C 32 39.62 -13.39 -4.01
N GLU C 33 40.37 -12.87 -5.00
CA GLU C 33 41.34 -11.79 -4.86
C GLU C 33 40.77 -10.50 -4.35
N ALA C 34 39.55 -10.11 -4.81
CA ALA C 34 38.86 -8.85 -4.51
C ALA C 34 38.55 -8.60 -3.08
N VAL C 35 38.64 -9.68 -2.23
CA VAL C 35 38.58 -9.39 -0.83
C VAL C 35 39.74 -10.08 -0.11
N GLU C 36 40.34 -11.24 -0.60
CA GLU C 36 41.42 -11.97 0.00
C GLU C 36 42.74 -11.26 0.14
N LEU C 37 43.21 -10.60 -0.96
CA LEU C 37 44.45 -9.80 -0.97
C LEU C 37 44.30 -8.55 -0.12
N PRO C 38 43.17 -7.74 -0.19
CA PRO C 38 43.06 -6.64 0.72
C PRO C 38 43.24 -6.92 2.22
N LEU C 39 42.81 -8.10 2.64
CA LEU C 39 42.83 -8.46 4.04
C LEU C 39 44.14 -9.18 4.49
N LEU C 40 44.71 -10.02 3.64
CA LEU C 40 45.85 -10.85 4.10
C LEU C 40 47.06 -10.30 3.53
N LYS C 41 46.95 -9.56 2.46
CA LYS C 41 48.10 -9.02 1.77
C LYS C 41 47.93 -7.49 1.67
N PRO C 42 47.50 -6.66 2.58
CA PRO C 42 47.37 -5.21 2.38
C PRO C 42 48.72 -4.44 2.14
N GLU C 43 49.90 -5.03 2.52
CA GLU C 43 51.18 -4.40 2.13
C GLU C 43 51.55 -4.36 0.70
N LEU C 44 50.95 -5.25 -0.15
CA LEU C 44 51.11 -5.28 -1.55
C LEU C 44 50.51 -4.09 -2.31
N PHE C 45 49.36 -3.65 -1.83
CA PHE C 45 48.69 -2.44 -2.24
C PHE C 45 49.47 -1.12 -2.02
N ALA C 46 50.14 -1.06 -0.85
CA ALA C 46 50.95 0.09 -0.42
C ALA C 46 51.99 0.35 -1.40
N GLU C 47 52.74 -0.70 -1.79
CA GLU C 47 53.98 -0.62 -2.51
C GLU C 47 53.81 -0.26 -3.93
N VAL C 48 52.76 -0.84 -4.67
CA VAL C 48 52.58 -0.60 -6.10
C VAL C 48 51.85 0.78 -6.11
N GLY C 49 50.76 0.83 -5.27
CA GLY C 49 49.74 1.83 -5.34
C GLY C 49 48.60 1.21 -6.06
N ILE C 50 47.60 0.82 -5.18
CA ILE C 50 46.44 0.17 -5.75
C ILE C 50 45.32 0.69 -4.85
N GLU C 51 44.15 0.99 -5.42
CA GLU C 51 42.98 1.32 -4.73
C GLU C 51 42.26 0.06 -4.31
N PRO C 52 41.73 -0.18 -3.14
CA PRO C 52 41.07 -1.40 -2.72
C PRO C 52 39.73 -1.37 -3.42
N PRO C 53 39.25 -2.46 -4.07
CA PRO C 53 37.93 -2.46 -4.66
C PRO C 53 36.89 -2.48 -3.53
N LYS C 54 35.70 -1.83 -3.65
CA LYS C 54 34.80 -1.66 -2.50
C LYS C 54 33.61 -2.55 -2.72
N GLY C 55 33.69 -3.56 -3.70
CA GLY C 55 32.64 -4.59 -3.79
C GLY C 55 32.90 -5.32 -5.09
N VAL C 56 32.12 -6.44 -5.23
CA VAL C 56 32.07 -7.38 -6.39
C VAL C 56 30.64 -7.67 -6.61
N LEU C 57 30.08 -7.52 -7.85
CA LEU C 57 28.72 -7.90 -8.25
C LEU C 57 28.79 -9.22 -9.04
N LEU C 58 27.92 -10.16 -8.70
CA LEU C 58 27.95 -11.44 -9.36
C LEU C 58 26.59 -11.53 -10.02
N TYR C 59 26.53 -12.02 -11.29
CA TYR C 59 25.28 -12.35 -12.02
C TYR C 59 25.53 -13.46 -13.01
N GLY C 60 24.46 -14.20 -13.48
CA GLY C 60 24.64 -15.34 -14.23
C GLY C 60 23.37 -16.13 -14.29
N PRO C 61 23.23 -17.11 -15.23
CA PRO C 61 22.09 -17.99 -15.36
C PRO C 61 21.97 -18.77 -14.11
N PRO C 62 20.80 -19.28 -13.72
CA PRO C 62 20.54 -19.73 -12.38
C PRO C 62 21.24 -20.96 -12.25
N GLY C 63 21.65 -21.41 -11.04
CA GLY C 63 22.16 -22.71 -10.81
C GLY C 63 23.59 -22.85 -11.19
N THR C 64 24.36 -21.73 -11.29
CA THR C 64 25.76 -21.84 -11.78
C THR C 64 26.69 -21.85 -10.61
N GLY C 65 26.15 -21.69 -9.36
CA GLY C 65 27.05 -21.78 -8.17
C GLY C 65 27.45 -20.47 -7.75
N LYS C 66 26.62 -19.38 -7.91
CA LYS C 66 26.74 -18.10 -7.19
C LYS C 66 26.74 -18.16 -5.72
N THR C 67 25.85 -18.98 -5.16
CA THR C 67 25.65 -19.11 -3.73
C THR C 67 26.93 -19.66 -3.14
N LEU C 68 27.51 -20.74 -3.71
CA LEU C 68 28.67 -21.53 -3.55
C LEU C 68 29.91 -20.66 -3.63
N LEU C 69 30.03 -19.68 -4.58
CA LEU C 69 31.14 -18.75 -4.70
C LEU C 69 31.17 -17.90 -3.49
N ALA C 70 29.99 -17.46 -3.01
CA ALA C 70 29.94 -16.65 -1.81
C ALA C 70 30.39 -17.27 -0.50
N LYS C 71 29.91 -18.53 -0.32
CA LYS C 71 30.25 -19.44 0.74
C LYS C 71 31.66 -19.75 0.82
N ALA C 72 32.27 -19.92 -0.39
CA ALA C 72 33.72 -20.16 -0.45
C ALA C 72 34.53 -18.98 -0.05
N VAL C 73 34.25 -17.78 -0.47
CA VAL C 73 34.91 -16.63 0.02
C VAL C 73 34.78 -16.51 1.52
N ALA C 74 33.57 -16.70 2.11
CA ALA C 74 33.19 -16.58 3.52
C ALA C 74 33.99 -17.49 4.40
N ASN C 75 34.24 -18.72 3.81
CA ASN C 75 34.83 -19.77 4.56
C ASN C 75 36.29 -19.59 4.78
N GLN C 76 36.96 -18.99 3.74
CA GLN C 76 38.39 -19.24 3.53
C GLN C 76 39.08 -17.94 3.65
N THR C 77 38.45 -16.80 4.10
CA THR C 77 39.10 -15.52 4.47
C THR C 77 38.77 -15.32 5.98
N ARG C 78 37.91 -16.20 6.50
CA ARG C 78 37.33 -16.29 7.88
C ARG C 78 37.26 -14.99 8.58
N ALA C 79 36.63 -14.03 7.96
CA ALA C 79 36.60 -12.74 8.56
C ALA C 79 35.36 -12.02 8.07
N THR C 80 34.78 -11.13 8.96
CA THR C 80 33.43 -11.19 9.49
C THR C 80 32.45 -11.37 8.27
N PHE C 81 31.83 -12.53 8.24
CA PHE C 81 31.14 -12.93 7.02
C PHE C 81 29.73 -12.61 7.45
N ILE C 82 29.15 -11.51 6.77
CA ILE C 82 27.86 -11.03 7.12
C ILE C 82 27.02 -11.42 5.97
N ARG C 83 26.01 -12.32 6.21
CA ARG C 83 25.18 -12.86 5.19
C ARG C 83 23.92 -12.19 5.44
N VAL C 84 23.36 -11.47 4.39
CA VAL C 84 22.03 -10.89 4.52
C VAL C 84 21.48 -11.27 3.22
N VAL C 85 20.23 -10.96 2.97
CA VAL C 85 19.38 -11.36 1.86
C VAL C 85 18.67 -9.98 1.70
N GLY C 86 18.52 -9.47 0.44
CA GLY C 86 17.94 -8.18 0.18
C GLY C 86 16.46 -8.14 0.25
N SER C 87 15.88 -9.33 0.38
CA SER C 87 14.50 -9.50 0.47
C SER C 87 14.11 -9.28 1.96
N GLU C 88 15.03 -9.16 2.88
CA GLU C 88 14.86 -9.14 4.33
C GLU C 88 14.66 -7.73 4.86
N PHE C 89 14.85 -6.77 4.00
CA PHE C 89 14.46 -5.40 4.29
C PHE C 89 13.08 -5.30 3.75
N VAL C 90 12.36 -4.39 4.34
CA VAL C 90 11.12 -3.88 3.97
C VAL C 90 10.12 -4.75 4.73
N GLN C 91 9.34 -4.11 5.66
CA GLN C 91 8.39 -4.62 6.54
C GLN C 91 7.18 -3.65 6.49
N LYS C 92 6.15 -4.06 7.27
CA LYS C 92 4.80 -3.51 7.28
C LYS C 92 4.87 -2.06 7.81
N TYR C 93 5.82 -1.78 8.72
CA TYR C 93 6.06 -0.43 9.20
C TYR C 93 6.89 0.30 8.20
N ILE C 94 6.31 1.19 7.33
CA ILE C 94 6.81 2.49 6.94
C ILE C 94 8.25 2.72 7.30
N GLY C 95 9.10 2.49 6.31
CA GLY C 95 10.54 2.65 6.29
C GLY C 95 11.33 1.89 7.35
N GLU C 96 10.87 0.71 7.80
CA GLU C 96 11.62 -0.15 8.74
C GLU C 96 12.81 -0.66 7.90
N GLY C 97 12.73 -0.80 6.53
CA GLY C 97 13.67 -1.64 5.82
C GLY C 97 14.92 -0.81 5.74
N ALA C 98 14.81 0.47 5.51
CA ALA C 98 15.85 1.48 5.41
C ALA C 98 16.55 1.68 6.74
N ARG C 99 15.81 1.87 7.87
CA ARG C 99 16.39 1.80 9.26
C ARG C 99 17.38 0.69 9.42
N LEU C 100 16.83 -0.49 8.98
CA LEU C 100 17.40 -1.78 8.98
C LEU C 100 18.75 -1.92 8.21
N VAL C 101 18.83 -1.29 7.04
CA VAL C 101 20.02 -1.06 6.26
C VAL C 101 21.03 -0.29 7.02
N ARG C 102 20.65 0.84 7.69
CA ARG C 102 21.56 1.71 8.48
C ARG C 102 22.26 0.86 9.66
N GLU C 103 21.43 -0.03 10.28
CA GLU C 103 21.86 -0.99 11.29
C GLU C 103 22.97 -1.94 10.79
N VAL C 104 22.90 -2.59 9.57
CA VAL C 104 23.86 -3.46 8.99
C VAL C 104 25.19 -2.68 8.82
N PHE C 105 25.10 -1.47 8.30
CA PHE C 105 26.26 -0.73 8.07
C PHE C 105 27.06 -0.21 9.23
N GLN C 106 26.33 0.27 10.28
CA GLN C 106 26.94 0.69 11.51
C GLN C 106 27.46 -0.47 12.18
N LEU C 107 26.95 -1.70 11.91
CA LEU C 107 27.32 -2.90 12.64
C LEU C 107 28.58 -3.47 12.04
N ALA C 108 28.64 -3.47 10.68
CA ALA C 108 29.78 -3.85 9.83
C ALA C 108 30.99 -3.02 10.03
N LYS C 109 30.83 -1.73 10.29
CA LYS C 109 31.82 -0.76 10.56
C LYS C 109 32.54 -1.06 11.91
N GLU C 110 31.68 -1.40 12.95
CA GLU C 110 32.19 -1.74 14.26
C GLU C 110 33.01 -3.00 14.24
N LYS C 111 32.52 -3.98 13.48
CA LYS C 111 32.96 -5.39 13.47
C LYS C 111 33.97 -5.55 12.36
N ALA C 112 34.37 -4.49 11.62
CA ALA C 112 35.25 -4.44 10.52
C ALA C 112 36.62 -4.92 10.85
N PRO C 113 37.39 -5.59 9.99
CA PRO C 113 37.10 -6.16 8.67
C PRO C 113 35.93 -6.94 8.54
N SER C 114 35.10 -6.83 7.48
CA SER C 114 33.88 -7.46 7.35
C SER C 114 33.61 -7.57 5.86
N ILE C 115 32.99 -8.65 5.44
CA ILE C 115 32.44 -8.80 4.07
C ILE C 115 30.92 -9.03 4.16
N ILE C 116 30.14 -8.17 3.50
CA ILE C 116 28.74 -8.36 3.44
C ILE C 116 28.42 -9.16 2.15
N PHE C 117 27.76 -10.27 2.32
CA PHE C 117 27.23 -11.11 1.23
C PHE C 117 25.72 -10.94 1.02
N ILE C 118 25.27 -10.27 -0.07
CA ILE C 118 23.85 -10.04 -0.32
C ILE C 118 23.35 -11.05 -1.31
N ASP C 119 22.35 -11.81 -0.79
CA ASP C 119 21.75 -12.73 -1.76
C ASP C 119 20.55 -12.11 -2.32
N GLU C 120 20.45 -12.12 -3.67
CA GLU C 120 19.31 -11.64 -4.37
C GLU C 120 19.19 -10.16 -4.32
N LEU C 121 19.51 -9.48 -5.44
CA LEU C 121 19.38 -8.04 -5.54
C LEU C 121 18.12 -7.75 -6.27
N ASP C 122 17.28 -8.74 -6.75
CA ASP C 122 16.19 -8.46 -7.61
C ASP C 122 14.93 -8.00 -6.81
N ALA C 123 14.98 -8.20 -5.48
CA ALA C 123 13.93 -7.92 -4.52
C ALA C 123 14.20 -6.62 -3.79
N ILE C 124 15.22 -5.80 -4.24
CA ILE C 124 15.58 -4.67 -3.49
C ILE C 124 16.07 -3.65 -4.46
N ALA C 125 15.87 -3.80 -5.83
CA ALA C 125 16.35 -2.83 -6.80
C ALA C 125 15.39 -2.96 -7.96
N ALA C 126 15.22 -1.89 -8.68
CA ALA C 126 14.38 -1.90 -9.81
C ALA C 126 15.03 -0.89 -10.69
N ARG C 127 15.05 -1.07 -12.07
CA ARG C 127 15.73 -0.15 -12.95
C ARG C 127 14.79 0.97 -13.46
N ARG C 128 13.46 0.73 -13.22
CA ARG C 128 12.48 1.72 -13.42
C ARG C 128 12.27 2.45 -12.13
N THR C 129 11.66 3.65 -12.17
CA THR C 129 10.96 4.09 -11.01
C THR C 129 9.55 4.38 -11.47
N ASN C 130 8.74 4.54 -10.43
CA ASN C 130 7.28 4.72 -10.52
C ASN C 130 6.87 5.45 -9.23
N SER C 131 5.70 6.18 -9.26
CA SER C 131 5.36 7.06 -8.16
C SER C 131 3.94 6.50 -7.88
N ASP C 132 3.62 6.51 -6.56
CA ASP C 132 2.37 5.99 -6.01
C ASP C 132 2.13 4.52 -6.29
N THR C 133 3.20 3.67 -6.23
CA THR C 133 3.07 2.20 -6.29
C THR C 133 3.13 1.61 -4.88
N SER C 134 2.24 0.61 -4.52
CA SER C 134 2.18 0.05 -3.16
C SER C 134 3.38 -0.88 -2.95
N GLY C 135 3.69 -1.65 -4.00
CA GLY C 135 4.80 -2.59 -3.86
C GLY C 135 6.07 -2.23 -4.47
N ASP C 136 6.19 -1.01 -4.98
CA ASP C 136 7.35 -0.59 -5.62
C ASP C 136 7.61 0.87 -5.34
N ARG C 137 7.61 1.17 -4.05
CA ARG C 137 8.00 2.57 -3.77
C ARG C 137 8.76 2.68 -2.51
N GLU C 138 8.59 1.71 -1.55
CA GLU C 138 9.29 1.79 -0.33
C GLU C 138 10.52 0.98 -0.51
N VAL C 139 10.45 0.06 -1.55
CA VAL C 139 11.60 -0.76 -1.90
C VAL C 139 12.59 0.08 -2.66
N GLN C 140 12.17 1.30 -3.09
CA GLN C 140 13.06 2.23 -3.79
C GLN C 140 13.64 3.18 -2.77
N ARG C 141 13.04 3.27 -1.55
CA ARG C 141 13.44 4.11 -0.47
C ARG C 141 14.28 3.34 0.51
N THR C 142 14.49 2.00 0.21
CA THR C 142 15.42 1.26 1.06
C THR C 142 16.72 0.95 0.19
N MET C 143 16.57 0.87 -1.15
CA MET C 143 17.61 1.01 -2.20
C MET C 143 18.33 2.23 -2.14
N MET C 144 17.62 3.38 -2.14
CA MET C 144 18.18 4.72 -2.08
C MET C 144 18.94 4.88 -0.78
N GLN C 145 18.52 4.20 0.35
CA GLN C 145 19.28 4.26 1.57
C GLN C 145 20.62 3.65 1.50
N LEU C 146 20.59 2.48 0.77
CA LEU C 146 21.67 1.51 0.63
C LEU C 146 22.85 2.12 -0.09
N LEU C 147 22.56 2.87 -1.14
CA LEU C 147 23.58 3.46 -2.00
C LEU C 147 24.75 4.37 -1.54
N ALA C 148 25.01 4.42 -0.20
CA ALA C 148 24.67 5.59 0.56
C ALA C 148 25.08 5.30 1.96
N GLU C 149 25.57 4.09 2.28
CA GLU C 149 26.13 3.64 3.50
C GLU C 149 27.20 2.74 3.02
N LEU C 150 27.05 2.19 1.79
CA LEU C 150 27.99 1.24 1.22
C LEU C 150 29.21 2.06 0.78
N ASP C 151 28.98 3.09 -0.05
CA ASP C 151 29.90 4.21 -0.10
C ASP C 151 29.03 5.47 -0.14
N GLY C 152 29.57 6.64 0.22
CA GLY C 152 28.64 7.79 0.22
C GLY C 152 29.37 8.72 1.06
N PHE C 153 28.75 9.31 2.07
CA PHE C 153 29.48 10.10 3.00
C PHE C 153 30.39 9.18 3.89
N ASP C 154 29.85 8.02 4.25
CA ASP C 154 30.38 7.22 5.26
C ASP C 154 31.44 6.39 4.58
N PRO C 155 32.74 6.48 5.04
CA PRO C 155 33.93 5.84 4.39
C PRO C 155 33.61 4.42 4.00
N ARG C 156 34.09 3.92 2.81
CA ARG C 156 35.08 2.89 2.74
C ARG C 156 34.87 1.71 3.67
N GLY C 157 35.37 1.87 4.89
CA GLY C 157 35.52 0.90 5.97
C GLY C 157 36.48 -0.18 5.56
N ASP C 158 35.95 -1.43 5.51
CA ASP C 158 36.83 -2.37 4.95
C ASP C 158 35.80 -3.34 4.26
N VAL C 159 34.72 -2.78 3.68
CA VAL C 159 33.64 -3.53 2.99
C VAL C 159 33.60 -2.85 1.63
N LYS C 160 33.66 -3.60 0.43
CA LYS C 160 33.78 -5.01 0.24
C LYS C 160 32.52 -5.78 0.42
N VAL C 161 31.49 -5.37 -0.34
CA VAL C 161 30.15 -5.97 -0.28
C VAL C 161 30.02 -6.77 -1.59
N ILE C 162 29.72 -8.04 -1.49
CA ILE C 162 29.51 -9.05 -2.50
C ILE C 162 28.07 -9.12 -2.69
N GLY C 163 27.62 -8.68 -3.86
CA GLY C 163 26.33 -8.71 -4.33
C GLY C 163 26.22 -9.89 -5.35
N ALA C 164 24.96 -10.40 -5.34
CA ALA C 164 24.60 -11.65 -6.10
C ALA C 164 23.12 -11.48 -6.51
N THR C 165 22.84 -11.91 -7.77
CA THR C 165 21.55 -11.77 -8.33
C THR C 165 21.44 -12.64 -9.53
N ASN C 166 20.15 -12.80 -10.03
CA ASN C 166 19.95 -13.74 -11.02
C ASN C 166 19.79 -13.02 -12.28
N ARG C 167 19.48 -11.70 -12.34
CA ARG C 167 19.42 -10.87 -13.48
C ARG C 167 19.80 -9.51 -13.00
N ILE C 168 20.74 -8.77 -13.72
CA ILE C 168 21.09 -7.42 -13.52
C ILE C 168 20.22 -6.59 -14.39
N ASP C 169 19.30 -7.15 -15.22
CA ASP C 169 18.49 -6.38 -16.17
C ASP C 169 17.37 -5.67 -15.52
N ILE C 170 17.03 -6.08 -14.30
CA ILE C 170 15.90 -5.45 -13.57
C ILE C 170 16.48 -4.88 -12.33
N LEU C 171 17.74 -4.48 -12.36
CA LEU C 171 18.37 -3.91 -11.22
C LEU C 171 18.70 -2.44 -11.60
N ASP C 172 18.65 -1.55 -10.54
CA ASP C 172 18.88 -0.14 -10.65
C ASP C 172 20.31 0.11 -11.11
N PRO C 173 20.64 1.05 -11.94
CA PRO C 173 21.90 1.22 -12.54
C PRO C 173 22.92 1.79 -11.52
N ALA C 174 22.46 2.33 -10.40
CA ALA C 174 23.33 2.88 -9.40
C ALA C 174 24.13 1.77 -8.76
N ILE C 175 23.52 0.61 -8.53
CA ILE C 175 24.19 -0.64 -8.10
C ILE C 175 25.13 -1.06 -9.14
N LEU C 176 24.70 -0.98 -10.42
CA LEU C 176 25.33 -1.57 -11.59
C LEU C 176 26.66 -0.97 -11.94
N ARG C 177 26.84 0.31 -11.53
CA ARG C 177 28.07 1.07 -11.86
C ARG C 177 29.21 0.66 -10.95
N PRO C 178 30.43 0.78 -11.34
CA PRO C 178 31.60 0.42 -10.56
C PRO C 178 31.92 1.54 -9.59
N GLY C 179 33.06 1.50 -8.87
CA GLY C 179 33.43 2.43 -7.81
C GLY C 179 32.91 1.99 -6.50
N ARG C 180 32.04 1.00 -6.46
CA ARG C 180 31.54 0.26 -5.41
C ARG C 180 30.72 -0.73 -6.28
N PHE C 181 31.08 -1.99 -6.15
CA PHE C 181 30.74 -3.05 -7.00
C PHE C 181 31.70 -2.88 -8.22
N ASP C 182 32.96 -2.59 -7.95
CA ASP C 182 33.98 -2.29 -8.92
C ASP C 182 34.32 -3.40 -9.85
N ARG C 183 34.28 -4.70 -9.43
CA ARG C 183 34.44 -5.81 -10.41
C ARG C 183 33.08 -6.40 -10.56
N ILE C 184 32.60 -6.32 -11.78
CA ILE C 184 31.33 -6.74 -12.22
C ILE C 184 31.78 -8.16 -12.88
N ILE C 185 31.58 -9.25 -12.06
CA ILE C 185 31.96 -10.59 -12.52
C ILE C 185 30.78 -11.23 -13.05
N GLU C 186 30.68 -11.40 -14.43
CA GLU C 186 29.69 -12.29 -14.94
C GLU C 186 30.22 -13.67 -14.68
N VAL C 187 29.20 -14.58 -14.47
CA VAL C 187 29.42 -15.96 -14.18
C VAL C 187 28.62 -16.54 -15.34
N PRO C 188 29.19 -17.23 -16.37
CA PRO C 188 28.40 -17.64 -17.51
C PRO C 188 28.06 -19.03 -17.25
N LEU C 189 27.37 -19.69 -18.22
CA LEU C 189 27.13 -21.09 -18.15
C LEU C 189 28.46 -21.79 -18.33
N PRO C 190 28.72 -22.93 -17.70
CA PRO C 190 30.06 -23.54 -17.78
C PRO C 190 30.31 -24.10 -19.13
N THR C 191 31.66 -24.29 -19.51
CA THR C 191 32.03 -24.82 -20.85
C THR C 191 32.25 -26.28 -20.77
N PHE C 192 32.77 -26.91 -21.83
CA PHE C 192 32.93 -28.33 -22.05
C PHE C 192 33.77 -28.93 -20.90
N GLU C 193 34.96 -28.39 -20.58
CA GLU C 193 35.82 -28.74 -19.55
C GLU C 193 35.25 -28.40 -18.23
N GLY C 194 34.58 -27.25 -18.11
CA GLY C 194 33.84 -26.75 -17.01
C GLY C 194 32.78 -27.65 -16.46
N ARG C 195 31.98 -28.30 -17.34
CA ARG C 195 30.93 -29.26 -16.97
C ARG C 195 31.55 -30.49 -16.51
N ILE C 196 32.74 -30.83 -17.00
CA ILE C 196 33.47 -31.95 -16.51
C ILE C 196 33.95 -31.78 -15.02
N GLN C 197 34.49 -30.62 -14.62
CA GLN C 197 34.90 -30.43 -13.20
C GLN C 197 33.77 -30.53 -12.24
N ILE C 198 32.66 -29.91 -12.50
CA ILE C 198 31.41 -29.90 -11.76
C ILE C 198 30.93 -31.35 -11.56
N PHE C 199 30.93 -32.16 -12.57
CA PHE C 199 30.65 -33.57 -12.47
C PHE C 199 31.52 -34.26 -11.39
N LYS C 200 32.85 -33.98 -11.47
CA LYS C 200 33.78 -34.70 -10.62
C LYS C 200 33.61 -34.25 -9.16
N ILE C 201 33.13 -33.00 -8.91
CA ILE C 201 32.88 -32.64 -7.52
C ILE C 201 31.89 -33.50 -6.80
N HIS C 202 30.75 -33.77 -7.50
CA HIS C 202 29.70 -34.59 -6.87
C HIS C 202 30.15 -36.02 -6.87
N THR C 203 30.80 -36.43 -8.00
CA THR C 203 31.28 -37.79 -8.21
C THR C 203 32.30 -38.22 -7.27
N ARG C 204 33.15 -37.31 -6.70
CA ARG C 204 34.25 -37.37 -5.73
C ARG C 204 33.64 -37.93 -4.47
N LYS C 205 32.41 -37.50 -4.14
CA LYS C 205 31.55 -37.99 -3.03
C LYS C 205 31.00 -39.30 -3.26
N MET C 206 30.69 -39.58 -4.54
CA MET C 206 30.16 -40.87 -4.93
C MET C 206 31.20 -41.89 -5.30
N LYS C 207 30.61 -43.06 -5.43
CA LYS C 207 31.28 -44.24 -5.96
C LYS C 207 30.86 -44.24 -7.35
N LEU C 208 31.68 -44.81 -8.20
CA LEU C 208 31.46 -44.80 -9.62
C LEU C 208 31.82 -46.13 -10.25
N ALA C 209 31.66 -46.39 -11.55
CA ALA C 209 32.30 -47.51 -12.27
C ALA C 209 33.53 -46.96 -12.92
N GLU C 210 34.38 -47.84 -13.50
CA GLU C 210 35.63 -47.45 -14.08
C GLU C 210 35.57 -47.47 -15.56
N ASP C 211 34.32 -47.50 -16.11
CA ASP C 211 34.04 -47.25 -17.55
C ASP C 211 33.34 -45.91 -17.65
N VAL C 212 33.45 -45.09 -16.57
CA VAL C 212 32.91 -43.76 -16.54
C VAL C 212 33.86 -42.69 -17.09
N ASP C 213 33.45 -42.10 -18.27
CA ASP C 213 34.27 -41.20 -19.06
C ASP C 213 33.44 -39.96 -18.94
N PHE C 214 34.00 -38.88 -18.34
CA PHE C 214 33.26 -37.60 -18.09
C PHE C 214 33.05 -36.79 -19.26
N LYS C 215 33.90 -37.10 -20.29
CA LYS C 215 34.06 -36.34 -21.48
C LYS C 215 32.83 -36.60 -22.33
N GLU C 216 32.37 -37.81 -22.34
CA GLU C 216 31.27 -38.36 -23.11
C GLU C 216 30.02 -37.78 -22.52
N LEU C 217 29.95 -37.78 -21.14
CA LEU C 217 28.71 -37.31 -20.43
C LEU C 217 28.53 -35.81 -20.64
N ALA C 218 29.66 -35.02 -20.65
CA ALA C 218 29.65 -33.64 -20.78
C ALA C 218 29.19 -33.18 -22.13
N ARG C 219 29.41 -34.00 -23.20
CA ARG C 219 28.89 -33.76 -24.56
C ARG C 219 27.40 -33.72 -24.55
N ILE C 220 26.79 -34.72 -23.90
CA ILE C 220 25.34 -34.79 -23.84
C ILE C 220 24.69 -33.66 -23.10
N THR C 221 25.32 -33.31 -21.96
CA THR C 221 24.80 -32.28 -21.05
C THR C 221 25.28 -30.85 -21.45
N GLU C 222 25.64 -30.60 -22.72
CA GLU C 222 25.87 -29.22 -23.30
C GLU C 222 24.55 -28.42 -23.32
N GLY C 223 24.66 -27.21 -22.70
CA GLY C 223 23.62 -26.18 -22.55
C GLY C 223 22.88 -26.43 -21.31
N ALA C 224 23.47 -27.02 -20.26
CA ALA C 224 22.82 -27.22 -18.98
C ALA C 224 23.82 -26.54 -17.97
N SER C 225 23.28 -26.07 -16.82
CA SER C 225 23.97 -25.51 -15.70
C SER C 225 24.41 -26.46 -14.60
N GLY C 226 25.17 -25.99 -13.61
CA GLY C 226 25.77 -26.80 -12.60
C GLY C 226 24.76 -27.52 -11.71
N ALA C 227 23.60 -26.84 -11.58
CA ALA C 227 22.48 -27.36 -10.89
C ALA C 227 21.81 -28.53 -11.55
N ASP C 228 21.71 -28.61 -12.85
CA ASP C 228 21.26 -29.72 -13.62
C ASP C 228 22.26 -30.85 -13.43
N ILE C 229 23.55 -30.57 -13.39
CA ILE C 229 24.49 -31.66 -13.16
C ILE C 229 24.41 -32.37 -11.83
N LYS C 230 24.16 -31.65 -10.72
CA LYS C 230 24.02 -32.18 -9.37
C LYS C 230 22.85 -33.15 -9.27
N ALA C 231 21.67 -32.73 -9.85
CA ALA C 231 20.46 -33.45 -9.91
C ALA C 231 20.58 -34.76 -10.75
N ILE C 232 21.39 -34.74 -11.86
CA ILE C 232 21.70 -35.83 -12.79
C ILE C 232 22.35 -36.96 -11.96
N CYS C 233 23.36 -36.58 -11.11
CA CYS C 233 24.08 -37.52 -10.28
C CYS C 233 23.28 -38.15 -9.14
N THR C 234 22.45 -37.27 -8.56
CA THR C 234 21.50 -37.61 -7.60
C THR C 234 20.45 -38.57 -8.03
N GLU C 235 19.82 -38.38 -9.16
CA GLU C 235 18.88 -39.12 -9.84
C GLU C 235 19.48 -40.33 -10.36
N ALA C 236 20.73 -40.30 -10.91
CA ALA C 236 21.47 -41.48 -11.29
C ALA C 236 21.69 -42.41 -10.13
N GLY C 237 21.94 -41.92 -8.88
CA GLY C 237 22.03 -42.71 -7.68
C GLY C 237 20.81 -43.46 -7.33
N MET C 238 19.67 -42.83 -7.64
CA MET C 238 18.28 -43.39 -7.31
C MET C 238 18.09 -44.62 -8.10
N PHE C 239 18.65 -44.69 -9.38
CA PHE C 239 18.60 -45.78 -10.29
C PHE C 239 19.50 -46.90 -9.73
N ALA C 240 20.66 -46.49 -9.09
CA ALA C 240 21.62 -47.40 -8.43
C ALA C 240 21.01 -48.12 -7.29
N ILE C 241 20.08 -47.50 -6.46
CA ILE C 241 19.44 -47.94 -5.31
C ILE C 241 18.44 -49.04 -5.69
N ARG C 242 17.62 -48.73 -6.76
CA ARG C 242 16.50 -49.61 -7.20
C ARG C 242 17.06 -50.96 -7.61
N GLU C 243 18.25 -50.92 -8.22
CA GLU C 243 18.94 -52.08 -8.75
C GLU C 243 19.94 -52.63 -7.83
N GLU C 244 20.12 -52.06 -6.55
CA GLU C 244 20.96 -52.50 -5.43
C GLU C 244 22.44 -52.52 -5.66
N ARG C 245 23.05 -51.40 -6.14
CA ARG C 245 24.46 -51.29 -6.25
C ARG C 245 24.89 -50.13 -5.40
N ALA C 246 26.12 -50.17 -4.92
CA ALA C 246 26.65 -49.20 -3.99
C ALA C 246 27.51 -48.20 -4.77
N LYS C 247 27.43 -48.38 -6.15
CA LYS C 247 28.12 -47.47 -7.09
C LYS C 247 27.17 -47.06 -8.12
N VAL C 248 27.43 -45.94 -8.85
CA VAL C 248 26.70 -45.43 -10.00
C VAL C 248 27.44 -45.81 -11.26
N THR C 249 26.90 -46.60 -12.14
CA THR C 249 27.56 -47.09 -13.36
C THR C 249 27.33 -46.07 -14.44
N MET C 250 28.03 -46.15 -15.59
CA MET C 250 27.88 -45.20 -16.67
C MET C 250 26.52 -45.10 -17.28
N LEU C 251 25.83 -46.24 -17.35
CA LEU C 251 24.47 -46.33 -17.98
C LEU C 251 23.47 -45.50 -17.12
N ASP C 252 23.56 -45.48 -15.81
CA ASP C 252 22.67 -44.59 -14.94
C ASP C 252 22.91 -43.16 -15.24
N PHE C 253 24.16 -42.78 -15.51
CA PHE C 253 24.43 -41.39 -15.79
C PHE C 253 23.72 -41.01 -17.06
N THR C 254 23.70 -41.82 -18.11
CA THR C 254 23.06 -41.48 -19.35
C THR C 254 21.54 -41.46 -19.18
N LYS C 255 20.94 -42.27 -18.25
CA LYS C 255 19.51 -42.35 -18.04
C LYS C 255 19.05 -41.04 -17.45
N ALA C 256 19.95 -40.61 -16.55
CA ALA C 256 19.66 -39.47 -15.75
C ALA C 256 19.70 -38.10 -16.50
N ILE C 257 20.60 -38.00 -17.50
CA ILE C 257 20.86 -36.89 -18.32
C ILE C 257 19.61 -36.71 -19.15
N GLU C 258 19.05 -37.88 -19.57
CA GLU C 258 17.82 -37.91 -20.37
C GLU C 258 16.58 -37.57 -19.56
N LYS C 259 16.46 -38.18 -18.41
CA LYS C 259 15.38 -37.91 -17.50
C LYS C 259 15.26 -36.42 -17.08
N VAL C 260 16.37 -35.94 -16.39
CA VAL C 260 16.37 -34.60 -15.77
C VAL C 260 16.18 -33.53 -16.81
N LEU C 261 16.97 -33.55 -17.87
CA LEU C 261 16.98 -32.53 -18.88
C LEU C 261 15.66 -32.44 -19.64
N LYS C 262 15.05 -33.65 -19.95
CA LYS C 262 13.79 -33.79 -20.57
C LYS C 262 12.65 -33.16 -19.71
N LYS C 263 12.67 -33.26 -18.39
CA LYS C 263 11.59 -32.81 -17.55
C LYS C 263 11.73 -31.35 -17.20
N THR C 264 12.68 -30.62 -17.76
CA THR C 264 12.97 -29.22 -17.47
C THR C 264 12.42 -28.44 -18.57
N THR C 265 12.77 -28.86 -19.80
CA THR C 265 12.48 -28.11 -21.01
C THR C 265 12.59 -29.08 -22.24
N PRO C 266 11.86 -28.84 -23.34
CA PRO C 266 12.01 -29.45 -24.67
C PRO C 266 12.64 -28.42 -25.57
N ILE C 267 14.01 -28.47 -25.75
CA ILE C 267 14.73 -27.45 -26.50
C ILE C 267 14.40 -27.60 -27.96
N LYS D 1 6.46 -20.11 20.55
CA LYS D 1 5.12 -20.32 21.02
C LYS D 1 4.14 -19.26 20.74
N ASP D 2 3.92 -19.07 19.44
CA ASP D 2 3.14 -17.99 18.82
C ASP D 2 2.20 -18.83 17.96
N PRO D 3 0.84 -18.79 18.12
CA PRO D 3 -0.12 -19.54 17.42
C PRO D 3 -0.11 -19.19 15.91
N MET D 4 0.48 -17.99 15.48
CA MET D 4 0.50 -17.35 14.15
C MET D 4 1.18 -18.15 13.09
N VAL D 5 2.32 -18.83 13.42
CA VAL D 5 3.03 -19.78 12.54
C VAL D 5 3.05 -21.16 13.12
N TYR D 6 2.86 -21.37 14.43
CA TYR D 6 2.76 -22.69 15.01
C TYR D 6 1.49 -23.37 14.62
N GLY D 7 0.43 -22.61 14.24
CA GLY D 7 -0.75 -23.22 13.75
C GLY D 7 -0.70 -23.99 12.49
N PHE D 8 0.24 -23.65 11.60
CA PHE D 8 0.54 -24.27 10.30
C PHE D 8 1.07 -25.68 10.52
N GLU D 9 1.65 -26.01 11.69
CA GLU D 9 2.21 -27.33 12.07
C GLU D 9 1.04 -28.19 12.56
N VAL D 10 1.32 -29.53 12.64
CA VAL D 10 0.65 -30.68 12.13
C VAL D 10 -0.82 -30.57 12.05
N GLU D 11 -1.47 -31.15 11.03
CA GLU D 11 -2.81 -31.15 10.63
C GLU D 11 -3.65 -32.24 11.28
N GLU D 12 -3.31 -32.42 12.58
CA GLU D 12 -3.98 -33.32 13.52
C GLU D 12 -3.57 -34.78 13.29
N LYS D 13 -2.55 -34.99 12.45
CA LYS D 13 -2.04 -36.27 11.93
C LYS D 13 -2.92 -36.80 10.81
N PRO D 14 -2.57 -36.74 9.55
CA PRO D 14 -3.51 -37.12 8.47
C PRO D 14 -4.03 -38.51 8.53
N GLU D 15 -5.17 -38.79 7.85
CA GLU D 15 -5.80 -40.07 7.81
C GLU D 15 -5.58 -40.66 6.39
N VAL D 16 -5.13 -39.84 5.43
CA VAL D 16 -4.95 -40.14 4.09
C VAL D 16 -3.68 -40.98 3.92
N SER D 17 -3.81 -42.24 3.30
CA SER D 17 -2.72 -43.02 2.83
C SER D 17 -2.56 -42.87 1.38
N TYR D 18 -1.53 -43.53 0.85
CA TYR D 18 -1.12 -43.63 -0.52
C TYR D 18 -1.89 -44.80 -1.20
N GLU D 19 -2.90 -45.45 -0.58
CA GLU D 19 -3.78 -46.40 -1.14
C GLU D 19 -5.20 -45.91 -1.00
N ASP D 20 -5.34 -44.69 -0.35
CA ASP D 20 -6.62 -43.95 -0.27
C ASP D 20 -6.69 -43.01 -1.48
N ILE D 21 -5.49 -42.79 -2.09
CA ILE D 21 -5.41 -42.07 -3.37
C ILE D 21 -4.60 -42.95 -4.29
N GLY D 22 -4.96 -43.01 -5.57
CA GLY D 22 -4.29 -43.64 -6.66
C GLY D 22 -4.70 -43.06 -7.97
N GLY D 23 -4.43 -43.83 -9.01
CA GLY D 23 -4.65 -43.38 -10.38
C GLY D 23 -3.52 -42.63 -10.98
N LEU D 24 -2.56 -42.34 -10.13
CA LEU D 24 -1.34 -41.63 -10.36
C LEU D 24 -0.26 -42.44 -9.79
N ASP D 25 -0.52 -43.76 -9.86
CA ASP D 25 0.31 -44.79 -9.30
C ASP D 25 1.78 -44.61 -9.76
N VAL D 26 2.16 -44.29 -11.02
CA VAL D 26 3.58 -44.17 -11.37
C VAL D 26 4.15 -43.02 -10.55
N GLN D 27 3.37 -41.96 -10.51
CA GLN D 27 3.84 -40.72 -9.93
C GLN D 27 4.04 -41.00 -8.44
N ILE D 28 3.20 -41.81 -7.79
CA ILE D 28 3.31 -42.05 -6.34
C ILE D 28 4.64 -42.70 -5.96
N GLU D 29 5.11 -43.61 -6.85
CA GLU D 29 6.42 -44.30 -6.56
C GLU D 29 7.59 -43.41 -6.52
N GLU D 30 7.57 -42.47 -7.47
CA GLU D 30 8.58 -41.37 -7.61
C GLU D 30 8.67 -40.57 -6.42
N ILE D 31 7.49 -40.15 -5.86
CA ILE D 31 7.47 -39.24 -4.67
C ILE D 31 8.11 -39.94 -3.44
N ARG D 32 7.79 -41.23 -3.21
CA ARG D 32 8.23 -42.07 -2.10
C ARG D 32 9.73 -42.28 -2.05
N GLU D 33 10.36 -42.54 -3.22
CA GLU D 33 11.75 -42.67 -3.35
C GLU D 33 12.43 -41.41 -2.96
N ALA D 34 11.90 -40.21 -3.38
CA ALA D 34 12.62 -38.92 -3.16
C ALA D 34 12.49 -38.39 -1.82
N VAL D 35 11.36 -38.47 -1.22
CA VAL D 35 11.01 -37.73 0.04
C VAL D 35 10.97 -38.63 1.19
N GLU D 36 10.16 -39.71 1.14
CA GLU D 36 9.84 -40.62 2.23
C GLU D 36 11.12 -41.38 2.62
N LEU D 37 11.78 -41.94 1.58
CA LEU D 37 12.85 -42.86 1.62
C LEU D 37 14.01 -42.34 2.30
N PRO D 38 14.56 -41.14 2.23
CA PRO D 38 15.65 -40.70 3.07
C PRO D 38 15.42 -40.88 4.55
N LEU D 39 14.21 -40.64 5.02
CA LEU D 39 13.76 -40.62 6.35
C LEU D 39 13.69 -42.11 6.79
N LEU D 40 13.28 -42.95 5.87
CA LEU D 40 13.07 -44.34 6.15
C LEU D 40 14.38 -45.05 6.52
N LYS D 41 15.42 -44.86 5.68
CA LYS D 41 16.69 -45.47 5.87
C LYS D 41 17.68 -44.48 5.30
N PRO D 42 18.45 -43.81 6.09
CA PRO D 42 19.58 -42.91 5.68
C PRO D 42 20.73 -43.62 4.90
N GLU D 43 21.11 -44.83 5.27
CA GLU D 43 22.32 -45.52 4.80
C GLU D 43 22.33 -45.72 3.33
N LEU D 44 21.21 -45.69 2.55
CA LEU D 44 21.16 -45.93 1.12
C LEU D 44 21.84 -44.84 0.39
N PHE D 45 21.81 -43.60 0.98
CA PHE D 45 22.24 -42.37 0.35
C PHE D 45 23.69 -42.33 0.61
N ALA D 46 24.15 -42.76 1.84
CA ALA D 46 25.54 -42.95 2.28
C ALA D 46 26.29 -43.91 1.52
N GLU D 47 25.62 -45.08 1.21
CA GLU D 47 26.11 -46.22 0.39
C GLU D 47 26.48 -45.76 -0.99
N VAL D 48 25.70 -44.79 -1.62
CA VAL D 48 25.93 -44.37 -3.00
C VAL D 48 26.60 -43.05 -3.05
N GLY D 49 26.69 -42.45 -1.84
CA GLY D 49 27.51 -41.37 -1.54
C GLY D 49 27.03 -40.09 -2.11
N ILE D 50 25.66 -40.09 -2.22
CA ILE D 50 24.90 -39.05 -2.78
C ILE D 50 24.39 -38.12 -1.77
N GLU D 51 24.11 -36.85 -2.18
CA GLU D 51 23.36 -35.88 -1.45
C GLU D 51 21.86 -36.21 -1.65
N PRO D 52 21.03 -36.35 -0.63
CA PRO D 52 19.60 -36.71 -0.86
C PRO D 52 18.91 -35.61 -1.49
N PRO D 53 17.91 -35.95 -2.32
CA PRO D 53 17.02 -35.09 -3.07
C PRO D 53 16.56 -33.97 -2.22
N LYS D 54 16.23 -32.80 -2.81
CA LYS D 54 15.57 -31.76 -2.04
C LYS D 54 14.10 -32.13 -1.71
N GLY D 55 13.47 -32.51 -2.84
CA GLY D 55 12.12 -33.01 -2.72
C GLY D 55 11.49 -33.02 -4.09
N VAL D 56 10.19 -32.81 -4.14
CA VAL D 56 9.47 -32.92 -5.38
C VAL D 56 8.68 -31.72 -5.67
N LEU D 57 8.62 -31.43 -6.97
CA LEU D 57 7.77 -30.31 -7.41
C LEU D 57 6.72 -30.89 -8.26
N LEU D 58 5.45 -30.72 -7.88
CA LEU D 58 4.37 -31.33 -8.65
C LEU D 58 3.74 -30.26 -9.54
N TYR D 59 3.44 -30.59 -10.81
CA TYR D 59 2.75 -29.72 -11.68
C TYR D 59 1.71 -30.51 -12.33
N GLY D 60 0.73 -29.78 -12.95
CA GLY D 60 -0.36 -30.44 -13.50
C GLY D 60 -1.58 -29.59 -13.49
N PRO D 61 -2.71 -30.05 -13.99
CA PRO D 61 -4.02 -29.47 -13.83
C PRO D 61 -4.41 -29.22 -12.39
N PRO D 62 -5.63 -28.61 -12.22
CA PRO D 62 -6.32 -28.53 -10.95
C PRO D 62 -7.13 -29.79 -10.71
N GLY D 63 -7.42 -30.10 -9.46
CA GLY D 63 -8.20 -31.19 -8.91
C GLY D 63 -7.51 -32.55 -8.87
N THR D 64 -6.33 -32.60 -9.46
CA THR D 64 -5.53 -33.80 -9.70
C THR D 64 -5.23 -34.53 -8.41
N GLY D 65 -4.94 -33.80 -7.30
CA GLY D 65 -4.73 -34.42 -5.99
C GLY D 65 -3.39 -34.23 -5.48
N LYS D 66 -2.74 -33.12 -5.92
CA LYS D 66 -1.48 -32.68 -5.39
C LYS D 66 -1.41 -32.62 -3.87
N THR D 67 -2.49 -32.08 -3.19
CA THR D 67 -2.63 -32.00 -1.73
C THR D 67 -2.49 -33.35 -1.12
N LEU D 68 -3.18 -34.37 -1.75
CA LEU D 68 -3.36 -35.68 -1.24
C LEU D 68 -2.11 -36.41 -1.27
N LEU D 69 -1.08 -36.01 -2.07
CA LEU D 69 0.17 -36.70 -2.18
C LEU D 69 1.03 -36.21 -1.03
N ALA D 70 0.94 -34.89 -0.69
CA ALA D 70 1.58 -34.44 0.50
C ALA D 70 1.06 -34.99 1.81
N LYS D 71 -0.34 -35.14 1.89
CA LYS D 71 -1.06 -35.72 3.03
C LYS D 71 -0.73 -37.16 3.27
N ALA D 72 -0.62 -37.95 2.19
CA ALA D 72 -0.25 -39.31 2.23
C ALA D 72 1.16 -39.47 2.83
N VAL D 73 2.11 -38.66 2.36
CA VAL D 73 3.51 -38.80 2.64
C VAL D 73 3.74 -38.55 4.11
N ALA D 74 3.05 -37.51 4.58
CA ALA D 74 3.12 -36.96 5.89
C ALA D 74 2.71 -38.02 6.88
N ASN D 75 1.61 -38.83 6.54
CA ASN D 75 1.14 -39.85 7.44
C ASN D 75 2.19 -40.87 7.53
N GLN D 76 2.71 -41.25 6.37
CA GLN D 76 3.64 -42.36 6.29
C GLN D 76 5.07 -42.16 6.89
N THR D 77 5.62 -40.91 6.78
CA THR D 77 7.01 -40.70 7.20
C THR D 77 7.21 -40.76 8.74
N ARG D 78 6.20 -40.35 9.58
CA ARG D 78 6.32 -40.21 11.03
C ARG D 78 7.29 -39.08 11.33
N ALA D 79 6.88 -37.91 10.88
CA ALA D 79 7.64 -36.75 11.08
C ALA D 79 6.84 -35.50 10.94
N THR D 80 7.43 -34.27 11.21
CA THR D 80 6.79 -33.00 11.16
C THR D 80 6.24 -32.75 9.70
N PHE D 81 4.98 -32.19 9.71
CA PHE D 81 4.23 -31.80 8.54
C PHE D 81 3.73 -30.43 8.86
N ILE D 82 4.13 -29.47 7.93
CA ILE D 82 3.74 -28.06 8.05
C ILE D 82 3.00 -27.83 6.73
N ARG D 83 1.68 -27.57 6.74
CA ARG D 83 0.94 -27.38 5.54
C ARG D 83 0.57 -25.94 5.48
N VAL D 84 0.96 -25.20 4.44
CA VAL D 84 0.78 -23.82 4.32
C VAL D 84 0.14 -23.70 2.94
N VAL D 85 -0.97 -22.87 2.77
CA VAL D 85 -1.40 -22.42 1.44
C VAL D 85 -0.53 -21.35 0.94
N GLY D 86 0.17 -21.59 -0.21
CA GLY D 86 1.25 -20.62 -0.53
C GLY D 86 0.87 -19.27 -1.10
N SER D 87 -0.44 -19.20 -1.50
CA SER D 87 -1.04 -17.97 -2.03
C SER D 87 -1.61 -17.18 -0.84
N GLU D 88 -1.71 -17.76 0.38
CA GLU D 88 -2.10 -16.97 1.55
C GLU D 88 -1.08 -15.81 1.88
N PHE D 89 0.22 -16.17 1.68
CA PHE D 89 1.33 -15.23 1.69
C PHE D 89 1.07 -14.23 0.74
N VAL D 90 1.62 -13.00 1.03
CA VAL D 90 1.63 -11.88 0.16
C VAL D 90 0.55 -11.07 0.79
N GLN D 91 1.01 -9.90 1.36
CA GLN D 91 0.13 -8.99 2.05
C GLN D 91 0.39 -7.65 1.30
N LYS D 92 -0.63 -6.75 1.45
CA LYS D 92 -0.68 -5.42 0.90
C LYS D 92 0.00 -4.51 1.83
N TYR D 93 0.81 -5.07 2.77
CA TYR D 93 1.49 -4.43 3.83
C TYR D 93 2.84 -5.00 3.63
N ILE D 94 3.30 -4.89 2.37
CA ILE D 94 4.66 -4.70 2.02
C ILE D 94 5.58 -5.46 2.92
N GLY D 95 5.92 -6.68 2.51
CA GLY D 95 7.03 -7.36 3.16
C GLY D 95 6.46 -8.17 4.36
N GLU D 96 5.17 -8.18 4.67
CA GLU D 96 4.64 -9.10 5.60
C GLU D 96 4.58 -10.51 5.02
N GLY D 97 4.12 -10.72 3.74
CA GLY D 97 4.28 -11.93 2.97
C GLY D 97 5.64 -12.61 2.98
N ALA D 98 6.76 -11.80 2.90
CA ALA D 98 8.11 -12.27 2.99
C ALA D 98 8.49 -12.69 4.39
N ARG D 99 8.27 -11.91 5.49
CA ARG D 99 8.28 -12.29 6.82
C ARG D 99 7.65 -13.68 7.10
N LEU D 100 6.42 -13.96 6.61
CA LEU D 100 5.64 -15.18 6.91
C LEU D 100 6.34 -16.41 6.39
N VAL D 101 6.94 -16.38 5.14
CA VAL D 101 7.72 -17.57 4.59
C VAL D 101 9.03 -17.71 5.33
N ARG D 102 9.63 -16.65 5.90
CA ARG D 102 10.89 -16.62 6.60
C ARG D 102 10.89 -17.38 7.91
N GLU D 103 9.80 -17.15 8.68
CA GLU D 103 9.46 -17.72 9.93
C GLU D 103 9.09 -19.16 9.78
N VAL D 104 8.33 -19.56 8.69
CA VAL D 104 7.88 -20.95 8.54
C VAL D 104 9.05 -21.85 8.29
N PHE D 105 9.95 -21.33 7.46
CA PHE D 105 11.21 -21.94 7.25
C PHE D 105 12.15 -22.07 8.40
N GLN D 106 12.29 -21.02 9.29
CA GLN D 106 13.19 -21.04 10.34
C GLN D 106 12.71 -22.06 11.38
N LEU D 107 11.36 -22.02 11.59
CA LEU D 107 10.64 -22.92 12.49
C LEU D 107 10.82 -24.33 12.07
N ALA D 108 10.90 -24.64 10.76
CA ALA D 108 11.06 -25.96 10.13
C ALA D 108 12.43 -26.56 10.56
N LYS D 109 13.43 -25.71 10.75
CA LYS D 109 14.72 -26.14 11.17
C LYS D 109 14.74 -26.52 12.63
N GLU D 110 13.90 -25.79 13.39
CA GLU D 110 13.73 -25.98 14.90
C GLU D 110 13.07 -27.30 15.18
N LYS D 111 12.10 -27.75 14.33
CA LYS D 111 11.34 -28.91 14.48
C LYS D 111 11.74 -29.95 13.48
N ALA D 112 13.03 -29.93 12.94
CA ALA D 112 13.51 -30.85 11.94
C ALA D 112 13.42 -32.31 12.41
N PRO D 113 13.08 -33.34 11.72
CA PRO D 113 12.75 -33.38 10.29
C PRO D 113 11.48 -32.72 10.02
N SER D 114 11.37 -32.02 8.88
CA SER D 114 10.10 -31.42 8.60
C SER D 114 9.83 -31.30 7.17
N ILE D 115 8.63 -31.47 6.84
CA ILE D 115 8.09 -31.39 5.51
C ILE D 115 7.20 -30.16 5.41
N ILE D 116 7.38 -29.28 4.40
CA ILE D 116 6.47 -28.15 4.23
C ILE D 116 5.77 -28.38 2.90
N PHE D 117 4.43 -28.18 2.87
CA PHE D 117 3.74 -28.21 1.57
C PHE D 117 3.34 -26.78 1.27
N ILE D 118 3.96 -26.19 0.24
CA ILE D 118 3.67 -24.81 -0.19
C ILE D 118 2.85 -25.06 -1.36
N ASP D 119 1.50 -24.88 -1.30
CA ASP D 119 0.55 -25.17 -2.42
C ASP D 119 0.41 -23.94 -3.26
N GLU D 120 0.16 -24.12 -4.58
CA GLU D 120 0.03 -23.04 -5.57
C GLU D 120 1.23 -22.12 -5.67
N LEU D 121 2.10 -22.40 -6.71
CA LEU D 121 3.23 -21.57 -6.82
C LEU D 121 2.97 -20.50 -7.82
N ASP D 122 1.67 -20.42 -8.21
CA ASP D 122 1.18 -19.59 -9.25
C ASP D 122 1.18 -18.10 -8.81
N ALA D 123 0.75 -17.89 -7.52
CA ALA D 123 0.31 -16.63 -6.91
C ALA D 123 1.40 -16.14 -6.03
N ILE D 124 2.54 -16.81 -6.06
CA ILE D 124 3.70 -16.49 -5.33
C ILE D 124 4.81 -16.47 -6.34
N ALA D 125 4.51 -16.52 -7.63
CA ALA D 125 5.47 -16.47 -8.73
C ALA D 125 4.99 -15.26 -9.47
N ALA D 126 5.95 -14.46 -10.07
CA ALA D 126 5.57 -13.27 -10.79
C ALA D 126 6.26 -13.41 -12.14
N ARG D 127 6.14 -12.29 -12.88
CA ARG D 127 6.70 -12.21 -14.27
C ARG D 127 7.69 -11.10 -14.09
N ARG D 128 8.92 -11.20 -14.65
CA ARG D 128 9.90 -10.19 -14.42
C ARG D 128 9.43 -9.01 -15.19
N THR D 129 9.03 -9.19 -16.51
CA THR D 129 8.66 -8.13 -17.48
C THR D 129 7.30 -7.64 -17.01
N ASN D 130 6.96 -6.36 -17.12
CA ASN D 130 5.92 -5.57 -16.48
C ASN D 130 4.57 -6.00 -16.97
N SER D 131 3.60 -5.99 -15.96
CA SER D 131 2.26 -6.37 -16.15
C SER D 131 1.30 -5.83 -15.11
N ASP D 132 2.03 -5.36 -14.03
CA ASP D 132 1.45 -4.80 -12.77
C ASP D 132 2.58 -4.32 -11.93
N THR D 133 2.86 -3.00 -11.94
CA THR D 133 4.11 -2.39 -11.61
C THR D 133 4.30 -2.61 -10.11
N SER D 134 3.15 -2.51 -9.32
CA SER D 134 3.18 -2.75 -7.91
C SER D 134 3.01 -4.18 -7.49
N GLY D 135 2.31 -5.00 -8.31
CA GLY D 135 1.96 -6.46 -8.01
C GLY D 135 3.14 -7.33 -8.26
N ASP D 136 3.91 -7.14 -9.36
CA ASP D 136 5.09 -7.96 -9.62
C ASP D 136 6.19 -7.84 -8.57
N ARG D 137 6.51 -6.62 -8.04
CA ARG D 137 7.65 -6.42 -7.18
C ARG D 137 7.42 -7.04 -5.87
N GLU D 138 6.13 -6.95 -5.40
CA GLU D 138 5.62 -7.44 -4.13
C GLU D 138 5.66 -8.94 -3.98
N VAL D 139 5.25 -9.60 -5.08
CA VAL D 139 5.14 -11.00 -5.17
C VAL D 139 6.52 -11.58 -5.18
N GLN D 140 7.40 -10.88 -5.89
CA GLN D 140 8.74 -11.14 -6.11
C GLN D 140 9.39 -11.14 -4.79
N ARG D 141 9.07 -10.17 -3.86
CA ARG D 141 9.81 -10.08 -2.53
C ARG D 141 9.53 -11.37 -1.68
N THR D 142 8.20 -11.80 -1.69
CA THR D 142 7.79 -13.03 -1.00
C THR D 142 8.59 -14.20 -1.60
N MET D 143 8.68 -14.28 -2.98
CA MET D 143 9.18 -15.45 -3.76
C MET D 143 10.67 -15.69 -3.47
N MET D 144 11.49 -14.61 -3.53
CA MET D 144 12.89 -14.66 -3.42
C MET D 144 13.27 -14.77 -1.94
N GLN D 145 12.38 -14.49 -0.93
CA GLN D 145 12.61 -14.72 0.48
C GLN D 145 12.54 -16.19 0.76
N LEU D 146 11.46 -16.96 0.31
CA LEU D 146 11.30 -18.33 0.60
C LEU D 146 12.40 -19.17 -0.03
N LEU D 147 12.85 -18.80 -1.27
CA LEU D 147 13.95 -19.27 -2.04
C LEU D 147 15.24 -19.06 -1.31
N ALA D 148 15.39 -17.92 -0.57
CA ALA D 148 16.60 -17.53 0.19
C ALA D 148 16.90 -18.57 1.22
N GLU D 149 15.81 -18.98 1.93
CA GLU D 149 15.84 -19.97 3.04
C GLU D 149 16.03 -21.34 2.45
N LEU D 150 15.57 -21.49 1.19
CA LEU D 150 15.43 -22.80 0.54
C LEU D 150 16.87 -23.33 0.26
N ASP D 151 17.73 -22.42 -0.21
CA ASP D 151 19.16 -22.84 -0.38
C ASP D 151 19.98 -21.57 -0.75
N GLY D 152 19.59 -20.35 -0.42
CA GLY D 152 20.24 -19.10 -0.73
C GLY D 152 21.50 -19.04 -0.04
N PHE D 153 21.32 -19.42 1.21
CA PHE D 153 22.48 -19.61 2.09
C PHE D 153 22.11 -20.66 3.04
N ASP D 154 20.93 -20.56 3.65
CA ASP D 154 20.57 -21.21 4.84
C ASP D 154 20.33 -22.70 4.48
N PRO D 155 20.55 -23.79 5.32
CA PRO D 155 20.57 -25.16 4.84
C PRO D 155 19.12 -25.57 4.53
N ARG D 156 18.91 -26.79 3.92
CA ARG D 156 17.69 -27.55 3.88
C ARG D 156 17.24 -27.82 5.31
N GLY D 157 18.09 -28.42 6.25
CA GLY D 157 17.56 -28.70 7.61
C GLY D 157 16.80 -29.94 7.66
N ASP D 158 16.66 -30.63 6.46
CA ASP D 158 16.03 -31.93 6.17
C ASP D 158 14.61 -31.45 5.99
N VAL D 159 14.47 -30.52 5.01
CA VAL D 159 13.23 -29.99 4.55
C VAL D 159 13.58 -29.97 3.12
N LYS D 160 12.84 -30.56 2.23
CA LYS D 160 11.71 -31.47 2.15
C LYS D 160 10.46 -30.71 1.78
N VAL D 161 10.54 -30.07 0.60
CA VAL D 161 9.49 -29.35 -0.16
C VAL D 161 9.42 -30.12 -1.41
N ILE D 162 8.37 -30.78 -1.92
CA ILE D 162 7.00 -30.99 -1.45
C ILE D 162 6.29 -29.71 -1.59
N GLY D 163 5.54 -29.56 -2.70
CA GLY D 163 4.93 -28.25 -3.03
C GLY D 163 4.41 -28.37 -4.37
N ALA D 164 3.22 -27.80 -4.71
CA ALA D 164 2.41 -27.94 -5.87
C ALA D 164 2.14 -26.66 -6.69
N THR D 165 1.66 -26.86 -7.97
CA THR D 165 1.34 -25.69 -8.73
C THR D 165 0.46 -26.05 -9.84
N ASN D 166 -0.42 -25.11 -10.23
CA ASN D 166 -1.40 -25.37 -11.28
C ASN D 166 -0.74 -25.23 -12.66
N ARG D 167 0.19 -24.25 -12.79
CA ARG D 167 0.89 -23.85 -13.99
C ARG D 167 2.40 -23.60 -13.65
N ILE D 168 3.23 -24.17 -14.56
CA ILE D 168 4.64 -24.25 -14.25
C ILE D 168 5.38 -23.24 -15.09
N ASP D 169 4.67 -22.61 -16.07
CA ASP D 169 5.11 -21.80 -17.16
C ASP D 169 4.93 -20.40 -16.62
N ILE D 170 4.48 -20.20 -15.34
CA ILE D 170 4.22 -18.91 -14.84
C ILE D 170 5.33 -18.62 -13.84
N LEU D 171 6.24 -19.59 -13.56
CA LEU D 171 7.27 -19.51 -12.55
C LEU D 171 8.40 -18.81 -13.02
N ASP D 172 9.10 -18.04 -12.15
CA ASP D 172 10.33 -17.35 -12.42
C ASP D 172 11.44 -18.39 -12.71
N PRO D 173 12.47 -17.97 -13.35
CA PRO D 173 13.57 -18.88 -13.65
C PRO D 173 14.26 -19.51 -12.36
N ALA D 174 14.19 -18.74 -11.26
CA ALA D 174 14.88 -19.01 -10.02
C ALA D 174 14.48 -20.34 -9.36
N ILE D 175 13.13 -20.56 -9.27
CA ILE D 175 12.58 -21.77 -8.67
C ILE D 175 12.47 -22.91 -9.66
N LEU D 176 12.42 -22.60 -10.98
CA LEU D 176 12.11 -23.51 -12.06
C LEU D 176 13.25 -24.66 -12.11
N ARG D 177 14.54 -24.20 -11.97
CA ARG D 177 15.74 -25.07 -12.17
C ARG D 177 15.75 -26.03 -10.98
N PRO D 178 16.34 -27.21 -10.99
CA PRO D 178 16.31 -28.07 -9.79
C PRO D 178 17.44 -27.64 -8.85
N GLY D 179 17.53 -28.30 -7.72
CA GLY D 179 18.44 -27.93 -6.67
C GLY D 179 17.81 -27.09 -5.67
N ARG D 180 16.48 -26.72 -5.84
CA ARG D 180 15.63 -26.14 -4.80
C ARG D 180 14.33 -26.91 -4.75
N PHE D 181 14.26 -27.87 -5.65
CA PHE D 181 13.21 -28.72 -5.86
C PHE D 181 13.78 -29.70 -6.78
N ASP D 182 14.26 -30.81 -6.18
CA ASP D 182 15.13 -31.65 -6.99
C ASP D 182 14.47 -32.42 -8.18
N ARG D 183 13.17 -32.98 -8.00
CA ARG D 183 12.61 -33.95 -8.94
C ARG D 183 11.33 -33.37 -9.43
N ILE D 184 11.29 -32.81 -10.60
CA ILE D 184 10.08 -32.24 -11.20
C ILE D 184 9.25 -33.38 -11.77
N ILE D 185 8.02 -33.45 -11.25
CA ILE D 185 7.12 -34.59 -11.53
C ILE D 185 5.98 -33.97 -12.30
N GLU D 186 5.64 -34.54 -13.48
CA GLU D 186 4.43 -34.38 -14.24
C GLU D 186 3.42 -35.24 -13.62
N VAL D 187 2.29 -34.64 -13.39
CA VAL D 187 1.13 -35.30 -12.81
C VAL D 187 0.02 -34.80 -13.74
N PRO D 188 -0.42 -35.58 -14.69
CA PRO D 188 -1.31 -35.18 -15.78
C PRO D 188 -2.69 -35.62 -15.28
N LEU D 189 -3.75 -35.30 -16.04
CA LEU D 189 -5.16 -35.67 -15.73
C LEU D 189 -5.17 -37.23 -15.70
N PRO D 190 -6.01 -37.95 -15.01
CA PRO D 190 -6.14 -39.43 -14.98
C PRO D 190 -6.09 -40.04 -16.34
N THR D 191 -5.34 -41.18 -16.54
CA THR D 191 -5.27 -41.96 -17.69
C THR D 191 -6.50 -42.82 -17.68
N PHE D 192 -6.61 -43.64 -18.72
CA PHE D 192 -7.75 -44.53 -18.97
C PHE D 192 -7.99 -45.44 -17.70
N GLU D 193 -6.86 -46.08 -17.29
CA GLU D 193 -6.73 -46.88 -16.15
C GLU D 193 -6.93 -46.01 -14.93
N GLY D 194 -6.44 -44.71 -14.96
CA GLY D 194 -6.49 -43.83 -13.81
C GLY D 194 -7.91 -43.56 -13.35
N ARG D 195 -8.91 -43.47 -14.29
CA ARG D 195 -10.25 -43.36 -13.94
C ARG D 195 -10.75 -44.53 -13.10
N ILE D 196 -10.46 -45.77 -13.54
CA ILE D 196 -10.93 -46.99 -12.98
C ILE D 196 -10.44 -47.10 -11.53
N GLN D 197 -9.17 -46.84 -11.29
CA GLN D 197 -8.65 -46.87 -9.92
C GLN D 197 -9.37 -45.91 -8.92
N ILE D 198 -9.60 -44.62 -9.29
CA ILE D 198 -10.10 -43.48 -8.46
C ILE D 198 -11.49 -43.78 -8.09
N PHE D 199 -12.26 -44.32 -9.05
CA PHE D 199 -13.63 -44.75 -8.98
C PHE D 199 -13.78 -45.81 -7.96
N LYS D 200 -12.90 -46.80 -8.08
CA LYS D 200 -13.01 -48.03 -7.26
C LYS D 200 -12.93 -47.67 -5.79
N ILE D 201 -12.03 -46.71 -5.43
CA ILE D 201 -11.76 -46.29 -4.07
C ILE D 201 -12.96 -45.65 -3.43
N HIS D 202 -13.55 -44.75 -4.19
CA HIS D 202 -14.65 -44.00 -3.76
C HIS D 202 -15.91 -44.85 -3.67
N THR D 203 -16.06 -45.87 -4.50
CA THR D 203 -17.24 -46.75 -4.42
C THR D 203 -17.12 -47.79 -3.32
N ARG D 204 -15.88 -48.00 -2.81
CA ARG D 204 -15.69 -48.82 -1.59
C ARG D 204 -16.17 -48.12 -0.34
N LYS D 205 -16.30 -46.80 -0.36
CA LYS D 205 -16.90 -45.96 0.69
C LYS D 205 -18.45 -45.99 0.66
N MET D 206 -19.09 -46.36 -0.43
CA MET D 206 -20.49 -46.45 -0.55
C MET D 206 -20.86 -47.92 -0.27
N LYS D 207 -22.03 -48.24 -0.78
CA LYS D 207 -22.65 -49.59 -0.76
C LYS D 207 -22.20 -50.47 -1.84
N LEU D 208 -21.51 -49.84 -2.86
CA LEU D 208 -20.85 -50.57 -3.94
C LEU D 208 -21.91 -50.95 -4.98
N ALA D 209 -21.39 -51.13 -6.22
CA ALA D 209 -22.26 -51.35 -7.36
C ALA D 209 -22.72 -52.82 -7.17
N GLU D 210 -23.79 -53.22 -7.94
CA GLU D 210 -24.38 -54.58 -7.96
C GLU D 210 -24.25 -55.10 -9.30
N ASP D 211 -23.68 -54.36 -10.18
CA ASP D 211 -23.70 -54.64 -11.60
C ASP D 211 -22.41 -54.07 -12.19
N VAL D 212 -21.29 -54.16 -11.36
CA VAL D 212 -19.89 -53.73 -11.47
C VAL D 212 -19.42 -53.67 -12.86
N ASP D 213 -18.82 -52.54 -13.30
CA ASP D 213 -18.06 -52.51 -14.53
C ASP D 213 -17.76 -51.04 -14.64
N PHE D 214 -16.45 -50.72 -14.35
CA PHE D 214 -15.85 -49.43 -14.28
C PHE D 214 -15.27 -49.09 -15.60
N LYS D 215 -15.11 -50.06 -16.55
CA LYS D 215 -14.54 -49.78 -17.85
C LYS D 215 -15.50 -48.94 -18.71
N GLU D 216 -16.79 -49.17 -18.74
CA GLU D 216 -17.80 -48.48 -19.40
C GLU D 216 -17.81 -47.04 -18.95
N LEU D 217 -17.71 -46.77 -17.63
CA LEU D 217 -17.87 -45.47 -16.98
C LEU D 217 -16.69 -44.61 -17.40
N ALA D 218 -15.49 -45.23 -17.42
CA ALA D 218 -14.19 -44.67 -17.70
C ALA D 218 -14.01 -44.02 -19.05
N ARG D 219 -14.67 -44.62 -20.05
CA ARG D 219 -14.63 -44.15 -21.41
C ARG D 219 -15.21 -42.73 -21.46
N ILE D 220 -16.32 -42.62 -20.72
CA ILE D 220 -17.20 -41.40 -20.66
C ILE D 220 -16.48 -40.29 -19.83
N THR D 221 -15.79 -40.69 -18.68
CA THR D 221 -15.19 -39.74 -17.70
C THR D 221 -13.87 -39.19 -18.13
N GLU D 222 -13.22 -39.77 -19.22
CA GLU D 222 -12.03 -39.29 -19.76
C GLU D 222 -12.12 -37.86 -20.22
N GLY D 223 -11.20 -37.01 -19.66
CA GLY D 223 -11.13 -35.62 -20.12
C GLY D 223 -11.54 -34.79 -18.91
N ALA D 224 -11.52 -35.30 -17.66
CA ALA D 224 -11.85 -34.64 -16.43
C ALA D 224 -10.74 -34.88 -15.46
N SER D 225 -10.83 -34.32 -14.20
CA SER D 225 -9.76 -34.34 -13.19
C SER D 225 -10.24 -35.37 -12.19
N GLY D 226 -9.33 -35.70 -11.18
CA GLY D 226 -9.54 -36.70 -10.23
C GLY D 226 -10.66 -36.39 -9.25
N ALA D 227 -10.87 -35.18 -8.83
CA ALA D 227 -11.92 -34.62 -7.92
C ALA D 227 -13.24 -34.80 -8.54
N ASP D 228 -13.22 -34.86 -9.93
CA ASP D 228 -14.42 -34.93 -10.69
C ASP D 228 -14.94 -36.36 -10.66
N ILE D 229 -14.04 -37.42 -10.64
CA ILE D 229 -14.45 -38.81 -10.53
C ILE D 229 -15.09 -39.05 -9.17
N LYS D 230 -14.50 -38.49 -8.17
CA LYS D 230 -15.09 -38.45 -6.74
C LYS D 230 -16.38 -37.83 -6.65
N ALA D 231 -16.56 -36.70 -7.40
CA ALA D 231 -17.56 -35.86 -7.35
C ALA D 231 -18.81 -36.54 -7.80
N ILE D 232 -18.68 -37.32 -8.91
CA ILE D 232 -19.77 -38.07 -9.44
C ILE D 232 -20.32 -39.01 -8.42
N CYS D 233 -19.43 -39.72 -7.67
CA CYS D 233 -19.81 -40.65 -6.60
C CYS D 233 -20.62 -39.99 -5.58
N THR D 234 -20.27 -38.74 -5.11
CA THR D 234 -20.98 -37.94 -4.08
C THR D 234 -22.29 -37.53 -4.65
N GLU D 235 -22.34 -37.17 -5.95
CA GLU D 235 -23.61 -36.69 -6.61
C GLU D 235 -24.57 -37.89 -6.63
N ALA D 236 -23.94 -39.11 -6.80
CA ALA D 236 -24.64 -40.42 -6.92
C ALA D 236 -25.42 -40.73 -5.67
N GLY D 237 -24.86 -40.43 -4.48
CA GLY D 237 -25.41 -40.75 -3.14
C GLY D 237 -26.61 -39.95 -2.79
N MET D 238 -26.50 -38.64 -3.20
CA MET D 238 -27.52 -37.70 -2.91
C MET D 238 -28.72 -37.86 -3.78
N PHE D 239 -28.41 -38.29 -5.01
CA PHE D 239 -29.42 -38.73 -5.99
C PHE D 239 -30.16 -39.93 -5.39
N ALA D 240 -29.43 -40.83 -4.64
CA ALA D 240 -29.95 -41.97 -3.97
C ALA D 240 -30.94 -41.65 -2.95
N ILE D 241 -30.72 -40.59 -2.14
CA ILE D 241 -31.61 -40.08 -1.15
C ILE D 241 -32.92 -39.58 -1.77
N ARG D 242 -32.80 -38.87 -3.01
CA ARG D 242 -33.96 -38.30 -3.65
C ARG D 242 -34.87 -39.40 -4.12
N GLU D 243 -34.36 -40.55 -4.66
CA GLU D 243 -35.09 -41.72 -5.12
C GLU D 243 -35.78 -42.57 -4.04
N GLU D 244 -35.21 -42.55 -2.84
CA GLU D 244 -35.78 -43.22 -1.68
C GLU D 244 -35.40 -44.58 -1.78
N ARG D 245 -34.13 -44.86 -1.83
CA ARG D 245 -33.45 -46.13 -1.80
C ARG D 245 -32.38 -45.94 -0.79
N ALA D 246 -31.55 -44.92 -0.91
CA ALA D 246 -30.33 -44.64 -0.17
C ALA D 246 -29.31 -45.83 -0.19
N LYS D 247 -29.11 -46.35 -1.41
CA LYS D 247 -28.10 -47.45 -1.65
C LYS D 247 -27.63 -47.05 -3.05
N VAL D 248 -26.30 -47.11 -3.30
CA VAL D 248 -25.72 -46.65 -4.55
C VAL D 248 -25.38 -47.84 -5.39
N THR D 249 -25.73 -47.80 -6.71
CA THR D 249 -25.52 -48.83 -7.62
C THR D 249 -25.21 -48.21 -8.90
N MET D 250 -24.92 -49.04 -9.89
CA MET D 250 -24.51 -48.72 -11.21
C MET D 250 -25.48 -47.75 -11.87
N LEU D 251 -26.81 -47.93 -11.65
CA LEU D 251 -27.79 -47.00 -12.21
C LEU D 251 -27.68 -45.62 -11.66
N ASP D 252 -27.40 -45.51 -10.31
CA ASP D 252 -27.14 -44.17 -9.77
C ASP D 252 -25.86 -43.53 -10.23
N PHE D 253 -24.78 -44.33 -10.33
CA PHE D 253 -23.47 -43.99 -10.78
C PHE D 253 -23.51 -43.47 -12.22
N THR D 254 -24.05 -44.20 -13.26
CA THR D 254 -24.17 -43.74 -14.63
C THR D 254 -25.02 -42.51 -14.74
N LYS D 255 -26.14 -42.33 -13.94
CA LYS D 255 -26.97 -41.21 -14.06
C LYS D 255 -26.20 -40.00 -13.58
N ALA D 256 -25.39 -40.15 -12.54
CA ALA D 256 -24.46 -39.18 -12.02
C ALA D 256 -23.41 -38.79 -13.02
N ILE D 257 -22.81 -39.66 -13.88
CA ILE D 257 -21.77 -39.39 -14.91
C ILE D 257 -22.36 -38.37 -15.84
N GLU D 258 -23.64 -38.60 -16.24
CA GLU D 258 -24.33 -37.67 -17.07
C GLU D 258 -24.56 -36.37 -16.38
N LYS D 259 -25.08 -36.40 -15.14
CA LYS D 259 -25.47 -35.18 -14.44
C LYS D 259 -24.34 -34.24 -14.18
N VAL D 260 -23.08 -34.74 -13.84
CA VAL D 260 -21.95 -33.81 -13.62
C VAL D 260 -21.57 -33.35 -15.01
N LEU D 261 -21.44 -34.20 -16.07
CA LEU D 261 -20.98 -33.72 -17.46
C LEU D 261 -21.86 -32.72 -18.11
N LYS D 262 -23.12 -32.57 -17.69
CA LYS D 262 -24.11 -31.66 -18.29
C LYS D 262 -23.58 -30.29 -18.18
N LYS D 263 -22.96 -29.97 -17.06
CA LYS D 263 -22.37 -28.72 -16.79
C LYS D 263 -21.19 -28.37 -17.59
N THR D 264 -20.45 -29.46 -17.90
CA THR D 264 -19.02 -29.45 -18.00
C THR D 264 -18.80 -29.26 -19.47
N THR D 265 -19.37 -30.10 -20.37
CA THR D 265 -19.35 -30.03 -21.78
C THR D 265 -20.79 -29.79 -22.17
N PRO D 266 -21.26 -29.03 -23.18
CA PRO D 266 -22.45 -28.23 -23.04
C PRO D 266 -23.34 -28.56 -24.22
N ILE D 267 -23.40 -29.79 -24.77
CA ILE D 267 -24.22 -30.02 -25.91
C ILE D 267 -25.73 -29.89 -25.67
N LYS E 1 -12.21 -14.38 31.12
CA LYS E 1 -12.15 -13.36 30.05
C LYS E 1 -13.36 -13.29 29.17
N ASP E 2 -13.67 -12.09 28.68
CA ASP E 2 -14.77 -11.81 27.81
C ASP E 2 -14.37 -12.11 26.35
N PRO E 3 -15.22 -12.84 25.51
CA PRO E 3 -14.91 -13.02 24.09
C PRO E 3 -15.32 -11.87 23.22
N MET E 4 -14.55 -11.57 22.12
CA MET E 4 -14.77 -10.38 21.28
C MET E 4 -14.67 -10.99 19.86
N VAL E 5 -15.86 -10.96 19.20
CA VAL E 5 -16.07 -11.50 17.92
C VAL E 5 -15.29 -10.89 16.74
N TYR E 6 -14.95 -11.71 15.77
CA TYR E 6 -14.17 -11.35 14.60
C TYR E 6 -14.97 -12.03 13.54
N GLY E 7 -14.67 -11.58 12.28
CA GLY E 7 -15.48 -12.12 11.20
C GLY E 7 -16.92 -11.67 11.38
N PHE E 8 -17.03 -10.42 11.90
CA PHE E 8 -18.29 -9.83 12.29
C PHE E 8 -19.16 -9.71 11.14
N GLU E 9 -20.56 -9.77 11.31
CA GLU E 9 -21.18 -10.01 12.62
C GLU E 9 -21.29 -11.52 12.73
N VAL E 10 -21.37 -11.97 13.99
CA VAL E 10 -21.51 -13.32 14.44
C VAL E 10 -22.64 -13.32 15.37
N GLU E 11 -23.46 -14.32 15.17
CA GLU E 11 -24.57 -14.58 16.04
C GLU E 11 -24.43 -15.99 16.25
N GLU E 12 -24.00 -16.38 17.48
CA GLU E 12 -23.95 -17.78 17.82
C GLU E 12 -25.37 -18.05 18.34
N LYS E 13 -26.12 -18.99 17.72
CA LYS E 13 -27.53 -19.20 17.93
C LYS E 13 -28.37 -18.00 17.54
N PRO E 14 -28.28 -17.61 16.23
CA PRO E 14 -29.21 -16.56 15.79
C PRO E 14 -30.66 -16.84 15.97
N GLU E 15 -31.45 -15.86 16.31
CA GLU E 15 -32.78 -16.07 16.75
C GLU E 15 -33.76 -15.99 15.52
N VAL E 16 -33.36 -15.54 14.30
CA VAL E 16 -34.20 -15.62 13.12
C VAL E 16 -34.21 -17.02 12.65
N SER E 17 -35.44 -17.57 12.42
CA SER E 17 -35.67 -18.89 11.98
C SER E 17 -36.48 -18.82 10.67
N TYR E 18 -37.28 -19.87 10.31
CA TYR E 18 -38.03 -20.02 9.06
C TYR E 18 -39.50 -19.75 9.31
N GLU E 19 -39.82 -19.40 10.64
CA GLU E 19 -41.18 -19.02 11.01
C GLU E 19 -41.35 -17.67 10.60
N ASP E 20 -40.22 -16.97 10.32
CA ASP E 20 -40.13 -15.53 10.04
C ASP E 20 -40.15 -15.29 8.56
N ILE E 21 -40.22 -16.42 7.85
CA ILE E 21 -40.13 -16.56 6.43
C ILE E 21 -41.41 -17.28 6.07
N GLY E 22 -41.90 -16.81 4.94
CA GLY E 22 -43.22 -17.17 4.35
C GLY E 22 -43.01 -17.03 2.88
N GLY E 23 -43.71 -17.84 2.06
CA GLY E 23 -43.82 -17.66 0.63
C GLY E 23 -42.61 -18.07 -0.16
N LEU E 24 -41.65 -18.78 0.53
CA LEU E 24 -40.38 -19.19 0.02
C LEU E 24 -40.40 -20.56 0.61
N ASP E 25 -41.58 -21.12 0.80
CA ASP E 25 -41.78 -22.38 1.45
C ASP E 25 -41.04 -23.55 0.91
N VAL E 26 -40.89 -23.79 -0.42
CA VAL E 26 -40.15 -24.99 -0.91
C VAL E 26 -38.66 -24.75 -0.86
N GLN E 27 -38.25 -23.46 -0.88
CA GLN E 27 -36.82 -23.06 -0.89
C GLN E 27 -36.31 -23.35 0.47
N ILE E 28 -37.13 -23.39 1.52
CA ILE E 28 -36.69 -23.81 2.85
C ILE E 28 -36.29 -25.28 2.72
N GLU E 29 -37.18 -26.17 2.17
CA GLU E 29 -37.05 -27.63 2.09
C GLU E 29 -35.81 -28.11 1.29
N GLU E 30 -35.40 -27.35 0.26
CA GLU E 30 -34.30 -27.74 -0.60
C GLU E 30 -33.06 -27.56 0.13
N ILE E 31 -33.03 -26.41 0.84
CA ILE E 31 -31.82 -26.06 1.65
C ILE E 31 -31.71 -26.91 2.93
N ARG E 32 -32.88 -27.48 3.40
CA ARG E 32 -32.88 -28.46 4.51
C ARG E 32 -32.17 -29.74 3.96
N GLU E 33 -32.38 -30.14 2.69
CA GLU E 33 -31.68 -31.20 2.11
C GLU E 33 -30.22 -30.84 2.03
N ALA E 34 -29.84 -29.61 1.66
CA ALA E 34 -28.51 -29.26 1.41
C ALA E 34 -27.58 -29.28 2.60
N VAL E 35 -27.92 -28.72 3.74
CA VAL E 35 -27.07 -28.55 4.91
C VAL E 35 -27.65 -29.15 6.12
N GLU E 36 -28.88 -28.70 6.51
CA GLU E 36 -29.47 -29.00 7.81
C GLU E 36 -29.57 -30.48 8.14
N LEU E 37 -30.35 -31.24 7.35
CA LEU E 37 -30.63 -32.60 7.55
C LEU E 37 -29.43 -33.54 7.48
N PRO E 38 -28.42 -33.43 6.54
CA PRO E 38 -27.10 -34.04 6.59
C PRO E 38 -26.35 -33.88 7.84
N LEU E 39 -26.33 -32.64 8.36
CA LEU E 39 -25.52 -32.30 9.46
C LEU E 39 -26.03 -32.87 10.79
N LEU E 40 -27.37 -32.75 11.01
CA LEU E 40 -27.91 -33.37 12.23
C LEU E 40 -28.10 -34.86 12.18
N LYS E 41 -28.12 -35.48 10.98
CA LYS E 41 -28.29 -36.92 10.92
C LYS E 41 -26.95 -37.46 10.40
N PRO E 42 -26.03 -38.01 11.19
CA PRO E 42 -24.82 -38.52 10.73
C PRO E 42 -25.08 -39.89 10.25
N GLU E 43 -26.29 -40.43 10.40
CA GLU E 43 -26.57 -41.70 9.86
C GLU E 43 -26.54 -41.75 8.41
N LEU E 44 -26.89 -40.60 7.78
CA LEU E 44 -26.89 -40.52 6.35
C LEU E 44 -25.51 -40.70 5.77
N PHE E 45 -24.47 -40.27 6.49
CA PHE E 45 -23.15 -40.26 6.03
C PHE E 45 -22.55 -41.68 6.25
N ALA E 46 -23.37 -42.65 6.78
CA ALA E 46 -23.04 -44.06 6.89
C ALA E 46 -24.02 -45.00 6.07
N GLU E 47 -25.34 -44.61 6.16
CA GLU E 47 -26.43 -45.35 5.44
C GLU E 47 -26.21 -45.16 3.94
N VAL E 48 -25.75 -43.99 3.47
CA VAL E 48 -25.46 -43.82 2.03
C VAL E 48 -23.92 -44.04 1.90
N GLY E 49 -23.06 -43.49 2.80
CA GLY E 49 -21.59 -43.60 2.68
C GLY E 49 -21.11 -42.40 1.96
N ILE E 50 -22.01 -41.43 1.76
CA ILE E 50 -21.76 -40.15 1.08
C ILE E 50 -20.87 -39.31 1.91
N GLU E 51 -19.88 -38.65 1.24
CA GLU E 51 -18.93 -37.64 1.79
C GLU E 51 -19.63 -36.32 1.80
N PRO E 52 -19.87 -35.67 3.01
CA PRO E 52 -20.78 -34.55 3.14
C PRO E 52 -20.81 -33.48 1.99
N PRO E 53 -21.98 -32.93 1.69
CA PRO E 53 -22.16 -31.62 0.96
C PRO E 53 -21.28 -30.52 1.63
N LYS E 54 -20.66 -29.65 0.73
CA LYS E 54 -19.67 -28.63 1.07
C LYS E 54 -20.11 -27.21 0.82
N GLY E 55 -21.31 -27.08 0.20
CA GLY E 55 -21.91 -25.78 -0.13
C GLY E 55 -23.09 -25.98 -1.09
N VAL E 56 -24.02 -25.01 -0.94
CA VAL E 56 -25.18 -24.86 -1.73
C VAL E 56 -25.13 -23.31 -1.99
N LEU E 57 -25.42 -22.89 -3.31
CA LEU E 57 -25.39 -21.46 -3.72
C LEU E 57 -26.80 -21.09 -3.98
N LEU E 58 -27.19 -19.92 -3.40
CA LEU E 58 -28.55 -19.41 -3.62
C LEU E 58 -28.47 -18.46 -4.75
N TYR E 59 -29.46 -18.47 -5.67
CA TYR E 59 -29.49 -17.59 -6.85
C TYR E 59 -30.88 -17.06 -7.04
N GLY E 60 -31.22 -16.65 -8.25
CA GLY E 60 -32.43 -15.96 -8.55
C GLY E 60 -32.39 -14.54 -7.98
N PRO E 61 -33.50 -13.79 -8.28
CA PRO E 61 -33.47 -12.35 -8.20
C PRO E 61 -33.24 -11.75 -6.87
N PRO E 62 -32.37 -10.73 -6.77
CA PRO E 62 -31.81 -10.30 -5.56
C PRO E 62 -32.74 -9.56 -4.69
N GLY E 63 -32.31 -9.28 -3.42
CA GLY E 63 -33.04 -8.42 -2.48
C GLY E 63 -34.09 -9.22 -1.67
N THR E 64 -34.12 -10.53 -1.84
CA THR E 64 -35.16 -11.37 -1.37
C THR E 64 -35.02 -11.69 0.13
N GLY E 65 -33.82 -11.68 0.68
CA GLY E 65 -33.49 -11.82 2.09
C GLY E 65 -32.78 -13.14 2.18
N LYS E 66 -31.69 -13.20 1.48
CA LYS E 66 -30.87 -14.30 1.23
C LYS E 66 -30.10 -14.53 2.53
N THR E 67 -29.82 -13.39 3.24
CA THR E 67 -29.21 -13.30 4.62
C THR E 67 -30.10 -13.94 5.57
N LEU E 68 -31.42 -13.81 5.36
CA LEU E 68 -32.36 -14.29 6.37
C LEU E 68 -32.50 -15.80 6.35
N LEU E 69 -32.52 -16.34 5.11
CA LEU E 69 -32.54 -17.84 4.94
C LEU E 69 -31.37 -18.47 5.59
N ALA E 70 -30.20 -17.86 5.38
CA ALA E 70 -28.97 -18.26 5.94
C ALA E 70 -28.98 -18.33 7.45
N LYS E 71 -29.71 -17.34 8.05
CA LYS E 71 -29.84 -17.32 9.48
C LYS E 71 -30.69 -18.38 10.04
N ALA E 72 -31.76 -18.72 9.30
CA ALA E 72 -32.75 -19.74 9.64
C ALA E 72 -32.21 -21.12 9.63
N VAL E 73 -31.33 -21.47 8.67
CA VAL E 73 -30.61 -22.75 8.57
C VAL E 73 -29.68 -22.83 9.79
N ALA E 74 -28.86 -21.75 10.16
CA ALA E 74 -28.01 -21.64 11.30
C ALA E 74 -28.73 -21.80 12.62
N ASN E 75 -29.93 -21.25 12.72
CA ASN E 75 -30.79 -21.44 13.86
C ASN E 75 -31.15 -22.83 14.12
N GLN E 76 -31.55 -23.61 13.12
CA GLN E 76 -32.08 -24.97 13.13
C GLN E 76 -31.05 -25.93 13.51
N THR E 77 -29.80 -25.66 13.04
CA THR E 77 -28.76 -26.55 13.35
C THR E 77 -27.99 -26.15 14.60
N ARG E 78 -28.36 -25.06 15.31
CA ARG E 78 -27.82 -24.52 16.57
C ARG E 78 -26.36 -24.15 16.35
N ALA E 79 -25.96 -23.56 15.19
CA ALA E 79 -24.58 -23.34 14.90
C ALA E 79 -24.09 -21.90 15.21
N THR E 80 -22.85 -21.59 14.78
CA THR E 80 -22.29 -20.23 14.91
C THR E 80 -22.53 -19.64 13.56
N PHE E 81 -23.29 -18.56 13.53
CA PHE E 81 -23.64 -17.83 12.31
C PHE E 81 -22.39 -16.89 12.21
N ILE E 82 -21.86 -16.79 10.93
CA ILE E 82 -20.70 -15.93 10.63
C ILE E 82 -21.03 -15.24 9.35
N ARG E 83 -20.87 -13.86 9.24
CA ARG E 83 -21.18 -13.05 8.09
C ARG E 83 -19.94 -12.63 7.43
N VAL E 84 -19.81 -12.90 6.13
CA VAL E 84 -18.79 -12.43 5.21
C VAL E 84 -19.64 -11.65 4.33
N VAL E 85 -19.30 -10.31 4.30
CA VAL E 85 -19.62 -9.37 3.29
C VAL E 85 -18.51 -9.27 2.30
N GLY E 86 -18.91 -9.22 1.05
CA GLY E 86 -18.04 -9.11 -0.16
C GLY E 86 -17.63 -7.74 -0.44
N SER E 87 -18.02 -6.75 0.31
CA SER E 87 -17.56 -5.40 0.01
C SER E 87 -16.25 -5.23 0.65
N GLU E 88 -15.82 -6.13 1.54
CA GLU E 88 -14.63 -5.95 2.41
C GLU E 88 -13.52 -6.72 1.68
N PHE E 89 -13.88 -7.49 0.65
CA PHE E 89 -12.98 -8.11 -0.30
C PHE E 89 -12.59 -7.07 -1.36
N VAL E 90 -11.61 -7.56 -2.20
CA VAL E 90 -10.99 -6.95 -3.37
C VAL E 90 -11.05 -5.44 -3.50
N GLN E 91 -9.78 -4.94 -3.42
CA GLN E 91 -9.41 -3.56 -3.64
C GLN E 91 -8.73 -3.66 -4.99
N LYS E 92 -7.41 -3.43 -5.09
CA LYS E 92 -6.64 -3.25 -6.32
C LYS E 92 -5.22 -3.52 -5.98
N TYR E 93 -5.11 -4.06 -4.71
CA TYR E 93 -4.13 -4.95 -4.16
C TYR E 93 -5.09 -6.06 -3.92
N ILE E 94 -4.68 -6.89 -2.89
CA ILE E 94 -5.04 -8.21 -2.55
C ILE E 94 -4.54 -8.32 -1.12
N GLY E 95 -4.90 -9.46 -0.50
CA GLY E 95 -4.11 -9.98 0.62
C GLY E 95 -4.81 -9.81 1.87
N GLU E 96 -5.78 -8.84 2.05
CA GLU E 96 -6.48 -8.66 3.25
C GLU E 96 -7.86 -8.97 2.94
N GLY E 97 -8.37 -8.75 1.71
CA GLY E 97 -9.20 -9.70 0.99
C GLY E 97 -8.99 -11.19 1.16
N ALA E 98 -7.68 -11.60 1.27
CA ALA E 98 -7.46 -12.97 1.22
C ALA E 98 -7.58 -13.55 2.61
N ARG E 99 -7.17 -12.68 3.53
CA ARG E 99 -6.91 -12.84 4.88
C ARG E 99 -8.19 -13.13 5.56
N LEU E 100 -9.24 -12.43 5.07
CA LEU E 100 -10.50 -12.46 5.76
C LEU E 100 -11.32 -13.77 5.43
N VAL E 101 -11.04 -14.36 4.26
CA VAL E 101 -11.45 -15.65 3.81
C VAL E 101 -10.86 -16.66 4.67
N ARG E 102 -9.54 -16.50 4.98
CA ARG E 102 -8.88 -17.37 5.83
C ARG E 102 -9.43 -17.38 7.27
N GLU E 103 -9.66 -16.19 7.77
CA GLU E 103 -10.17 -15.86 9.06
C GLU E 103 -11.43 -16.53 9.35
N VAL E 104 -12.39 -16.41 8.40
CA VAL E 104 -13.71 -17.07 8.63
C VAL E 104 -13.69 -18.54 8.50
N PHE E 105 -12.78 -19.12 7.71
CA PHE E 105 -12.49 -20.56 7.66
C PHE E 105 -11.91 -21.07 9.01
N GLN E 106 -10.97 -20.32 9.58
CA GLN E 106 -10.36 -20.68 10.85
C GLN E 106 -11.44 -20.72 11.97
N LEU E 107 -12.31 -19.62 12.03
CA LEU E 107 -13.31 -19.47 13.00
C LEU E 107 -14.34 -20.48 12.97
N ALA E 108 -14.67 -20.90 11.77
CA ALA E 108 -15.59 -21.92 11.45
C ALA E 108 -15.27 -23.32 11.83
N LYS E 109 -13.99 -23.75 11.63
CA LYS E 109 -13.47 -25.03 12.13
C LYS E 109 -13.49 -25.00 13.65
N GLU E 110 -13.17 -23.83 14.22
CA GLU E 110 -12.90 -23.87 15.61
C GLU E 110 -14.17 -24.07 16.45
N LYS E 111 -15.30 -23.85 15.77
CA LYS E 111 -16.59 -23.61 16.42
C LYS E 111 -17.59 -24.33 15.54
N ALA E 112 -17.21 -25.41 14.84
CA ALA E 112 -18.14 -26.24 14.11
C ALA E 112 -19.18 -26.89 15.02
N PRO E 113 -20.46 -27.10 14.63
CA PRO E 113 -21.07 -26.54 13.39
C PRO E 113 -20.95 -25.03 13.18
N SER E 114 -20.90 -24.63 11.89
CA SER E 114 -20.70 -23.18 11.67
C SER E 114 -21.21 -22.92 10.26
N ILE E 115 -21.86 -21.82 10.03
CA ILE E 115 -22.50 -21.44 8.78
C ILE E 115 -21.92 -20.18 8.48
N ILE E 116 -21.14 -20.20 7.35
CA ILE E 116 -20.41 -19.03 6.82
C ILE E 116 -21.28 -18.59 5.72
N PHE E 117 -21.97 -17.52 5.89
CA PHE E 117 -22.75 -16.83 4.86
C PHE E 117 -21.82 -16.09 3.93
N ILE E 118 -21.94 -16.30 2.60
CA ILE E 118 -21.01 -15.77 1.69
C ILE E 118 -21.83 -15.07 0.64
N ASP E 119 -22.12 -13.78 0.95
CA ASP E 119 -22.55 -12.76 0.04
C ASP E 119 -21.30 -11.89 -0.14
N GLU E 120 -21.05 -11.38 -1.31
CA GLU E 120 -21.85 -11.53 -2.49
C GLU E 120 -20.99 -12.20 -3.49
N LEU E 121 -21.49 -13.16 -4.32
CA LEU E 121 -20.55 -13.86 -5.23
C LEU E 121 -20.55 -13.16 -6.53
N ASP E 122 -19.61 -12.26 -6.81
CA ASP E 122 -19.50 -11.51 -8.08
C ASP E 122 -18.32 -10.62 -7.88
N ALA E 123 -17.58 -10.77 -6.74
CA ALA E 123 -16.46 -9.89 -6.38
C ALA E 123 -15.40 -10.90 -5.91
N ILE E 124 -15.61 -12.23 -6.15
CA ILE E 124 -14.64 -13.27 -5.85
C ILE E 124 -15.03 -14.46 -6.66
N ALA E 125 -16.14 -14.33 -7.41
CA ALA E 125 -16.53 -15.41 -8.37
C ALA E 125 -16.51 -14.61 -9.62
N ALA E 126 -15.50 -14.89 -10.45
CA ALA E 126 -15.51 -14.31 -11.75
C ALA E 126 -14.70 -15.18 -12.56
N ARG E 127 -14.61 -14.87 -13.87
CA ARG E 127 -13.93 -15.53 -15.00
C ARG E 127 -12.41 -15.49 -14.85
N ARG E 128 -11.68 -16.35 -15.60
CA ARG E 128 -10.20 -16.50 -15.66
C ARG E 128 -9.52 -15.70 -16.73
N THR E 129 -8.21 -15.31 -16.61
CA THR E 129 -7.45 -14.61 -17.59
C THR E 129 -6.20 -15.38 -17.78
N ASN E 130 -6.05 -15.70 -19.10
CA ASN E 130 -4.92 -16.42 -19.54
C ASN E 130 -4.40 -15.73 -20.67
N SER E 131 -4.99 -14.59 -21.04
CA SER E 131 -4.47 -13.61 -22.07
C SER E 131 -3.99 -12.46 -21.25
N ASP E 132 -4.26 -12.57 -19.94
CA ASP E 132 -3.85 -11.70 -18.90
C ASP E 132 -4.68 -10.46 -18.82
N THR E 133 -5.06 -10.02 -17.62
CA THR E 133 -4.98 -8.60 -17.36
C THR E 133 -4.89 -8.49 -15.83
N SER E 134 -4.30 -7.37 -15.38
CA SER E 134 -3.97 -6.93 -14.06
C SER E 134 -5.08 -6.81 -13.00
N GLY E 135 -6.21 -6.15 -13.26
CA GLY E 135 -7.41 -6.03 -12.40
C GLY E 135 -8.11 -7.28 -12.07
N ASP E 136 -8.18 -8.22 -13.03
CA ASP E 136 -8.70 -9.55 -12.93
C ASP E 136 -7.85 -10.39 -12.00
N ARG E 137 -6.50 -10.22 -12.03
CA ARG E 137 -5.51 -10.90 -11.20
C ARG E 137 -5.69 -10.83 -9.71
N GLU E 138 -6.06 -9.61 -9.24
CA GLU E 138 -6.41 -9.35 -7.80
C GLU E 138 -7.45 -10.31 -7.34
N VAL E 139 -8.56 -10.41 -8.15
CA VAL E 139 -9.66 -11.27 -7.88
C VAL E 139 -9.26 -12.77 -7.94
N GLN E 140 -8.41 -13.15 -8.90
CA GLN E 140 -8.06 -14.52 -9.03
C GLN E 140 -7.24 -15.04 -7.84
N ARG E 141 -6.37 -14.25 -7.14
CA ARG E 141 -5.54 -14.73 -6.05
C ARG E 141 -6.35 -14.81 -4.76
N THR E 142 -7.39 -13.93 -4.68
CA THR E 142 -8.41 -14.01 -3.67
C THR E 142 -9.32 -15.20 -3.81
N MET E 143 -9.75 -15.49 -4.99
CA MET E 143 -10.76 -16.47 -5.38
C MET E 143 -10.24 -17.84 -5.08
N MET E 144 -8.98 -18.15 -5.32
CA MET E 144 -8.43 -19.50 -5.15
C MET E 144 -8.34 -19.97 -3.75
N GLN E 145 -8.27 -19.02 -2.83
CA GLN E 145 -8.21 -19.30 -1.48
C GLN E 145 -9.50 -19.55 -0.86
N LEU E 146 -10.61 -19.06 -1.39
CA LEU E 146 -11.96 -19.53 -1.10
C LEU E 146 -12.07 -20.95 -1.58
N LEU E 147 -11.72 -21.27 -2.87
CA LEU E 147 -11.94 -22.54 -3.54
C LEU E 147 -11.26 -23.71 -2.84
N ALA E 148 -9.94 -23.47 -2.48
CA ALA E 148 -9.03 -24.38 -1.82
C ALA E 148 -9.46 -24.77 -0.44
N GLU E 149 -9.72 -23.77 0.43
CA GLU E 149 -9.86 -23.95 1.80
C GLU E 149 -11.02 -24.76 2.15
N LEU E 150 -12.11 -24.55 1.35
CA LEU E 150 -13.38 -25.24 1.51
C LEU E 150 -13.12 -26.74 1.26
N ASP E 151 -12.28 -27.16 0.29
CA ASP E 151 -11.93 -28.52 -0.04
C ASP E 151 -10.85 -29.10 0.88
N GLY E 152 -10.03 -28.24 1.51
CA GLY E 152 -8.95 -28.56 2.42
C GLY E 152 -9.30 -29.26 3.68
N PHE E 153 -10.59 -28.93 4.13
CA PHE E 153 -11.18 -29.28 5.39
C PHE E 153 -11.13 -30.77 5.57
N ASP E 154 -11.07 -31.11 6.85
CA ASP E 154 -11.09 -32.45 7.33
C ASP E 154 -12.51 -32.79 7.65
N PRO E 155 -12.90 -34.03 7.71
CA PRO E 155 -14.33 -34.36 8.01
C PRO E 155 -14.46 -34.24 9.51
N ARG E 156 -13.32 -34.12 10.24
CA ARG E 156 -13.36 -33.67 11.66
C ARG E 156 -13.59 -32.18 11.66
N GLY E 157 -14.81 -31.68 11.80
CA GLY E 157 -15.19 -30.34 11.84
C GLY E 157 -15.80 -29.97 10.49
N ASP E 158 -17.15 -29.76 10.53
CA ASP E 158 -17.79 -29.63 9.29
C ASP E 158 -18.25 -28.24 9.13
N VAL E 159 -17.71 -27.59 8.13
CA VAL E 159 -17.93 -26.23 7.89
C VAL E 159 -18.60 -26.21 6.59
N LYS E 160 -19.88 -25.98 6.75
CA LYS E 160 -20.81 -25.99 5.68
C LYS E 160 -20.97 -24.52 5.53
N VAL E 161 -21.23 -24.11 4.22
CA VAL E 161 -21.29 -22.66 4.00
C VAL E 161 -22.46 -22.52 3.10
N ILE E 162 -23.04 -21.30 3.09
CA ILE E 162 -24.21 -21.12 2.26
C ILE E 162 -23.86 -19.83 1.53
N GLY E 163 -23.80 -19.94 0.17
CA GLY E 163 -23.51 -18.90 -0.72
C GLY E 163 -24.70 -18.18 -1.12
N ALA E 164 -24.62 -16.96 -1.76
CA ALA E 164 -25.76 -16.31 -2.26
C ALA E 164 -25.22 -15.30 -3.32
N THR E 165 -26.03 -14.95 -4.37
CA THR E 165 -25.56 -14.23 -5.51
C THR E 165 -26.77 -13.68 -6.12
N ASN E 166 -26.60 -12.62 -6.99
CA ASN E 166 -27.67 -12.01 -7.67
C ASN E 166 -27.77 -12.58 -9.09
N ARG E 167 -26.55 -12.78 -9.77
CA ARG E 167 -26.43 -13.21 -11.15
C ARG E 167 -25.39 -14.33 -11.19
N ILE E 168 -25.84 -15.57 -11.63
CA ILE E 168 -24.97 -16.78 -11.66
C ILE E 168 -24.33 -16.90 -12.98
N ASP E 169 -24.76 -16.03 -13.93
CA ASP E 169 -24.50 -16.15 -15.32
C ASP E 169 -23.24 -15.37 -15.69
N ILE E 170 -22.57 -14.74 -14.68
CA ILE E 170 -21.33 -14.01 -14.91
C ILE E 170 -20.07 -14.65 -14.26
N LEU E 171 -20.31 -15.84 -13.64
CA LEU E 171 -19.35 -16.49 -12.79
C LEU E 171 -18.75 -17.63 -13.58
N ASP E 172 -17.61 -18.12 -13.14
CA ASP E 172 -16.88 -19.22 -13.60
C ASP E 172 -17.68 -20.48 -13.36
N PRO E 173 -17.65 -21.46 -14.27
CA PRO E 173 -18.32 -22.78 -13.95
C PRO E 173 -17.64 -23.65 -12.93
N ALA E 174 -16.53 -23.20 -12.39
CA ALA E 174 -15.63 -23.93 -11.55
C ALA E 174 -16.12 -23.99 -10.12
N ILE E 175 -17.09 -23.07 -9.76
CA ILE E 175 -17.64 -22.86 -8.45
C ILE E 175 -19.12 -23.31 -8.46
N LEU E 176 -19.46 -23.91 -9.70
CA LEU E 176 -20.67 -24.50 -10.05
C LEU E 176 -20.38 -25.97 -10.37
N ARG E 177 -19.18 -26.40 -9.97
CA ARG E 177 -18.55 -27.70 -10.14
C ARG E 177 -18.94 -28.48 -8.89
N PRO E 178 -19.70 -29.62 -8.89
CA PRO E 178 -19.95 -30.49 -7.75
C PRO E 178 -18.70 -30.91 -7.08
N GLY E 179 -18.79 -31.09 -5.72
CA GLY E 179 -17.65 -31.28 -4.82
C GLY E 179 -17.04 -29.93 -4.33
N ARG E 180 -17.70 -28.76 -4.72
CA ARG E 180 -17.43 -27.44 -4.24
C ARG E 180 -18.82 -27.08 -3.89
N PHE E 181 -19.71 -26.75 -4.87
CA PHE E 181 -21.08 -26.52 -4.67
C PHE E 181 -21.72 -27.55 -5.49
N ASP E 182 -22.50 -28.36 -4.77
CA ASP E 182 -23.11 -29.55 -5.20
C ASP E 182 -24.44 -29.38 -5.91
N ARG E 183 -25.23 -28.34 -5.45
CA ARG E 183 -26.57 -28.09 -6.03
C ARG E 183 -26.69 -26.57 -6.00
N ILE E 184 -27.76 -25.94 -6.64
CA ILE E 184 -27.98 -24.47 -6.56
C ILE E 184 -29.46 -24.45 -6.36
N ILE E 185 -29.97 -23.34 -5.71
CA ILE E 185 -31.39 -23.19 -5.37
C ILE E 185 -31.82 -21.85 -5.85
N GLU E 186 -32.85 -21.83 -6.70
CA GLU E 186 -33.47 -20.62 -7.17
C GLU E 186 -34.35 -20.17 -6.16
N VAL E 187 -33.95 -19.04 -5.48
CA VAL E 187 -34.76 -18.38 -4.53
C VAL E 187 -35.39 -17.33 -5.33
N PRO E 188 -36.64 -17.36 -5.71
CA PRO E 188 -37.02 -16.48 -6.74
C PRO E 188 -37.58 -15.17 -6.15
N LEU E 189 -37.82 -14.15 -6.99
CA LEU E 189 -38.45 -12.90 -6.57
C LEU E 189 -39.86 -13.34 -6.20
N PRO E 190 -40.43 -12.97 -5.10
CA PRO E 190 -41.75 -13.47 -4.68
C PRO E 190 -42.95 -13.49 -5.69
N THR E 191 -43.80 -14.56 -5.62
CA THR E 191 -44.96 -14.76 -6.40
C THR E 191 -46.02 -14.04 -5.66
N PHE E 192 -47.28 -13.98 -6.24
CA PHE E 192 -48.52 -13.39 -5.64
C PHE E 192 -48.83 -13.96 -4.37
N GLU E 193 -48.84 -15.37 -4.33
CA GLU E 193 -49.15 -16.06 -3.08
C GLU E 193 -48.10 -15.82 -2.04
N GLY E 194 -46.77 -15.70 -2.47
CA GLY E 194 -45.60 -15.50 -1.60
C GLY E 194 -45.70 -14.21 -0.90
N ARG E 195 -46.07 -13.13 -1.62
CA ARG E 195 -46.13 -11.79 -1.09
C ARG E 195 -47.13 -11.59 0.02
N ILE E 196 -48.32 -12.22 -0.19
CA ILE E 196 -49.40 -12.24 0.86
C ILE E 196 -48.84 -12.88 2.15
N GLN E 197 -48.12 -14.07 2.05
CA GLN E 197 -47.59 -14.73 3.23
C GLN E 197 -46.49 -13.95 3.91
N ILE E 198 -45.59 -13.21 3.20
CA ILE E 198 -44.60 -12.32 3.80
C ILE E 198 -45.18 -11.12 4.45
N PHE E 199 -46.26 -10.48 3.98
CA PHE E 199 -46.95 -9.39 4.71
C PHE E 199 -47.48 -9.86 6.08
N LYS E 200 -47.99 -11.13 6.12
CA LYS E 200 -48.61 -11.64 7.30
C LYS E 200 -47.70 -11.75 8.51
N ILE E 201 -46.40 -11.98 8.31
CA ILE E 201 -45.30 -12.08 9.28
C ILE E 201 -45.20 -10.76 10.03
N HIS E 202 -45.34 -9.67 9.28
CA HIS E 202 -45.09 -8.32 9.75
C HIS E 202 -46.29 -7.80 10.47
N THR E 203 -47.45 -8.22 10.03
CA THR E 203 -48.74 -7.85 10.59
C THR E 203 -48.92 -8.35 12.02
N ARG E 204 -48.33 -9.53 12.41
CA ARG E 204 -48.23 -10.11 13.75
C ARG E 204 -47.93 -9.00 14.78
N LYS E 205 -47.01 -8.22 14.40
CA LYS E 205 -46.49 -7.15 15.11
C LYS E 205 -47.37 -5.97 15.24
N MET E 206 -47.93 -5.55 14.10
CA MET E 206 -48.82 -4.44 13.93
C MET E 206 -50.14 -4.68 14.68
N LYS E 207 -50.76 -3.56 15.18
CA LYS E 207 -51.98 -3.54 15.94
C LYS E 207 -53.18 -3.30 15.07
N LEU E 208 -54.37 -3.66 15.57
CA LEU E 208 -55.68 -3.64 15.06
C LEU E 208 -55.71 -3.59 13.62
N ALA E 209 -55.70 -4.70 12.94
CA ALA E 209 -55.75 -4.73 11.49
C ALA E 209 -56.89 -5.66 11.13
N GLU E 210 -58.00 -5.23 10.44
CA GLU E 210 -59.18 -5.90 10.19
C GLU E 210 -59.82 -5.23 8.98
N ASP E 211 -59.17 -4.26 8.36
CA ASP E 211 -59.57 -3.63 7.13
C ASP E 211 -58.58 -3.91 6.02
N VAL E 212 -57.49 -4.68 6.27
CA VAL E 212 -56.37 -4.88 5.42
C VAL E 212 -56.70 -6.16 4.61
N ASP E 213 -56.70 -6.01 3.31
CA ASP E 213 -56.77 -7.08 2.39
C ASP E 213 -55.47 -7.04 1.66
N PHE E 214 -54.66 -8.13 1.96
CA PHE E 214 -53.27 -8.44 1.62
C PHE E 214 -53.13 -8.63 0.14
N LYS E 215 -54.18 -9.15 -0.56
CA LYS E 215 -54.26 -9.55 -2.01
C LYS E 215 -54.15 -8.41 -2.98
N GLU E 216 -54.68 -7.26 -2.62
CA GLU E 216 -54.76 -6.08 -3.43
C GLU E 216 -53.39 -5.44 -3.28
N LEU E 217 -52.77 -5.51 -2.11
CA LEU E 217 -51.42 -5.16 -1.92
C LEU E 217 -50.35 -5.98 -2.77
N ALA E 218 -50.43 -7.29 -2.83
CA ALA E 218 -49.55 -8.16 -3.59
C ALA E 218 -49.69 -7.80 -5.02
N ARG E 219 -50.92 -7.44 -5.50
CA ARG E 219 -51.14 -7.16 -6.87
C ARG E 219 -50.39 -5.97 -7.41
N ILE E 220 -50.47 -4.88 -6.57
CA ILE E 220 -49.78 -3.64 -6.76
C ILE E 220 -48.27 -3.78 -6.80
N THR E 221 -47.71 -4.60 -5.85
CA THR E 221 -46.28 -4.85 -5.71
C THR E 221 -45.84 -6.00 -6.63
N GLU E 222 -46.17 -5.94 -7.90
CA GLU E 222 -45.78 -6.97 -8.84
C GLU E 222 -44.30 -6.74 -9.12
N GLY E 223 -43.45 -7.78 -8.92
CA GLY E 223 -42.00 -7.73 -8.93
C GLY E 223 -41.33 -6.99 -7.85
N ALA E 224 -41.61 -7.40 -6.61
CA ALA E 224 -41.10 -6.84 -5.32
C ALA E 224 -40.42 -7.97 -4.59
N SER E 225 -39.34 -7.52 -3.84
CA SER E 225 -38.55 -8.43 -3.10
C SER E 225 -39.05 -8.44 -1.63
N GLY E 226 -38.63 -9.45 -0.83
CA GLY E 226 -38.88 -9.53 0.64
C GLY E 226 -38.36 -8.46 1.56
N ALA E 227 -37.19 -7.91 1.20
CA ALA E 227 -36.61 -6.78 1.96
C ALA E 227 -37.55 -5.58 1.66
N ASP E 228 -38.07 -5.45 0.47
CA ASP E 228 -38.98 -4.37 0.17
C ASP E 228 -40.30 -4.50 0.85
N ILE E 229 -40.89 -5.75 1.00
CA ILE E 229 -42.16 -6.00 1.73
C ILE E 229 -42.06 -5.63 3.27
N LYS E 230 -40.96 -6.02 3.89
CA LYS E 230 -40.57 -5.72 5.27
C LYS E 230 -40.45 -4.27 5.46
N ALA E 231 -39.75 -3.52 4.61
CA ALA E 231 -39.49 -2.02 4.69
C ALA E 231 -40.85 -1.25 4.60
N ILE E 232 -41.85 -1.73 3.86
CA ILE E 232 -43.12 -1.18 3.51
C ILE E 232 -43.92 -1.12 4.80
N CYS E 233 -43.82 -2.20 5.61
CA CYS E 233 -44.42 -2.37 6.92
C CYS E 233 -43.83 -1.47 7.97
N THR E 234 -42.48 -1.17 7.98
CA THR E 234 -41.94 -0.12 8.84
C THR E 234 -42.51 1.19 8.54
N GLU E 235 -42.62 1.50 7.23
CA GLU E 235 -43.07 2.77 6.74
C GLU E 235 -44.52 2.96 7.00
N ALA E 236 -45.30 1.83 7.12
CA ALA E 236 -46.73 1.88 7.38
C ALA E 236 -47.15 2.41 8.71
N GLY E 237 -46.37 2.10 9.69
CA GLY E 237 -46.38 2.58 11.06
C GLY E 237 -46.06 4.06 11.11
N MET E 238 -45.20 4.60 10.21
CA MET E 238 -44.88 6.01 10.15
C MET E 238 -46.02 6.84 9.68
N PHE E 239 -46.74 6.39 8.62
CA PHE E 239 -47.88 6.94 7.99
C PHE E 239 -49.03 6.92 9.01
N ALA E 240 -49.21 5.84 9.79
CA ALA E 240 -50.26 5.73 10.76
C ALA E 240 -50.08 6.76 11.87
N ILE E 241 -48.82 6.97 12.36
CA ILE E 241 -48.54 7.95 13.33
C ILE E 241 -48.65 9.37 12.74
N ARG E 242 -48.56 9.51 11.37
CA ARG E 242 -48.78 10.84 10.80
C ARG E 242 -50.21 11.20 10.81
N GLU E 243 -51.18 10.27 10.67
CA GLU E 243 -52.55 10.60 10.68
C GLU E 243 -53.19 10.50 12.05
N GLU E 244 -52.28 10.36 13.04
CA GLU E 244 -52.60 10.34 14.43
C GLU E 244 -53.56 9.26 14.90
N ARG E 245 -53.14 8.01 14.60
CA ARG E 245 -53.90 6.88 15.00
C ARG E 245 -52.90 5.71 15.13
N ALA E 246 -53.04 4.96 16.22
CA ALA E 246 -52.20 3.85 16.57
C ALA E 246 -52.74 2.50 15.97
N LYS E 247 -53.71 2.62 15.08
CA LYS E 247 -54.51 1.53 14.46
C LYS E 247 -53.93 1.50 13.05
N VAL E 248 -53.40 0.36 12.60
CA VAL E 248 -52.79 0.31 11.32
C VAL E 248 -53.67 -0.57 10.43
N THR E 249 -54.21 0.14 9.37
CA THR E 249 -54.99 -0.49 8.35
C THR E 249 -54.35 -0.18 7.03
N MET E 250 -55.26 -0.05 6.00
CA MET E 250 -55.10 -0.65 4.73
C MET E 250 -54.70 0.49 3.80
N LEU E 251 -55.26 1.71 4.15
CA LEU E 251 -55.03 3.05 3.66
C LEU E 251 -53.52 3.41 3.89
N ASP E 252 -53.05 3.10 5.12
CA ASP E 252 -51.65 3.27 5.51
C ASP E 252 -50.78 2.43 4.68
N PHE E 253 -51.22 1.14 4.48
CA PHE E 253 -50.49 0.21 3.65
C PHE E 253 -50.34 0.64 2.20
N THR E 254 -51.44 1.18 1.60
CA THR E 254 -51.51 1.69 0.25
C THR E 254 -50.55 2.91 0.07
N LYS E 255 -50.53 3.85 1.01
CA LYS E 255 -49.58 5.02 0.94
C LYS E 255 -48.20 4.56 1.08
N ALA E 256 -47.89 3.57 1.90
CA ALA E 256 -46.58 3.03 2.08
C ALA E 256 -45.96 2.37 0.89
N ILE E 257 -46.83 1.63 0.13
CA ILE E 257 -46.48 1.08 -1.12
C ILE E 257 -46.11 2.13 -2.10
N GLU E 258 -46.86 3.26 -2.30
CA GLU E 258 -46.49 4.26 -3.23
C GLU E 258 -45.17 4.86 -2.99
N LYS E 259 -44.94 5.26 -1.77
CA LYS E 259 -43.79 5.93 -1.30
C LYS E 259 -42.51 5.17 -1.46
N VAL E 260 -42.51 3.90 -1.00
CA VAL E 260 -41.26 3.16 -0.99
C VAL E 260 -41.21 2.48 -2.26
N LEU E 261 -42.09 1.51 -2.50
CA LEU E 261 -41.93 0.57 -3.57
C LEU E 261 -42.14 1.17 -4.93
N LYS E 262 -43.21 2.01 -5.09
CA LYS E 262 -43.59 2.40 -6.42
C LYS E 262 -42.65 3.51 -6.86
N LYS E 263 -41.73 3.22 -7.76
CA LYS E 263 -40.76 4.15 -8.28
C LYS E 263 -40.34 3.66 -9.65
N THR E 264 -40.71 2.39 -9.84
CA THR E 264 -39.94 1.63 -10.74
C THR E 264 -40.70 1.65 -12.07
N THR E 265 -42.04 1.60 -11.96
CA THR E 265 -43.02 1.73 -12.97
C THR E 265 -43.26 3.28 -12.96
N PRO E 266 -43.41 4.00 -14.08
CA PRO E 266 -43.39 3.39 -15.44
C PRO E 266 -42.01 3.10 -15.94
N ILE E 267 -41.86 2.32 -16.99
CA ILE E 267 -40.62 2.07 -17.68
C ILE E 267 -40.89 2.71 -18.97
N LYS F 1 16.67 19.68 21.78
CA LYS F 1 15.77 18.48 21.84
C LYS F 1 16.60 17.31 22.21
N ASP F 2 16.67 16.20 21.37
CA ASP F 2 17.47 15.03 21.71
C ASP F 2 18.08 14.56 20.39
N PRO F 3 19.19 15.03 19.93
CA PRO F 3 19.83 14.72 18.68
C PRO F 3 20.88 13.72 18.83
N MET F 4 20.72 12.62 18.05
CA MET F 4 21.79 11.67 17.94
C MET F 4 22.58 12.03 16.73
N VAL F 5 23.31 11.09 16.13
CA VAL F 5 24.21 11.29 15.00
C VAL F 5 23.48 11.89 13.84
N TYR F 6 22.13 11.52 13.76
CA TYR F 6 21.06 11.89 12.89
C TYR F 6 21.46 12.92 11.84
N GLY F 7 21.57 14.20 12.21
CA GLY F 7 22.19 15.19 11.38
C GLY F 7 23.37 15.66 12.04
N PHE F 8 23.40 15.49 13.41
CA PHE F 8 24.28 16.13 14.30
C PHE F 8 25.79 15.96 13.98
N GLU F 9 26.14 14.72 13.66
CA GLU F 9 27.39 14.37 13.05
C GLU F 9 27.97 15.42 12.16
N VAL F 10 29.22 15.71 12.36
CA VAL F 10 29.99 16.58 11.46
C VAL F 10 31.38 16.01 11.30
N GLU F 11 31.81 15.69 10.08
CA GLU F 11 33.04 14.94 9.80
C GLU F 11 33.29 15.35 8.39
N GLU F 12 34.55 15.26 7.91
CA GLU F 12 34.84 15.69 6.59
C GLU F 12 36.14 15.14 6.19
N LYS F 13 36.65 14.22 7.02
CA LYS F 13 37.75 13.44 6.78
C LYS F 13 37.83 12.76 5.43
N PRO F 14 39.08 12.51 4.91
CA PRO F 14 39.33 11.67 3.79
C PRO F 14 38.71 10.29 3.63
N GLU F 15 38.75 9.66 2.43
CA GLU F 15 39.44 9.99 1.15
C GLU F 15 39.08 11.27 0.47
N VAL F 16 37.74 11.58 0.43
CA VAL F 16 37.20 12.84 -0.17
C VAL F 16 37.64 14.03 0.67
N SER F 17 38.32 14.95 0.00
CA SER F 17 39.00 16.01 0.66
C SER F 17 39.20 16.97 -0.43
N TYR F 18 39.87 18.05 -0.03
CA TYR F 18 40.13 19.27 -0.79
C TYR F 18 41.32 19.04 -1.77
N GLU F 19 41.93 17.83 -1.91
CA GLU F 19 42.99 17.63 -2.85
C GLU F 19 42.55 16.48 -3.70
N ASP F 20 41.25 16.01 -3.64
CA ASP F 20 40.77 14.93 -4.49
C ASP F 20 39.47 15.53 -5.06
N ILE F 21 39.64 16.76 -5.57
CA ILE F 21 38.59 17.65 -6.15
C ILE F 21 38.38 17.35 -7.64
N GLY F 22 38.49 16.00 -7.97
CA GLY F 22 38.18 15.52 -9.26
C GLY F 22 36.92 15.98 -9.92
N GLY F 23 37.01 16.43 -11.11
CA GLY F 23 35.90 17.02 -11.73
C GLY F 23 36.21 17.26 -13.23
N LEU F 24 35.19 17.89 -13.95
CA LEU F 24 33.90 18.45 -13.56
C LEU F 24 34.17 19.77 -12.86
N ASP F 25 35.16 20.52 -13.42
CA ASP F 25 35.96 21.47 -12.70
C ASP F 25 35.19 22.82 -12.71
N VAL F 26 34.42 23.19 -13.81
CA VAL F 26 33.56 24.39 -13.91
C VAL F 26 32.51 24.30 -12.87
N GLN F 27 31.97 23.07 -12.71
CA GLN F 27 30.92 22.72 -11.75
C GLN F 27 31.37 22.95 -10.37
N ILE F 28 32.68 22.64 -10.04
CA ILE F 28 33.17 22.95 -8.71
C ILE F 28 33.18 24.36 -8.53
N GLU F 29 33.62 25.23 -9.41
CA GLU F 29 33.63 26.68 -9.27
C GLU F 29 32.24 27.20 -8.92
N GLU F 30 31.15 26.65 -9.49
CA GLU F 30 29.76 27.02 -9.22
C GLU F 30 29.33 26.78 -7.80
N ILE F 31 29.85 25.63 -7.15
CA ILE F 31 29.54 25.31 -5.76
C ILE F 31 30.23 26.31 -4.90
N ARG F 32 31.47 26.64 -5.17
CA ARG F 32 32.28 27.62 -4.47
C ARG F 32 31.61 28.98 -4.42
N GLU F 33 30.95 29.50 -5.52
CA GLU F 33 30.18 30.72 -5.63
C GLU F 33 28.97 30.74 -4.80
N ALA F 34 28.18 29.59 -4.78
CA ALA F 34 26.92 29.41 -4.04
C ALA F 34 27.02 29.37 -2.52
N VAL F 35 28.10 28.73 -1.99
CA VAL F 35 28.18 28.29 -0.61
C VAL F 35 29.38 29.07 0.00
N GLU F 36 30.57 28.81 -0.52
CA GLU F 36 31.77 29.30 0.06
C GLU F 36 32.07 30.81 -0.08
N LEU F 37 31.71 31.46 -1.20
CA LEU F 37 31.83 32.89 -1.31
C LEU F 37 31.03 33.73 -0.36
N PRO F 38 29.74 33.57 -0.04
CA PRO F 38 29.10 34.42 0.98
C PRO F 38 29.61 33.99 2.42
N LEU F 39 30.07 32.69 2.59
CA LEU F 39 30.50 32.18 3.88
C LEU F 39 31.76 32.88 4.31
N LEU F 40 32.72 33.00 3.35
CA LEU F 40 34.00 33.56 3.55
C LEU F 40 34.11 35.00 3.34
N LYS F 41 33.30 35.57 2.41
CA LYS F 41 33.23 36.98 2.09
C LYS F 41 31.80 37.52 1.99
N PRO F 42 31.07 37.80 3.11
CA PRO F 42 29.66 38.28 3.15
C PRO F 42 29.45 39.65 2.61
N GLU F 43 30.56 40.48 2.70
CA GLU F 43 30.41 41.88 2.34
C GLU F 43 30.18 42.08 0.89
N LEU F 44 30.46 41.06 0.04
CA LEU F 44 30.37 41.22 -1.40
C LEU F 44 28.93 41.21 -1.81
N PHE F 45 28.08 40.50 -1.03
CA PHE F 45 26.66 40.34 -1.15
C PHE F 45 25.89 41.58 -0.69
N ALA F 46 26.49 42.39 0.23
CA ALA F 46 25.95 43.63 0.61
C ALA F 46 26.08 44.66 -0.41
N GLU F 47 27.20 44.66 -1.26
CA GLU F 47 27.42 45.62 -2.37
C GLU F 47 26.41 45.43 -3.55
N VAL F 48 26.13 44.18 -3.94
CA VAL F 48 25.18 43.85 -4.98
C VAL F 48 23.85 44.08 -4.41
N GLY F 49 23.65 43.45 -3.27
CA GLY F 49 22.47 43.56 -2.45
C GLY F 49 21.63 42.35 -2.67
N ILE F 50 22.13 41.29 -3.29
CA ILE F 50 21.41 40.05 -3.49
C ILE F 50 21.21 39.27 -2.17
N GLU F 51 20.29 38.30 -2.16
CA GLU F 51 20.24 37.26 -1.13
C GLU F 51 21.15 36.21 -1.57
N PRO F 52 22.18 35.88 -0.79
CA PRO F 52 23.06 34.80 -1.12
C PRO F 52 22.40 33.51 -1.51
N PRO F 53 22.83 32.78 -2.55
CA PRO F 53 22.19 31.52 -2.99
C PRO F 53 21.96 30.63 -1.82
N LYS F 54 20.88 29.85 -1.84
CA LYS F 54 20.37 29.21 -0.63
C LYS F 54 20.50 27.76 -0.71
N GLY F 55 21.28 27.26 -1.66
CA GLY F 55 21.33 25.80 -1.84
C GLY F 55 21.73 25.44 -3.20
N VAL F 56 22.44 24.30 -3.33
CA VAL F 56 22.99 23.85 -4.55
C VAL F 56 22.38 22.52 -4.76
N LEU F 57 21.58 22.39 -5.82
CA LEU F 57 21.03 21.10 -6.21
C LEU F 57 21.91 20.41 -7.20
N LEU F 58 22.62 19.36 -6.81
CA LEU F 58 23.45 18.64 -7.74
C LEU F 58 22.70 17.40 -8.24
N TYR F 59 22.71 17.12 -9.55
CA TYR F 59 21.98 15.92 -9.98
C TYR F 59 22.81 15.32 -11.06
N GLY F 60 22.36 14.14 -11.52
CA GLY F 60 23.12 13.49 -12.57
C GLY F 60 22.77 12.03 -12.58
N PRO F 61 23.40 11.25 -13.51
CA PRO F 61 23.52 9.81 -13.35
C PRO F 61 24.39 9.40 -12.21
N PRO F 62 24.43 8.11 -11.82
CA PRO F 62 25.12 7.67 -10.58
C PRO F 62 26.59 7.62 -10.85
N GLY F 63 27.39 7.80 -9.79
CA GLY F 63 28.83 7.56 -9.83
C GLY F 63 29.50 8.70 -10.56
N THR F 64 28.73 9.74 -10.92
CA THR F 64 29.30 10.73 -11.90
C THR F 64 30.13 11.74 -11.09
N GLY F 65 29.47 12.23 -10.06
CA GLY F 65 30.05 12.38 -8.74
C GLY F 65 29.29 13.53 -8.31
N LYS F 66 28.77 13.38 -7.07
CA LYS F 66 28.29 14.53 -6.40
C LYS F 66 28.50 14.50 -4.93
N THR F 67 28.88 13.28 -4.43
CA THR F 67 29.25 13.05 -3.07
C THR F 67 30.55 13.76 -2.86
N LEU F 68 31.47 13.39 -3.76
CA LEU F 68 32.64 14.07 -4.24
C LEU F 68 32.65 15.55 -3.91
N LEU F 69 32.34 16.37 -4.95
CA LEU F 69 31.87 17.72 -5.02
C LEU F 69 31.60 18.30 -3.66
N ALA F 70 30.41 17.80 -3.10
CA ALA F 70 29.95 18.29 -1.84
C ALA F 70 30.91 18.17 -0.64
N LYS F 71 31.60 17.01 -0.39
CA LYS F 71 32.61 16.85 0.72
C LYS F 71 33.89 17.59 0.59
N ALA F 72 34.37 17.73 -0.67
CA ALA F 72 35.64 18.36 -1.04
C ALA F 72 35.46 19.79 -0.65
N VAL F 73 34.26 20.42 -0.90
CA VAL F 73 33.83 21.83 -0.56
C VAL F 73 33.73 22.13 0.96
N ALA F 74 33.16 21.16 1.66
CA ALA F 74 32.86 21.12 3.03
C ALA F 74 34.00 21.20 3.97
N ASN F 75 35.16 20.57 3.51
CA ASN F 75 36.44 20.59 4.23
C ASN F 75 37.09 21.98 4.14
N GLN F 76 36.73 22.68 3.05
CA GLN F 76 37.24 24.00 2.80
C GLN F 76 36.60 25.09 3.69
N THR F 77 35.27 24.96 3.86
CA THR F 77 34.45 25.95 4.47
C THR F 77 34.81 26.05 5.87
N ARG F 78 34.95 24.87 6.55
CA ARG F 78 35.13 24.63 7.97
C ARG F 78 33.94 25.02 8.76
N ALA F 79 32.78 24.63 8.24
CA ALA F 79 31.45 24.97 8.73
C ALA F 79 30.93 23.78 9.36
N THR F 80 29.69 23.79 9.85
CA THR F 80 29.01 22.72 10.58
C THR F 80 28.31 21.90 9.44
N PHE F 81 28.95 20.78 9.06
CA PHE F 81 28.50 19.96 7.91
C PHE F 81 27.69 18.87 8.51
N ILE F 82 26.40 19.07 8.26
CA ILE F 82 25.28 18.31 8.74
C ILE F 82 25.10 17.20 7.84
N ARG F 83 25.16 15.92 8.34
CA ARG F 83 25.10 14.76 7.55
C ARG F 83 23.81 14.07 7.92
N VAL F 84 22.90 14.03 6.96
CA VAL F 84 21.71 13.23 7.22
C VAL F 84 21.49 12.41 5.97
N VAL F 85 20.63 11.42 6.09
CA VAL F 85 20.70 10.35 5.11
C VAL F 85 19.29 10.12 4.74
N GLY F 86 19.11 9.31 3.63
CA GLY F 86 18.13 9.73 2.68
C GLY F 86 16.77 9.24 3.00
N SER F 87 16.67 8.32 4.04
CA SER F 87 15.41 7.63 4.54
C SER F 87 15.97 7.11 5.82
N GLU F 88 16.48 7.97 6.68
CA GLU F 88 16.58 7.71 8.11
C GLU F 88 15.23 8.21 8.63
N PHE F 89 14.48 8.99 7.79
CA PHE F 89 13.12 9.48 8.09
C PHE F 89 12.17 8.34 8.35
N VAL F 90 11.18 8.57 9.26
CA VAL F 90 10.14 7.65 9.69
C VAL F 90 10.60 6.21 9.79
N GLN F 91 11.41 5.91 10.82
CA GLN F 91 12.07 4.72 11.16
C GLN F 91 11.13 3.53 11.38
N LYS F 92 9.96 3.79 12.05
CA LYS F 92 8.97 2.77 12.31
C LYS F 92 7.73 3.46 12.76
N TYR F 93 7.92 4.74 13.13
CA TYR F 93 6.86 5.48 13.71
C TYR F 93 6.75 6.74 12.98
N ILE F 94 5.66 7.47 13.04
CA ILE F 94 5.11 8.24 11.97
C ILE F 94 5.26 9.65 12.38
N GLY F 95 5.55 10.62 11.45
CA GLY F 95 5.59 12.02 11.78
C GLY F 95 6.92 12.25 12.50
N GLU F 96 7.73 11.18 12.65
CA GLU F 96 8.95 11.10 13.19
C GLU F 96 9.91 11.82 12.34
N GLY F 97 9.62 11.61 10.97
CA GLY F 97 10.46 12.26 10.06
C GLY F 97 10.29 13.73 10.11
N ALA F 98 9.10 14.26 10.42
CA ALA F 98 8.79 15.69 10.37
C ALA F 98 9.42 16.42 11.56
N ARG F 99 9.46 15.70 12.68
CA ARG F 99 10.16 16.18 13.85
C ARG F 99 11.69 16.16 13.54
N LEU F 100 12.35 15.20 12.83
CA LEU F 100 13.78 15.21 12.40
C LEU F 100 14.16 16.31 11.51
N VAL F 101 13.28 16.63 10.60
CA VAL F 101 13.53 17.68 9.58
C VAL F 101 13.62 18.98 10.27
N ARG F 102 12.72 19.22 11.25
CA ARG F 102 12.71 20.39 12.01
C ARG F 102 13.83 20.57 12.93
N GLU F 103 14.18 19.49 13.63
CA GLU F 103 15.24 19.42 14.59
C GLU F 103 16.60 19.80 13.92
N VAL F 104 16.88 19.16 12.81
CA VAL F 104 18.09 19.28 12.05
C VAL F 104 18.32 20.70 11.65
N PHE F 105 17.23 21.30 11.08
CA PHE F 105 17.16 22.65 10.67
C PHE F 105 17.24 23.72 11.73
N GLN F 106 16.63 23.50 12.87
CA GLN F 106 16.67 24.42 14.02
C GLN F 106 18.05 24.57 14.72
N LEU F 107 18.73 23.43 14.86
CA LEU F 107 20.13 23.21 15.33
C LEU F 107 21.05 23.84 14.35
N ALA F 108 20.68 23.71 13.05
CA ALA F 108 21.51 24.26 11.99
C ALA F 108 21.58 25.75 12.09
N LYS F 109 20.48 26.43 12.41
CA LYS F 109 20.36 27.85 12.58
C LYS F 109 21.24 28.27 13.69
N GLU F 110 21.28 27.51 14.83
CA GLU F 110 22.09 27.83 16.02
C GLU F 110 23.55 27.69 15.68
N LYS F 111 23.93 26.73 14.87
CA LYS F 111 25.27 26.34 14.53
C LYS F 111 25.64 26.94 13.13
N ALA F 112 24.83 27.92 12.64
CA ALA F 112 25.04 28.62 11.40
C ALA F 112 26.25 29.50 11.56
N PRO F 113 27.17 29.58 10.61
CA PRO F 113 27.14 28.91 9.35
C PRO F 113 27.14 27.40 9.31
N SER F 114 26.22 26.72 8.51
CA SER F 114 26.08 25.34 8.59
C SER F 114 25.60 24.94 7.24
N ILE F 115 25.96 23.67 6.77
CA ILE F 115 25.71 23.15 5.46
C ILE F 115 25.04 21.77 5.62
N ILE F 116 23.92 21.52 4.86
CA ILE F 116 23.18 20.31 5.05
C ILE F 116 23.25 19.45 3.83
N PHE F 117 24.09 18.35 3.81
CA PHE F 117 24.23 17.45 2.72
C PHE F 117 23.43 16.33 3.09
N ILE F 118 22.41 16.17 2.25
CA ILE F 118 21.43 15.17 2.35
C ILE F 118 21.44 14.30 1.11
N ASP F 119 21.76 13.00 1.31
CA ASP F 119 21.99 12.01 0.30
C ASP F 119 20.66 11.53 -0.13
N GLU F 120 20.30 11.77 -1.38
CA GLU F 120 19.14 11.32 -2.16
C GLU F 120 17.76 11.79 -1.80
N LEU F 121 17.56 12.73 -0.88
CA LEU F 121 16.31 13.24 -0.34
C LEU F 121 15.47 13.93 -1.30
N ASP F 122 16.08 14.51 -2.36
CA ASP F 122 15.31 15.04 -3.49
C ASP F 122 14.59 13.98 -4.28
N ALA F 123 15.17 12.79 -4.44
CA ALA F 123 14.57 11.66 -5.13
C ALA F 123 13.45 11.03 -4.30
N ILE F 124 13.47 11.13 -2.95
CA ILE F 124 12.41 10.56 -2.16
C ILE F 124 11.12 11.40 -2.31
N ALA F 125 11.30 12.71 -2.33
CA ALA F 125 10.36 13.75 -2.77
C ALA F 125 9.86 13.50 -4.19
N ALA F 126 8.64 12.93 -4.27
CA ALA F 126 8.02 12.65 -5.54
C ALA F 126 6.60 13.11 -5.47
N ARG F 127 5.96 13.08 -6.68
CA ARG F 127 4.62 13.51 -6.95
C ARG F 127 3.55 12.61 -6.44
N ARG F 128 2.27 13.07 -6.50
CA ARG F 128 1.14 12.22 -6.09
C ARG F 128 0.23 12.32 -7.24
N THR F 129 -0.54 11.26 -7.48
CA THR F 129 -1.38 11.03 -8.64
C THR F 129 -2.69 10.68 -7.97
N ASN F 130 -3.77 11.32 -8.46
CA ASN F 130 -5.10 11.08 -7.97
C ASN F 130 -5.70 9.82 -8.66
N SER F 131 -6.56 8.96 -8.10
CA SER F 131 -7.09 8.93 -6.77
C SER F 131 -6.06 8.75 -5.64
N ASP F 132 -5.07 7.78 -5.68
CA ASP F 132 -4.86 6.63 -6.52
C ASP F 132 -4.65 5.53 -5.58
N THR F 133 -3.79 5.82 -4.59
CA THR F 133 -3.49 4.97 -3.42
C THR F 133 -3.21 5.96 -2.41
N SER F 134 -3.30 5.55 -1.10
CA SER F 134 -3.09 6.36 0.08
C SER F 134 -1.64 6.30 0.47
N GLY F 135 -0.93 5.42 -0.29
CA GLY F 135 0.44 5.29 -0.50
C GLY F 135 1.13 4.87 0.85
N ASP F 136 2.43 5.25 1.22
CA ASP F 136 3.48 6.01 0.50
C ASP F 136 3.23 7.58 0.34
N ARG F 137 2.06 8.11 0.69
CA ARG F 137 1.74 9.44 0.88
C ARG F 137 2.33 10.00 2.12
N GLU F 138 2.46 9.22 3.23
CA GLU F 138 2.92 9.65 4.51
C GLU F 138 4.42 10.08 4.61
N VAL F 139 5.27 9.37 3.87
CA VAL F 139 6.70 9.76 3.71
C VAL F 139 6.79 11.03 2.97
N GLN F 140 5.88 11.29 1.94
CA GLN F 140 5.93 12.49 1.07
C GLN F 140 5.61 13.73 1.90
N ARG F 141 5.07 13.59 3.07
CA ARG F 141 4.77 14.63 4.00
C ARG F 141 5.94 15.19 4.59
N THR F 142 6.96 14.37 4.86
CA THR F 142 8.21 14.63 5.45
C THR F 142 9.04 15.58 4.52
N MET F 143 8.82 15.48 3.16
CA MET F 143 9.30 16.40 2.17
C MET F 143 8.76 17.83 2.46
N MET F 144 7.51 18.03 2.82
CA MET F 144 6.88 19.26 2.90
C MET F 144 7.37 20.15 4.01
N GLN F 145 7.86 19.45 5.08
CA GLN F 145 8.60 20.04 6.17
C GLN F 145 9.88 20.64 5.66
N LEU F 146 10.59 19.99 4.73
CA LEU F 146 11.84 20.49 4.18
C LEU F 146 11.69 21.76 3.44
N LEU F 147 10.55 21.87 2.63
CA LEU F 147 10.28 23.09 1.99
C LEU F 147 9.98 24.23 2.90
N ALA F 148 9.12 24.02 3.91
CA ALA F 148 8.76 25.03 4.92
C ALA F 148 9.99 25.53 5.61
N GLU F 149 10.93 24.68 6.14
CA GLU F 149 12.07 25.17 6.94
C GLU F 149 13.11 25.91 6.11
N LEU F 150 13.26 25.54 4.78
CA LEU F 150 14.41 26.00 4.03
C LEU F 150 14.47 27.47 3.83
N ASP F 151 13.35 28.08 3.43
CA ASP F 151 13.13 29.51 3.39
C ASP F 151 11.65 29.74 3.13
N GLY F 152 10.87 28.65 3.40
CA GLY F 152 9.41 28.77 3.21
C GLY F 152 8.77 29.71 4.06
N PHE F 153 9.08 29.79 5.33
CA PHE F 153 8.50 30.81 6.20
C PHE F 153 9.55 31.13 7.17
N ASP F 154 10.46 30.17 7.48
CA ASP F 154 11.34 30.25 8.65
C ASP F 154 12.62 30.54 8.01
N PRO F 155 13.30 31.70 8.33
CA PRO F 155 14.63 31.95 7.72
C PRO F 155 15.66 30.85 7.76
N ARG F 156 16.58 30.89 6.79
CA ARG F 156 17.66 29.87 6.58
C ARG F 156 18.79 30.01 7.58
N GLY F 157 19.11 31.29 7.82
CA GLY F 157 20.36 31.66 8.49
C GLY F 157 21.38 31.62 7.44
N ASP F 158 22.04 30.47 7.32
CA ASP F 158 23.10 30.38 6.37
C ASP F 158 23.16 28.89 6.07
N VAL F 159 22.02 28.50 5.40
CA VAL F 159 21.83 27.16 4.98
C VAL F 159 21.23 27.33 3.59
N LYS F 160 21.82 26.83 2.50
CA LYS F 160 22.95 25.94 2.27
C LYS F 160 22.41 24.59 2.49
N VAL F 161 21.46 24.11 1.66
CA VAL F 161 20.92 22.74 1.61
C VAL F 161 21.53 22.21 0.35
N ILE F 162 22.38 21.07 0.33
CA ILE F 162 22.96 20.50 -0.85
C ILE F 162 22.10 19.29 -1.27
N GLY F 163 21.36 19.35 -2.41
CA GLY F 163 20.47 18.29 -2.86
C GLY F 163 21.26 17.26 -3.61
N ALA F 164 20.71 16.06 -3.78
CA ALA F 164 21.36 14.91 -4.41
C ALA F 164 20.24 14.16 -4.93
N THR F 165 20.28 13.75 -6.23
CA THR F 165 19.27 12.92 -6.77
C THR F 165 19.82 12.24 -8.06
N ASN F 166 19.28 10.98 -8.31
CA ASN F 166 19.68 10.17 -9.40
C ASN F 166 18.80 10.30 -10.53
N ARG F 167 17.80 11.25 -10.51
CA ARG F 167 16.82 11.40 -11.54
C ARG F 167 16.22 12.68 -11.28
N ILE F 168 15.74 13.37 -12.38
CA ILE F 168 15.00 14.57 -12.38
C ILE F 168 13.63 14.23 -12.94
N ASP F 169 13.39 12.88 -13.14
CA ASP F 169 12.31 12.15 -13.84
C ASP F 169 11.53 11.49 -12.71
N ILE F 170 11.78 12.01 -11.43
CA ILE F 170 11.13 11.33 -10.30
C ILE F 170 10.62 12.46 -9.39
N LEU F 171 10.80 13.76 -9.67
CA LEU F 171 10.64 14.80 -8.67
C LEU F 171 9.22 15.42 -8.83
N ASP F 172 8.75 16.16 -7.81
CA ASP F 172 7.58 17.02 -7.81
C ASP F 172 8.11 18.31 -8.27
N PRO F 173 7.20 19.21 -8.86
CA PRO F 173 7.67 20.39 -9.51
C PRO F 173 8.22 21.38 -8.51
N ALA F 174 7.85 21.17 -7.21
CA ALA F 174 7.98 22.03 -6.05
C ALA F 174 9.31 21.84 -5.33
N ILE F 175 10.20 20.95 -5.82
CA ILE F 175 11.59 20.70 -5.27
C ILE F 175 12.48 20.91 -6.43
N LEU F 176 11.99 20.54 -7.66
CA LEU F 176 12.82 20.68 -8.80
C LEU F 176 13.31 22.13 -9.01
N ARG F 177 12.34 23.07 -8.98
CA ARG F 177 12.46 24.40 -9.45
C ARG F 177 13.67 25.15 -8.84
N PRO F 178 14.15 26.20 -9.39
CA PRO F 178 15.10 26.98 -8.64
C PRO F 178 14.33 27.94 -7.77
N GLY F 179 14.25 27.60 -6.49
CA GLY F 179 13.46 28.36 -5.61
C GLY F 179 13.76 27.79 -4.24
N ARG F 180 14.21 26.52 -4.15
CA ARG F 180 14.67 26.00 -2.89
C ARG F 180 16.11 25.67 -2.84
N PHE F 181 16.74 25.90 -3.98
CA PHE F 181 18.08 25.84 -4.26
C PHE F 181 18.36 27.25 -4.76
N ASP F 182 18.05 27.36 -6.06
CA ASP F 182 18.23 28.42 -6.95
C ASP F 182 19.34 28.06 -7.90
N ARG F 183 20.36 27.36 -7.37
CA ARG F 183 21.53 27.07 -8.12
C ARG F 183 21.38 25.62 -8.43
N ILE F 184 20.82 25.38 -9.58
CA ILE F 184 20.48 24.10 -10.16
C ILE F 184 21.67 23.72 -11.06
N ILE F 185 22.34 22.59 -10.75
CA ILE F 185 23.55 22.13 -11.42
C ILE F 185 23.37 20.83 -12.07
N GLU F 186 23.60 20.91 -13.40
CA GLU F 186 23.70 19.71 -14.18
C GLU F 186 25.10 19.20 -14.00
N VAL F 187 25.19 17.89 -13.62
CA VAL F 187 26.51 17.28 -13.59
C VAL F 187 26.42 16.17 -14.68
N PRO F 188 27.01 16.30 -15.89
CA PRO F 188 26.87 15.43 -17.06
C PRO F 188 27.97 14.52 -16.87
N LEU F 189 28.19 13.57 -17.80
CA LEU F 189 29.37 12.77 -17.83
C LEU F 189 30.57 13.62 -18.16
N PRO F 190 31.69 13.42 -17.45
CA PRO F 190 32.91 14.25 -17.50
C PRO F 190 33.40 14.48 -18.86
N THR F 191 33.83 15.77 -19.05
CA THR F 191 34.34 16.31 -20.33
C THR F 191 35.58 15.62 -20.81
N PHE F 192 36.04 15.93 -22.06
CA PHE F 192 37.20 15.28 -22.61
C PHE F 192 38.40 15.53 -21.71
N GLU F 193 38.63 16.83 -21.37
CA GLU F 193 39.70 17.35 -20.50
C GLU F 193 39.38 16.93 -19.09
N GLY F 194 38.04 16.87 -18.78
CA GLY F 194 37.49 16.63 -17.43
C GLY F 194 37.93 15.31 -16.90
N ARG F 195 37.87 14.28 -17.85
CA ARG F 195 38.24 12.88 -17.72
C ARG F 195 39.64 12.65 -17.47
N ILE F 196 40.51 13.49 -18.16
CA ILE F 196 41.99 13.44 -17.96
C ILE F 196 42.30 13.86 -16.50
N GLN F 197 41.68 14.90 -15.92
CA GLN F 197 41.78 15.40 -14.57
C GLN F 197 41.47 14.31 -13.55
N ILE F 198 40.51 13.34 -13.78
CA ILE F 198 40.17 12.30 -12.85
C ILE F 198 41.28 11.27 -12.78
N PHE F 199 41.86 10.83 -13.96
CA PHE F 199 42.94 9.89 -14.07
C PHE F 199 44.19 10.40 -13.35
N LYS F 200 44.46 11.75 -13.37
CA LYS F 200 45.61 12.43 -12.84
C LYS F 200 45.90 12.18 -11.36
N ILE F 201 44.76 12.29 -10.58
CA ILE F 201 44.69 12.07 -9.14
C ILE F 201 45.03 10.65 -8.84
N HIS F 202 44.42 9.69 -9.64
CA HIS F 202 44.47 8.32 -9.30
C HIS F 202 45.85 7.75 -9.58
N THR F 203 46.39 8.13 -10.79
CA THR F 203 47.71 7.79 -11.20
C THR F 203 48.75 8.31 -10.23
N ARG F 204 48.51 9.50 -9.58
CA ARG F 204 49.38 10.16 -8.60
C ARG F 204 49.65 9.34 -7.39
N LYS F 205 48.52 8.79 -6.88
CA LYS F 205 48.45 7.80 -5.81
C LYS F 205 49.15 6.51 -6.19
N MET F 206 49.12 6.10 -7.52
CA MET F 206 49.63 4.83 -8.01
C MET F 206 51.01 4.87 -8.58
N LYS F 207 51.86 5.74 -7.95
CA LYS F 207 53.26 5.93 -8.30
C LYS F 207 53.48 6.07 -9.78
N LEU F 208 54.66 5.53 -10.24
CA LEU F 208 55.20 5.41 -11.59
C LEU F 208 54.23 4.97 -12.71
N ALA F 209 54.14 5.79 -13.76
CA ALA F 209 53.40 5.53 -15.00
C ALA F 209 54.22 6.28 -16.05
N GLU F 210 54.75 5.60 -17.12
CA GLU F 210 55.83 6.23 -17.87
C GLU F 210 55.63 5.90 -19.31
N ASP F 211 54.38 5.49 -19.77
CA ASP F 211 54.23 5.05 -21.16
C ASP F 211 52.70 5.23 -21.35
N VAL F 212 51.90 5.36 -20.19
CA VAL F 212 50.53 5.60 -20.12
C VAL F 212 50.24 6.87 -20.85
N ASP F 213 49.21 6.97 -21.67
CA ASP F 213 48.91 8.23 -22.22
C ASP F 213 47.46 8.47 -21.88
N PHE F 214 47.18 9.38 -20.98
CA PHE F 214 45.94 9.61 -20.34
C PHE F 214 44.83 10.08 -21.31
N LYS F 215 45.24 10.83 -22.39
CA LYS F 215 44.44 11.41 -23.39
C LYS F 215 43.83 10.27 -24.19
N GLU F 216 44.70 9.25 -24.42
CA GLU F 216 44.31 8.06 -25.22
C GLU F 216 43.30 7.23 -24.46
N LEU F 217 43.47 7.09 -23.13
CA LEU F 217 42.56 6.45 -22.26
C LEU F 217 41.17 7.10 -22.40
N ALA F 218 41.16 8.41 -22.50
CA ALA F 218 39.98 9.29 -22.70
C ALA F 218 39.13 9.07 -23.96
N ARG F 219 39.83 8.85 -25.10
CA ARG F 219 39.12 8.42 -26.28
C ARG F 219 38.44 7.05 -26.14
N ILE F 220 39.11 6.05 -25.49
CA ILE F 220 38.49 4.77 -25.18
C ILE F 220 37.36 4.81 -24.15
N THR F 221 37.51 5.74 -23.16
CA THR F 221 36.54 5.92 -22.04
C THR F 221 35.50 6.98 -22.29
N GLU F 222 35.24 7.25 -23.54
CA GLU F 222 34.23 8.21 -23.93
C GLU F 222 32.89 7.86 -23.37
N GLY F 223 32.39 8.85 -22.50
CA GLY F 223 31.11 8.75 -21.87
C GLY F 223 30.94 7.69 -20.79
N ALA F 224 32.01 7.54 -19.90
CA ALA F 224 32.09 6.77 -18.72
C ALA F 224 31.92 7.69 -17.51
N SER F 225 31.46 7.15 -16.39
CA SER F 225 31.23 7.99 -15.20
C SER F 225 32.48 8.04 -14.34
N GLY F 226 32.41 8.91 -13.35
CA GLY F 226 33.57 9.27 -12.55
C GLY F 226 34.00 8.07 -11.63
N ALA F 227 33.00 7.25 -11.17
CA ALA F 227 33.20 6.07 -10.39
C ALA F 227 33.69 4.93 -11.21
N ASP F 228 33.30 4.90 -12.54
CA ASP F 228 33.82 4.02 -13.55
C ASP F 228 35.26 4.13 -13.75
N ILE F 229 35.78 5.40 -13.85
CA ILE F 229 37.21 5.67 -14.03
C ILE F 229 38.07 5.20 -12.85
N LYS F 230 37.53 5.44 -11.65
CA LYS F 230 38.21 4.97 -10.45
C LYS F 230 38.34 3.48 -10.42
N ALA F 231 37.32 2.72 -10.85
CA ALA F 231 37.46 1.23 -10.96
C ALA F 231 38.42 0.84 -12.07
N ILE F 232 38.48 1.60 -13.15
CA ILE F 232 39.45 1.32 -14.20
C ILE F 232 40.89 1.34 -13.74
N CYS F 233 41.15 2.31 -12.90
CA CYS F 233 42.37 2.53 -12.23
C CYS F 233 42.78 1.43 -11.27
N THR F 234 41.70 0.95 -10.48
CA THR F 234 41.76 -0.22 -9.52
C THR F 234 42.12 -1.49 -10.25
N GLU F 235 41.50 -1.80 -11.45
CA GLU F 235 41.77 -3.01 -12.17
C GLU F 235 43.06 -2.96 -12.92
N ALA F 236 43.56 -1.80 -13.35
CA ALA F 236 44.87 -1.62 -13.86
C ALA F 236 45.93 -1.96 -12.85
N GLY F 237 45.69 -1.68 -11.55
CA GLY F 237 46.57 -2.02 -10.42
C GLY F 237 46.66 -3.51 -10.33
N MET F 238 45.49 -4.19 -10.50
CA MET F 238 45.30 -5.61 -10.29
C MET F 238 45.99 -6.45 -11.30
N PHE F 239 45.92 -6.02 -12.57
CA PHE F 239 46.62 -6.66 -13.69
C PHE F 239 48.13 -6.48 -13.59
N ALA F 240 48.55 -5.33 -12.96
CA ALA F 240 49.95 -4.98 -12.59
C ALA F 240 50.51 -5.99 -11.70
N ILE F 241 49.70 -6.49 -10.63
CA ILE F 241 50.29 -7.48 -9.74
C ILE F 241 50.11 -8.88 -10.34
N ARG F 242 49.29 -9.00 -11.38
CA ARG F 242 49.09 -10.34 -12.00
C ARG F 242 50.24 -10.58 -12.97
N GLU F 243 50.95 -9.49 -13.44
CA GLU F 243 52.13 -9.50 -14.21
C GLU F 243 53.29 -9.20 -13.29
N GLU F 244 53.09 -9.00 -11.97
CA GLU F 244 54.04 -8.96 -10.88
C GLU F 244 54.91 -7.69 -11.08
N ARG F 245 54.28 -6.48 -11.04
CA ARG F 245 54.97 -5.27 -11.37
C ARG F 245 54.80 -4.31 -10.25
N ALA F 246 55.80 -3.52 -10.07
CA ALA F 246 55.83 -2.45 -9.14
C ALA F 246 55.21 -1.18 -9.69
N LYS F 247 54.83 -1.13 -10.98
CA LYS F 247 54.25 -0.05 -11.59
C LYS F 247 53.11 -0.43 -12.50
N VAL F 248 52.30 0.55 -12.89
CA VAL F 248 51.18 0.39 -13.75
C VAL F 248 51.56 0.86 -15.12
N THR F 249 51.32 0.03 -16.14
CA THR F 249 51.64 0.18 -17.52
C THR F 249 50.45 0.35 -18.31
N MET F 250 50.63 0.58 -19.62
CA MET F 250 49.70 1.11 -20.61
C MET F 250 48.78 0.00 -21.02
N LEU F 251 49.27 -1.31 -21.13
CA LEU F 251 48.45 -2.44 -21.29
C LEU F 251 47.37 -2.67 -20.25
N ASP F 252 47.82 -2.39 -19.01
CA ASP F 252 47.11 -2.58 -17.80
C ASP F 252 45.83 -1.71 -17.81
N PHE F 253 45.98 -0.41 -18.23
CA PHE F 253 44.79 0.49 -18.50
C PHE F 253 43.89 -0.04 -19.62
N THR F 254 44.52 -0.38 -20.78
CA THR F 254 43.79 -0.91 -21.92
C THR F 254 42.84 -2.05 -21.54
N LYS F 255 43.37 -3.03 -20.82
CA LYS F 255 42.61 -4.19 -20.26
C LYS F 255 41.56 -3.74 -19.36
N ALA F 256 41.84 -2.77 -18.40
CA ALA F 256 40.82 -2.40 -17.39
C ALA F 256 39.71 -1.59 -17.95
N ILE F 257 40.00 -0.71 -18.97
CA ILE F 257 38.98 0.09 -19.61
C ILE F 257 38.08 -0.83 -20.38
N GLU F 258 38.66 -1.87 -21.07
CA GLU F 258 37.97 -2.83 -21.82
C GLU F 258 37.04 -3.62 -20.91
N LYS F 259 37.54 -4.07 -19.67
CA LYS F 259 36.75 -4.89 -18.83
C LYS F 259 35.61 -4.15 -18.27
N VAL F 260 35.87 -3.00 -17.65
CA VAL F 260 34.98 -2.10 -16.94
C VAL F 260 33.83 -1.62 -17.79
N LEU F 261 34.07 -1.10 -19.04
CA LEU F 261 32.96 -0.63 -19.88
C LEU F 261 32.11 -1.75 -20.45
N LYS F 262 32.71 -2.97 -20.69
CA LYS F 262 32.02 -4.05 -21.37
C LYS F 262 30.88 -4.55 -20.63
N LYS F 263 31.07 -4.65 -19.25
CA LYS F 263 30.09 -5.27 -18.40
C LYS F 263 28.89 -4.33 -18.05
N THR F 264 28.73 -3.14 -18.73
CA THR F 264 28.07 -2.05 -17.99
C THR F 264 27.55 -1.18 -19.05
N THR F 265 27.97 -1.30 -20.34
CA THR F 265 27.43 -0.60 -21.49
C THR F 265 26.60 -1.53 -22.41
N PRO F 266 25.32 -1.28 -22.60
CA PRO F 266 24.53 -2.07 -23.48
C PRO F 266 24.80 -1.92 -24.99
N ILE F 267 24.49 -2.98 -25.78
CA ILE F 267 24.70 -3.10 -27.24
C ILE F 267 23.76 -2.02 -27.88
#